data_5DVH
# 
_entry.id   5DVH 
# 
_audit_conform.dict_name       mmcif_pdbx.dic 
_audit_conform.dict_version    5.399 
_audit_conform.dict_location   http://mmcif.pdb.org/dictionaries/ascii/mmcif_pdbx.dic 
# 
loop_
_database_2.database_id 
_database_2.database_code 
_database_2.pdbx_database_accession 
_database_2.pdbx_DOI 
PDB   5DVH         pdb_00005dvh 10.2210/pdb5dvh/pdb 
WWPDB D_1000213872 ?            ?                   
# 
loop_
_pdbx_audit_revision_history.ordinal 
_pdbx_audit_revision_history.data_content_type 
_pdbx_audit_revision_history.major_revision 
_pdbx_audit_revision_history.minor_revision 
_pdbx_audit_revision_history.revision_date 
1 'Structure model' 1 0 2016-10-12 
2 'Structure model' 1 1 2017-09-06 
3 'Structure model' 1 2 2024-11-20 
# 
_pdbx_audit_revision_details.ordinal             1 
_pdbx_audit_revision_details.revision_ordinal    1 
_pdbx_audit_revision_details.data_content_type   'Structure model' 
_pdbx_audit_revision_details.provider            repository 
_pdbx_audit_revision_details.type                'Initial release' 
_pdbx_audit_revision_details.description         ? 
_pdbx_audit_revision_details.details             ? 
# 
loop_
_pdbx_audit_revision_group.ordinal 
_pdbx_audit_revision_group.revision_ordinal 
_pdbx_audit_revision_group.data_content_type 
_pdbx_audit_revision_group.group 
1 2 'Structure model' 'Author supporting evidence' 
2 3 'Structure model' 'Data collection'            
3 3 'Structure model' 'Database references'        
4 3 'Structure model' 'Structure summary'          
# 
loop_
_pdbx_audit_revision_category.ordinal 
_pdbx_audit_revision_category.revision_ordinal 
_pdbx_audit_revision_category.data_content_type 
_pdbx_audit_revision_category.category 
1 2 'Structure model' pdbx_audit_support        
2 3 'Structure model' chem_comp_atom            
3 3 'Structure model' chem_comp_bond            
4 3 'Structure model' database_2                
5 3 'Structure model' pdbx_entry_details        
6 3 'Structure model' pdbx_modification_feature 
# 
loop_
_pdbx_audit_revision_item.ordinal 
_pdbx_audit_revision_item.revision_ordinal 
_pdbx_audit_revision_item.data_content_type 
_pdbx_audit_revision_item.item 
1 2 'Structure model' '_pdbx_audit_support.funding_organization' 
2 3 'Structure model' '_database_2.pdbx_DOI'                     
3 3 'Structure model' '_database_2.pdbx_database_accession'      
# 
_pdbx_database_status.status_code                     REL 
_pdbx_database_status.status_code_sf                  REL 
_pdbx_database_status.status_code_mr                  ? 
_pdbx_database_status.entry_id                        5DVH 
_pdbx_database_status.recvd_initial_deposition_date   2015-09-21 
_pdbx_database_status.SG_entry                        N 
_pdbx_database_status.deposit_site                    PDBE 
_pdbx_database_status.process_site                    PDBE 
_pdbx_database_status.status_code_cs                  ? 
_pdbx_database_status.methods_development_category    ? 
_pdbx_database_status.pdb_format_compatible           Y 
_pdbx_database_status.status_code_nmr_data            ? 
# 
_pdbx_database_related.db_name        PDB 
_pdbx_database_related.details        . 
_pdbx_database_related.db_id          5DVD 
_pdbx_database_related.content_type   unspecified 
# 
loop_
_audit_author.name 
_audit_author.pdbx_ordinal 
'Brynda, J.' 1 
'Mishra, M.' 2 
'Mares, M.'  3 
# 
_citation.abstract                  ? 
_citation.abstract_id_CAS           ? 
_citation.book_id_ISBN              ? 
_citation.book_publisher            ? 
_citation.book_publisher_city       ? 
_citation.book_title                ? 
_citation.coordinate_linkage        ? 
_citation.country                   ? 
_citation.database_id_Medline       ? 
_citation.details                   ? 
_citation.id                        primary 
_citation.journal_abbrev            'To Be Published' 
_citation.journal_id_ASTM           ? 
_citation.journal_id_CSD            0353 
_citation.journal_id_ISSN           ? 
_citation.journal_full              ? 
_citation.journal_issue             ? 
_citation.journal_volume            ? 
_citation.language                  ? 
_citation.page_first                ? 
_citation.page_last                 ? 
_citation.title                     'Structure of the Kunitz-type cysteine protease inhibitor PCPI-3 from potato' 
_citation.year                      ? 
_citation.database_id_CSD           ? 
_citation.pdbx_database_id_DOI      ? 
_citation.pdbx_database_id_PubMed   ? 
_citation.unpublished_flag          ? 
# 
loop_
_citation_author.citation_id 
_citation_author.name 
_citation_author.ordinal 
_citation_author.identifier_ORCID 
primary 'Brynda, J.' 1 ? 
primary 'Mishra, M.' 2 ? 
primary 'Mares, M.'  3 ? 
# 
loop_
_entity.id 
_entity.type 
_entity.src_method 
_entity.pdbx_description 
_entity.formula_weight 
_entity.pdbx_number_of_molecules 
_entity.pdbx_ec 
_entity.pdbx_mutation 
_entity.pdbx_fragment 
_entity.details 
1 polymer     nat PCPI-3         21312.000 1   ? ? ? ? 
2 non-polymer syn 'CHLORIDE ION' 35.453    3   ? ? ? ? 
3 water       nat water          18.015    154 ? ? ? ? 
# 
_entity_poly.entity_id                      1 
_entity_poly.type                           'polypeptide(L)' 
_entity_poly.nstd_linkage                   no 
_entity_poly.nstd_monomer                   no 
_entity_poly.pdbx_seq_one_letter_code       
;VSPPVLDMDGEPLKIDEEYSIISIPFGGGSVYLANLGNTKCPNGVVQDSSGGNNNKTPVLFYTMKLGSHFVSENQDVSIK
FSTSSSSKSCINETVWKVAYSIVGPTHSPLRFVITGGTFGFPGPNNIENWFKIEKYETGRPHSYKLRYCPSQYICPTCQF
DCADVGLYENKGYARLALNNKPYPFGFSKVNKN
;
_entity_poly.pdbx_seq_one_letter_code_can   
;VSPPVLDMDGEPLKIDEEYSIISIPFGGGSVYLANLGNTKCPNGVVQDSSGGNNNKTPVLFYTMKLGSHFVSENQDVSIK
FSTSSSSKSCINETVWKVAYSIVGPTHSPLRFVITGGTFGFPGPNNIENWFKIEKYETGRPHSYKLRYCPSQYICPTCQF
DCADVGLYENKGYARLALNNKPYPFGFSKVNKN
;
_entity_poly.pdbx_strand_id                 A 
_entity_poly.pdbx_target_identifier         ? 
# 
loop_
_pdbx_entity_nonpoly.entity_id 
_pdbx_entity_nonpoly.name 
_pdbx_entity_nonpoly.comp_id 
2 'CHLORIDE ION' CL  
3 water          HOH 
# 
loop_
_entity_poly_seq.entity_id 
_entity_poly_seq.num 
_entity_poly_seq.mon_id 
_entity_poly_seq.hetero 
1 1   VAL n 
1 2   SER n 
1 3   PRO n 
1 4   PRO n 
1 5   VAL n 
1 6   LEU n 
1 7   ASP n 
1 8   MET n 
1 9   ASP n 
1 10  GLY n 
1 11  GLU n 
1 12  PRO n 
1 13  LEU n 
1 14  LYS n 
1 15  ILE n 
1 16  ASP n 
1 17  GLU n 
1 18  GLU n 
1 19  TYR n 
1 20  SER n 
1 21  ILE n 
1 22  ILE n 
1 23  SER n 
1 24  ILE n 
1 25  PRO n 
1 26  PHE n 
1 27  GLY n 
1 28  GLY n 
1 29  GLY n 
1 30  SER n 
1 31  VAL n 
1 32  TYR n 
1 33  LEU n 
1 34  ALA n 
1 35  ASN n 
1 36  LEU n 
1 37  GLY n 
1 38  ASN n 
1 39  THR n 
1 40  LYS n 
1 41  CYS n 
1 42  PRO n 
1 43  ASN n 
1 44  GLY n 
1 45  VAL n 
1 46  VAL n 
1 47  GLN n 
1 48  ASP n 
1 49  SER n 
1 50  SER n 
1 51  GLY n 
1 52  GLY n 
1 53  ASN n 
1 54  ASN n 
1 55  ASN n 
1 56  LYS n 
1 57  THR n 
1 58  PRO n 
1 59  VAL n 
1 60  LEU n 
1 61  PHE n 
1 62  TYR n 
1 63  THR n 
1 64  MET n 
1 65  LYS n 
1 66  LEU n 
1 67  GLY n 
1 68  SER n 
1 69  HIS n 
1 70  PHE n 
1 71  VAL n 
1 72  SER n 
1 73  GLU n 
1 74  ASN n 
1 75  GLN n 
1 76  ASP n 
1 77  VAL n 
1 78  SER n 
1 79  ILE n 
1 80  LYS n 
1 81  PHE n 
1 82  SER n 
1 83  THR n 
1 84  SER n 
1 85  SER n 
1 86  SER n 
1 87  SER n 
1 88  LYS n 
1 89  SER n 
1 90  CYS n 
1 91  ILE n 
1 92  ASN n 
1 93  GLU n 
1 94  THR n 
1 95  VAL n 
1 96  TRP n 
1 97  LYS n 
1 98  VAL n 
1 99  ALA n 
1 100 TYR n 
1 101 SER n 
1 102 ILE n 
1 103 VAL n 
1 104 GLY n 
1 105 PRO n 
1 106 THR n 
1 107 HIS n 
1 108 SER n 
1 109 PRO n 
1 110 LEU n 
1 111 ARG n 
1 112 PHE n 
1 113 VAL n 
1 114 ILE n 
1 115 THR n 
1 116 GLY n 
1 117 GLY n 
1 118 THR n 
1 119 PHE n 
1 120 GLY n 
1 121 PHE n 
1 122 PRO n 
1 123 GLY n 
1 124 PRO n 
1 125 ASN n 
1 126 ASN n 
1 127 ILE n 
1 128 GLU n 
1 129 ASN n 
1 130 TRP n 
1 131 PHE n 
1 132 LYS n 
1 133 ILE n 
1 134 GLU n 
1 135 LYS n 
1 136 TYR n 
1 137 GLU n 
1 138 THR n 
1 139 GLY n 
1 140 ARG n 
1 141 PRO n 
1 142 HIS n 
1 143 SER n 
1 144 TYR n 
1 145 LYS n 
1 146 LEU n 
1 147 ARG n 
1 148 TYR n 
1 149 CYS n 
1 150 PRO n 
1 151 SER n 
1 152 GLN n 
1 153 TYR n 
1 154 ILE n 
1 155 CYS n 
1 156 PRO n 
1 157 THR n 
1 158 CYS n 
1 159 GLN n 
1 160 PHE n 
1 161 ASP n 
1 162 CYS n 
1 163 ALA n 
1 164 ASP n 
1 165 VAL n 
1 166 GLY n 
1 167 LEU n 
1 168 TYR n 
1 169 GLU n 
1 170 ASN n 
1 171 LYS n 
1 172 GLY n 
1 173 TYR n 
1 174 ALA n 
1 175 ARG n 
1 176 LEU n 
1 177 ALA n 
1 178 LEU n 
1 179 ASN n 
1 180 ASN n 
1 181 LYS n 
1 182 PRO n 
1 183 TYR n 
1 184 PRO n 
1 185 PHE n 
1 186 GLY n 
1 187 PHE n 
1 188 SER n 
1 189 LYS n 
1 190 VAL n 
1 191 ASN n 
1 192 LYS n 
1 193 ASN n 
# 
_entity_src_nat.entity_id                  1 
_entity_src_nat.pdbx_src_id                1 
_entity_src_nat.pdbx_alt_source_flag       sample 
_entity_src_nat.pdbx_beg_seq_num           1 
_entity_src_nat.pdbx_end_seq_num           193 
_entity_src_nat.common_name                Potato 
_entity_src_nat.pdbx_organism_scientific   'Solanum tuberosum' 
_entity_src_nat.pdbx_ncbi_taxonomy_id      4113 
_entity_src_nat.genus                      ? 
_entity_src_nat.species                    ? 
_entity_src_nat.strain                     ? 
_entity_src_nat.tissue                     ? 
_entity_src_nat.tissue_fraction            ? 
_entity_src_nat.pdbx_secretion             ? 
_entity_src_nat.pdbx_fragment              ? 
_entity_src_nat.pdbx_variant               'Karin cultivar' 
_entity_src_nat.pdbx_cell_line             ? 
_entity_src_nat.pdbx_atcc                  ? 
_entity_src_nat.pdbx_cellular_location     ? 
_entity_src_nat.pdbx_organ                 ? 
_entity_src_nat.pdbx_organelle             ? 
_entity_src_nat.pdbx_cell                  ? 
_entity_src_nat.pdbx_plasmid_name          ? 
_entity_src_nat.pdbx_plasmid_details       ? 
_entity_src_nat.details                    ? 
# 
loop_
_chem_comp.id 
_chem_comp.type 
_chem_comp.mon_nstd_flag 
_chem_comp.name 
_chem_comp.pdbx_synonyms 
_chem_comp.formula 
_chem_comp.formula_weight 
ALA 'L-peptide linking' y ALANINE         ? 'C3 H7 N O2'     89.093  
ARG 'L-peptide linking' y ARGININE        ? 'C6 H15 N4 O2 1' 175.209 
ASN 'L-peptide linking' y ASPARAGINE      ? 'C4 H8 N2 O3'    132.118 
ASP 'L-peptide linking' y 'ASPARTIC ACID' ? 'C4 H7 N O4'     133.103 
CL  non-polymer         . 'CHLORIDE ION'  ? 'Cl -1'          35.453  
CYS 'L-peptide linking' y CYSTEINE        ? 'C3 H7 N O2 S'   121.158 
GLN 'L-peptide linking' y GLUTAMINE       ? 'C5 H10 N2 O3'   146.144 
GLU 'L-peptide linking' y 'GLUTAMIC ACID' ? 'C5 H9 N O4'     147.129 
GLY 'peptide linking'   y GLYCINE         ? 'C2 H5 N O2'     75.067  
HIS 'L-peptide linking' y HISTIDINE       ? 'C6 H10 N3 O2 1' 156.162 
HOH non-polymer         . WATER           ? 'H2 O'           18.015  
ILE 'L-peptide linking' y ISOLEUCINE      ? 'C6 H13 N O2'    131.173 
LEU 'L-peptide linking' y LEUCINE         ? 'C6 H13 N O2'    131.173 
LYS 'L-peptide linking' y LYSINE          ? 'C6 H15 N2 O2 1' 147.195 
MET 'L-peptide linking' y METHIONINE      ? 'C5 H11 N O2 S'  149.211 
PHE 'L-peptide linking' y PHENYLALANINE   ? 'C9 H11 N O2'    165.189 
PRO 'L-peptide linking' y PROLINE         ? 'C5 H9 N O2'     115.130 
SER 'L-peptide linking' y SERINE          ? 'C3 H7 N O3'     105.093 
THR 'L-peptide linking' y THREONINE       ? 'C4 H9 N O3'     119.119 
TRP 'L-peptide linking' y TRYPTOPHAN      ? 'C11 H12 N2 O2'  204.225 
TYR 'L-peptide linking' y TYROSINE        ? 'C9 H11 N O3'    181.189 
VAL 'L-peptide linking' y VALINE          ? 'C5 H11 N O2'    117.146 
# 
loop_
_pdbx_poly_seq_scheme.asym_id 
_pdbx_poly_seq_scheme.entity_id 
_pdbx_poly_seq_scheme.seq_id 
_pdbx_poly_seq_scheme.mon_id 
_pdbx_poly_seq_scheme.ndb_seq_num 
_pdbx_poly_seq_scheme.pdb_seq_num 
_pdbx_poly_seq_scheme.auth_seq_num 
_pdbx_poly_seq_scheme.pdb_mon_id 
_pdbx_poly_seq_scheme.auth_mon_id 
_pdbx_poly_seq_scheme.pdb_strand_id 
_pdbx_poly_seq_scheme.pdb_ins_code 
_pdbx_poly_seq_scheme.hetero 
A 1 1   VAL 1   2   2   VAL VAL A . n 
A 1 2   SER 2   3   3   SER SER A . n 
A 1 3   PRO 3   4   4   PRO PRO A . n 
A 1 4   PRO 4   5   5   PRO PRO A . n 
A 1 5   VAL 5   6   6   VAL VAL A . n 
A 1 6   LEU 6   7   7   LEU LEU A . n 
A 1 7   ASP 7   8   8   ASP ASP A . n 
A 1 8   MET 8   9   9   MET MET A . n 
A 1 9   ASP 9   10  10  ASP ASP A . n 
A 1 10  GLY 10  11  11  GLY GLY A . n 
A 1 11  GLU 11  12  12  GLU GLU A . n 
A 1 12  PRO 12  13  13  PRO PRO A . n 
A 1 13  LEU 13  14  14  LEU LEU A . n 
A 1 14  LYS 14  15  15  LYS LYS A . n 
A 1 15  ILE 15  16  16  ILE ILE A . n 
A 1 16  ASP 16  17  17  ASP ASP A . n 
A 1 17  GLU 17  18  18  GLU GLU A . n 
A 1 18  GLU 18  19  19  GLU GLU A . n 
A 1 19  TYR 19  20  20  TYR TYR A . n 
A 1 20  SER 20  21  21  SER SER A . n 
A 1 21  ILE 21  22  22  ILE ILE A . n 
A 1 22  ILE 22  23  23  ILE ILE A . n 
A 1 23  SER 23  24  24  SER SER A . n 
A 1 24  ILE 24  25  25  ILE ILE A . n 
A 1 25  PRO 25  26  26  PRO PRO A . n 
A 1 26  PHE 26  27  27  PHE PHE A . n 
A 1 27  GLY 27  28  28  GLY GLY A . n 
A 1 28  GLY 28  29  29  GLY GLY A . n 
A 1 29  GLY 29  30  30  GLY GLY A . n 
A 1 30  SER 30  31  31  SER SER A . n 
A 1 31  VAL 31  32  32  VAL VAL A . n 
A 1 32  TYR 32  33  33  TYR TYR A . n 
A 1 33  LEU 33  34  34  LEU LEU A . n 
A 1 34  ALA 34  35  35  ALA ALA A . n 
A 1 35  ASN 35  36  36  ASN ASN A . n 
A 1 36  LEU 36  37  37  LEU LEU A . n 
A 1 37  GLY 37  38  38  GLY GLY A . n 
A 1 38  ASN 38  39  39  ASN ASN A . n 
A 1 39  THR 39  40  40  THR THR A . n 
A 1 40  LYS 40  41  41  LYS LYS A . n 
A 1 41  CYS 41  42  42  CYS CYS A . n 
A 1 42  PRO 42  43  43  PRO PRO A . n 
A 1 43  ASN 43  44  44  ASN ASN A . n 
A 1 44  GLY 44  45  45  GLY GLY A . n 
A 1 45  VAL 45  46  46  VAL VAL A . n 
A 1 46  VAL 46  47  47  VAL VAL A . n 
A 1 47  GLN 47  48  48  GLN GLN A . n 
A 1 48  ASP 48  49  49  ASP ASP A . n 
A 1 49  SER 49  50  50  SER SER A . n 
A 1 50  SER 50  51  51  SER SER A . n 
A 1 51  GLY 51  52  ?   ?   ?   A . n 
A 1 52  GLY 52  53  ?   ?   ?   A . n 
A 1 53  ASN 53  54  ?   ?   ?   A . n 
A 1 54  ASN 54  55  ?   ?   ?   A . n 
A 1 55  ASN 55  56  56  ASN ASN A . n 
A 1 56  LYS 56  57  57  LYS LYS A . n 
A 1 57  THR 57  58  58  THR THR A . n 
A 1 58  PRO 58  59  59  PRO PRO A . n 
A 1 59  VAL 59  60  60  VAL VAL A . n 
A 1 60  LEU 60  61  61  LEU LEU A . n 
A 1 61  PHE 61  62  62  PHE PHE A . n 
A 1 62  TYR 62  63  63  TYR TYR A . n 
A 1 63  THR 63  64  64  THR THR A . n 
A 1 64  MET 64  65  65  MET MET A . n 
A 1 65  LYS 65  66  66  LYS LYS A . n 
A 1 66  LEU 66  67  67  LEU LEU A . n 
A 1 67  GLY 67  68  68  GLY GLY A . n 
A 1 68  SER 68  69  69  SER SER A . n 
A 1 69  HIS 69  70  70  HIS HIS A . n 
A 1 70  PHE 70  71  71  PHE PHE A . n 
A 1 71  VAL 71  72  72  VAL VAL A . n 
A 1 72  SER 72  73  73  SER SER A . n 
A 1 73  GLU 73  74  74  GLU GLU A . n 
A 1 74  ASN 74  75  75  ASN ASN A . n 
A 1 75  GLN 75  76  76  GLN GLN A . n 
A 1 76  ASP 76  77  77  ASP ASP A . n 
A 1 77  VAL 77  78  78  VAL VAL A . n 
A 1 78  SER 78  79  79  SER SER A . n 
A 1 79  ILE 79  80  80  ILE ILE A . n 
A 1 80  LYS 80  81  81  LYS LYS A . n 
A 1 81  PHE 81  82  82  PHE PHE A . n 
A 1 82  SER 82  83  83  SER SER A . n 
A 1 83  THR 83  84  84  THR THR A . n 
A 1 84  SER 84  86  ?   ?   ?   A . n 
A 1 85  SER 85  87  ?   ?   ?   A . n 
A 1 86  SER 86  88  ?   ?   ?   A . n 
A 1 87  SER 87  89  ?   ?   ?   A . n 
A 1 88  LYS 88  90  90  LYS LYS A . n 
A 1 89  SER 89  91  91  SER SER A . n 
A 1 90  CYS 90  92  92  CYS CYS A . n 
A 1 91  ILE 91  93  93  ILE ILE A . n 
A 1 92  ASN 92  94  94  ASN ASN A . n 
A 1 93  GLU 93  95  95  GLU GLU A . n 
A 1 94  THR 94  96  96  THR THR A . n 
A 1 95  VAL 95  97  97  VAL VAL A . n 
A 1 96  TRP 96  98  98  TRP TRP A . n 
A 1 97  LYS 97  99  99  LYS LYS A . n 
A 1 98  VAL 98  100 100 VAL VAL A . n 
A 1 99  ALA 99  101 101 ALA ALA A . n 
A 1 100 TYR 100 102 102 TYR TYR A . n 
A 1 101 SER 101 103 103 SER SER A . n 
A 1 102 ILE 102 104 104 ILE ILE A . n 
A 1 103 VAL 103 105 105 VAL VAL A . n 
A 1 104 GLY 104 106 106 GLY GLY A . n 
A 1 105 PRO 105 107 107 PRO PRO A . n 
A 1 106 THR 106 108 108 THR THR A . n 
A 1 107 HIS 107 109 109 HIS HIS A . n 
A 1 108 SER 108 110 110 SER SER A . n 
A 1 109 PRO 109 111 111 PRO PRO A . n 
A 1 110 LEU 110 112 112 LEU LEU A . n 
A 1 111 ARG 111 113 113 ARG ARG A . n 
A 1 112 PHE 112 114 114 PHE PHE A . n 
A 1 113 VAL 113 115 115 VAL VAL A . n 
A 1 114 ILE 114 116 116 ILE ILE A . n 
A 1 115 THR 115 117 117 THR THR A . n 
A 1 116 GLY 116 118 118 GLY GLY A . n 
A 1 117 GLY 117 119 119 GLY GLY A . n 
A 1 118 THR 118 120 120 THR THR A . n 
A 1 119 PHE 119 121 121 PHE PHE A . n 
A 1 120 GLY 120 122 122 GLY GLY A . n 
A 1 121 PHE 121 123 123 PHE PHE A . n 
A 1 122 PRO 122 124 124 PRO PRO A . n 
A 1 123 GLY 123 125 125 GLY GLY A . n 
A 1 124 PRO 124 126 126 PRO PRO A . n 
A 1 125 ASN 125 127 127 ASN ASN A . n 
A 1 126 ASN 126 128 128 ASN ASN A . n 
A 1 127 ILE 127 129 129 ILE ILE A . n 
A 1 128 GLU 128 130 130 GLU GLU A . n 
A 1 129 ASN 129 131 131 ASN ASN A . n 
A 1 130 TRP 130 132 132 TRP TRP A . n 
A 1 131 PHE 131 133 133 PHE PHE A . n 
A 1 132 LYS 132 134 134 LYS LYS A . n 
A 1 133 ILE 133 135 135 ILE ILE A . n 
A 1 134 GLU 134 136 136 GLU GLU A . n 
A 1 135 LYS 135 137 137 LYS LYS A . n 
A 1 136 TYR 136 138 138 TYR TYR A . n 
A 1 137 GLU 137 139 139 GLU GLU A . n 
A 1 138 THR 138 140 140 THR THR A . n 
A 1 139 GLY 139 141 141 GLY GLY A . n 
A 1 140 ARG 140 142 142 ARG ARG A . n 
A 1 141 PRO 141 143 143 PRO PRO A . n 
A 1 142 HIS 142 144 144 HIS HIS A . n 
A 1 143 SER 143 145 145 SER SER A . n 
A 1 144 TYR 144 146 146 TYR TYR A . n 
A 1 145 LYS 145 147 147 LYS LYS A . n 
A 1 146 LEU 146 148 148 LEU LEU A . n 
A 1 147 ARG 147 149 149 ARG ARG A . n 
A 1 148 TYR 148 150 150 TYR TYR A . n 
A 1 149 CYS 149 151 151 CYS CYS A . n 
A 1 150 PRO 150 152 152 PRO PRO A . n 
A 1 151 SER 151 153 153 SER SER A . n 
A 1 152 GLN 152 154 154 GLN GLN A . n 
A 1 153 TYR 153 155 155 TYR TYR A . n 
A 1 154 ILE 154 156 156 ILE ILE A . n 
A 1 155 CYS 155 157 157 CYS CYS A . n 
A 1 156 PRO 156 158 158 PRO PRO A . n 
A 1 157 THR 157 159 159 THR THR A . n 
A 1 158 CYS 158 160 160 CYS CYS A . n 
A 1 159 GLN 159 161 161 GLN GLN A . n 
A 1 160 PHE 160 162 162 PHE PHE A . n 
A 1 161 ASP 161 163 163 ASP ASP A . n 
A 1 162 CYS 162 164 164 CYS CYS A . n 
A 1 163 ALA 163 165 165 ALA ALA A . n 
A 1 164 ASP 164 166 166 ASP ASP A . n 
A 1 165 VAL 165 167 167 VAL VAL A . n 
A 1 166 GLY 166 168 168 GLY GLY A . n 
A 1 167 LEU 167 169 169 LEU LEU A . n 
A 1 168 TYR 168 170 170 TYR TYR A . n 
A 1 169 GLU 169 171 171 GLU GLU A . n 
A 1 170 ASN 170 172 172 ASN ASN A . n 
A 1 171 LYS 171 173 173 LYS LYS A . n 
A 1 172 GLY 172 174 174 GLY GLY A . n 
A 1 173 TYR 173 175 175 TYR TYR A . n 
A 1 174 ALA 174 176 176 ALA ALA A . n 
A 1 175 ARG 175 177 177 ARG ARG A . n 
A 1 176 LEU 176 178 178 LEU LEU A . n 
A 1 177 ALA 177 179 179 ALA ALA A . n 
A 1 178 LEU 178 180 180 LEU LEU A . n 
A 1 179 ASN 179 181 181 ASN ASN A . n 
A 1 180 ASN 180 182 182 ASN ASN A . n 
A 1 181 LYS 181 183 183 LYS LYS A . n 
A 1 182 PRO 182 184 184 PRO PRO A . n 
A 1 183 TYR 183 185 185 TYR TYR A . n 
A 1 184 PRO 184 186 186 PRO PRO A . n 
A 1 185 PHE 185 187 187 PHE PHE A . n 
A 1 186 GLY 186 188 188 GLY GLY A . n 
A 1 187 PHE 187 189 189 PHE PHE A . n 
A 1 188 SER 188 190 190 SER SER A . n 
A 1 189 LYS 189 191 191 LYS LYS A . n 
A 1 190 VAL 190 192 192 VAL VAL A . n 
A 1 191 ASN 191 193 193 ASN ASN A . n 
A 1 192 LYS 192 194 194 LYS LYS A . n 
A 1 193 ASN 193 195 195 ASN ASN A . n 
# 
loop_
_pdbx_nonpoly_scheme.asym_id 
_pdbx_nonpoly_scheme.entity_id 
_pdbx_nonpoly_scheme.mon_id 
_pdbx_nonpoly_scheme.ndb_seq_num 
_pdbx_nonpoly_scheme.pdb_seq_num 
_pdbx_nonpoly_scheme.auth_seq_num 
_pdbx_nonpoly_scheme.pdb_mon_id 
_pdbx_nonpoly_scheme.auth_mon_id 
_pdbx_nonpoly_scheme.pdb_strand_id 
_pdbx_nonpoly_scheme.pdb_ins_code 
B 2 CL  1   201 1   CL  CL  A . 
C 2 CL  1   202 2   CL  CL  A . 
D 2 CL  1   203 3   CL  CL  A . 
E 3 HOH 1   301 137 HOH HOH A . 
E 3 HOH 2   302 37  HOH HOH A . 
E 3 HOH 3   303 96  HOH HOH A . 
E 3 HOH 4   304 15  HOH HOH A . 
E 3 HOH 5   305 138 HOH HOH A . 
E 3 HOH 6   306 121 HOH HOH A . 
E 3 HOH 7   307 79  HOH HOH A . 
E 3 HOH 8   308 155 HOH HOH A . 
E 3 HOH 9   309 109 HOH HOH A . 
E 3 HOH 10  310 46  HOH HOH A . 
E 3 HOH 11  311 1   HOH HOH A . 
E 3 HOH 12  312 66  HOH HOH A . 
E 3 HOH 13  313 81  HOH HOH A . 
E 3 HOH 14  314 58  HOH HOH A . 
E 3 HOH 15  315 90  HOH HOH A . 
E 3 HOH 16  316 117 HOH HOH A . 
E 3 HOH 17  317 74  HOH HOH A . 
E 3 HOH 18  318 92  HOH HOH A . 
E 3 HOH 19  319 141 HOH HOH A . 
E 3 HOH 20  320 62  HOH HOH A . 
E 3 HOH 21  321 12  HOH HOH A . 
E 3 HOH 22  322 54  HOH HOH A . 
E 3 HOH 23  323 68  HOH HOH A . 
E 3 HOH 24  324 120 HOH HOH A . 
E 3 HOH 25  325 100 HOH HOH A . 
E 3 HOH 26  326 31  HOH HOH A . 
E 3 HOH 27  327 60  HOH HOH A . 
E 3 HOH 28  328 101 HOH HOH A . 
E 3 HOH 29  329 64  HOH HOH A . 
E 3 HOH 30  330 73  HOH HOH A . 
E 3 HOH 31  331 3   HOH HOH A . 
E 3 HOH 32  332 57  HOH HOH A . 
E 3 HOH 33  333 135 HOH HOH A . 
E 3 HOH 34  334 128 HOH HOH A . 
E 3 HOH 35  335 18  HOH HOH A . 
E 3 HOH 36  336 55  HOH HOH A . 
E 3 HOH 37  337 104 HOH HOH A . 
E 3 HOH 38  338 140 HOH HOH A . 
E 3 HOH 39  339 72  HOH HOH A . 
E 3 HOH 40  340 20  HOH HOH A . 
E 3 HOH 41  341 119 HOH HOH A . 
E 3 HOH 42  342 11  HOH HOH A . 
E 3 HOH 43  343 21  HOH HOH A . 
E 3 HOH 44  344 50  HOH HOH A . 
E 3 HOH 45  345 59  HOH HOH A . 
E 3 HOH 46  346 126 HOH HOH A . 
E 3 HOH 47  347 13  HOH HOH A . 
E 3 HOH 48  348 91  HOH HOH A . 
E 3 HOH 49  349 61  HOH HOH A . 
E 3 HOH 50  350 51  HOH HOH A . 
E 3 HOH 51  351 107 HOH HOH A . 
E 3 HOH 52  352 40  HOH HOH A . 
E 3 HOH 53  353 125 HOH HOH A . 
E 3 HOH 54  354 152 HOH HOH A . 
E 3 HOH 55  355 30  HOH HOH A . 
E 3 HOH 56  356 69  HOH HOH A . 
E 3 HOH 57  357 78  HOH HOH A . 
E 3 HOH 58  358 136 HOH HOH A . 
E 3 HOH 59  359 56  HOH HOH A . 
E 3 HOH 60  360 4   HOH HOH A . 
E 3 HOH 61  361 14  HOH HOH A . 
E 3 HOH 62  362 123 HOH HOH A . 
E 3 HOH 63  363 115 HOH HOH A . 
E 3 HOH 64  364 148 HOH HOH A . 
E 3 HOH 65  365 139 HOH HOH A . 
E 3 HOH 66  366 88  HOH HOH A . 
E 3 HOH 67  367 85  HOH HOH A . 
E 3 HOH 68  368 103 HOH HOH A . 
E 3 HOH 69  369 36  HOH HOH A . 
E 3 HOH 70  370 47  HOH HOH A . 
E 3 HOH 71  371 157 HOH HOH A . 
E 3 HOH 72  372 23  HOH HOH A . 
E 3 HOH 73  373 42  HOH HOH A . 
E 3 HOH 74  374 45  HOH HOH A . 
E 3 HOH 75  375 151 HOH HOH A . 
E 3 HOH 76  376 110 HOH HOH A . 
E 3 HOH 77  377 28  HOH HOH A . 
E 3 HOH 78  378 77  HOH HOH A . 
E 3 HOH 79  379 29  HOH HOH A . 
E 3 HOH 80  380 16  HOH HOH A . 
E 3 HOH 81  381 106 HOH HOH A . 
E 3 HOH 82  382 144 HOH HOH A . 
E 3 HOH 83  383 76  HOH HOH A . 
E 3 HOH 84  384 75  HOH HOH A . 
E 3 HOH 85  385 7   HOH HOH A . 
E 3 HOH 86  386 145 HOH HOH A . 
E 3 HOH 87  387 49  HOH HOH A . 
E 3 HOH 88  388 142 HOH HOH A . 
E 3 HOH 89  389 35  HOH HOH A . 
E 3 HOH 90  390 124 HOH HOH A . 
E 3 HOH 91  391 39  HOH HOH A . 
E 3 HOH 92  392 127 HOH HOH A . 
E 3 HOH 93  393 111 HOH HOH A . 
E 3 HOH 94  394 41  HOH HOH A . 
E 3 HOH 95  395 97  HOH HOH A . 
E 3 HOH 96  396 130 HOH HOH A . 
E 3 HOH 97  397 53  HOH HOH A . 
E 3 HOH 98  398 71  HOH HOH A . 
E 3 HOH 99  399 149 HOH HOH A . 
E 3 HOH 100 400 33  HOH HOH A . 
E 3 HOH 101 401 150 HOH HOH A . 
E 3 HOH 102 402 43  HOH HOH A . 
E 3 HOH 103 403 65  HOH HOH A . 
E 3 HOH 104 404 44  HOH HOH A . 
E 3 HOH 105 405 132 HOH HOH A . 
E 3 HOH 106 406 156 HOH HOH A . 
E 3 HOH 107 407 70  HOH HOH A . 
E 3 HOH 108 408 86  HOH HOH A . 
E 3 HOH 109 409 99  HOH HOH A . 
E 3 HOH 110 410 84  HOH HOH A . 
E 3 HOH 111 411 32  HOH HOH A . 
E 3 HOH 112 412 17  HOH HOH A . 
E 3 HOH 113 413 105 HOH HOH A . 
E 3 HOH 114 414 25  HOH HOH A . 
E 3 HOH 115 415 52  HOH HOH A . 
E 3 HOH 116 416 48  HOH HOH A . 
E 3 HOH 117 417 102 HOH HOH A . 
E 3 HOH 118 418 112 HOH HOH A . 
E 3 HOH 119 419 19  HOH HOH A . 
E 3 HOH 120 420 83  HOH HOH A . 
E 3 HOH 121 421 34  HOH HOH A . 
E 3 HOH 122 422 6   HOH HOH A . 
E 3 HOH 123 423 9   HOH HOH A . 
E 3 HOH 124 424 134 HOH HOH A . 
E 3 HOH 125 425 113 HOH HOH A . 
E 3 HOH 126 426 82  HOH HOH A . 
E 3 HOH 127 427 93  HOH HOH A . 
E 3 HOH 128 428 22  HOH HOH A . 
E 3 HOH 129 429 94  HOH HOH A . 
E 3 HOH 130 430 26  HOH HOH A . 
E 3 HOH 131 431 38  HOH HOH A . 
E 3 HOH 132 432 8   HOH HOH A . 
E 3 HOH 133 433 95  HOH HOH A . 
E 3 HOH 134 434 27  HOH HOH A . 
E 3 HOH 135 435 63  HOH HOH A . 
E 3 HOH 136 436 116 HOH HOH A . 
E 3 HOH 137 437 143 HOH HOH A . 
E 3 HOH 138 438 114 HOH HOH A . 
E 3 HOH 139 439 2   HOH HOH A . 
E 3 HOH 140 440 108 HOH HOH A . 
E 3 HOH 141 441 80  HOH HOH A . 
E 3 HOH 142 442 118 HOH HOH A . 
E 3 HOH 143 443 87  HOH HOH A . 
E 3 HOH 144 444 146 HOH HOH A . 
E 3 HOH 145 445 147 HOH HOH A . 
E 3 HOH 146 446 67  HOH HOH A . 
E 3 HOH 147 447 131 HOH HOH A . 
E 3 HOH 148 448 122 HOH HOH A . 
E 3 HOH 149 449 154 HOH HOH A . 
E 3 HOH 150 450 153 HOH HOH A . 
E 3 HOH 151 451 129 HOH HOH A . 
E 3 HOH 152 452 133 HOH HOH A . 
E 3 HOH 153 453 89  HOH HOH A . 
E 3 HOH 154 454 158 HOH HOH A . 
# 
loop_
_pdbx_unobs_or_zero_occ_atoms.id 
_pdbx_unobs_or_zero_occ_atoms.PDB_model_num 
_pdbx_unobs_or_zero_occ_atoms.polymer_flag 
_pdbx_unobs_or_zero_occ_atoms.occupancy_flag 
_pdbx_unobs_or_zero_occ_atoms.auth_asym_id 
_pdbx_unobs_or_zero_occ_atoms.auth_comp_id 
_pdbx_unobs_or_zero_occ_atoms.auth_seq_id 
_pdbx_unobs_or_zero_occ_atoms.PDB_ins_code 
_pdbx_unobs_or_zero_occ_atoms.auth_atom_id 
_pdbx_unobs_or_zero_occ_atoms.label_alt_id 
_pdbx_unobs_or_zero_occ_atoms.label_asym_id 
_pdbx_unobs_or_zero_occ_atoms.label_comp_id 
_pdbx_unobs_or_zero_occ_atoms.label_seq_id 
_pdbx_unobs_or_zero_occ_atoms.label_atom_id 
1  1 Y 1 A ASN 39  ? CG  ? A ASN 38  CG  
2  1 Y 1 A ASN 39  ? OD1 ? A ASN 38  OD1 
3  1 Y 1 A ASN 39  ? ND2 ? A ASN 38  ND2 
4  1 Y 1 A LYS 57  ? CE  ? A LYS 56  CE  
5  1 Y 1 A LYS 57  ? NZ  ? A LYS 56  NZ  
6  1 Y 1 A LYS 90  ? CG  ? A LYS 88  CG  
7  1 Y 1 A LYS 90  ? CD  ? A LYS 88  CD  
8  1 Y 1 A LYS 90  ? CE  ? A LYS 88  CE  
9  1 Y 1 A LYS 90  ? NZ  ? A LYS 88  NZ  
10 1 Y 1 A LYS 173 ? NZ  ? A LYS 171 NZ  
11 1 Y 1 A ASN 195 ? CG  ? A ASN 193 CG  
12 1 Y 1 A ASN 195 ? OD1 ? A ASN 193 OD1 
13 1 Y 1 A ASN 195 ? ND2 ? A ASN 193 ND2 
# 
loop_
_software.citation_id 
_software.classification 
_software.compiler_name 
_software.compiler_version 
_software.contact_author 
_software.contact_author_email 
_software.date 
_software.description 
_software.dependencies 
_software.hardware 
_software.language 
_software.location 
_software.mods 
_software.name 
_software.os 
_software.os_version 
_software.type 
_software.version 
_software.pdbx_ordinal 
? 'data scaling'    ? ? ? ? ? ? ? ? ? ? ? XSCALE      ? ? ? .        1 
? phasing           ? ? ? ? ? ? ? ? ? ? ? MOLREP      ? ? ? 11.0.02  2 
? refinement        ? ? ? ? ? ? ? ? ? ? ? REFMAC      ? ? ? 5.6.0117 3 
? 'data extraction' ? ? ? ? ? ? ? ? ? ? ? PDB_EXTRACT ? ? ? 3.15     4 
# 
_cell.angle_alpha                  90.000 
_cell.angle_alpha_esd              ? 
_cell.angle_beta                   90.000 
_cell.angle_beta_esd               ? 
_cell.angle_gamma                  90.000 
_cell.angle_gamma_esd              ? 
_cell.entry_id                     5DVH 
_cell.details                      ? 
_cell.formula_units_Z              ? 
_cell.length_a                     76.637 
_cell.length_a_esd                 ? 
_cell.length_b                     76.637 
_cell.length_b_esd                 ? 
_cell.length_c                     107.306 
_cell.length_c_esd                 ? 
_cell.volume                       ? 
_cell.volume_esd                   ? 
_cell.Z_PDB                        8 
_cell.reciprocal_angle_alpha       ? 
_cell.reciprocal_angle_beta        ? 
_cell.reciprocal_angle_gamma       ? 
_cell.reciprocal_angle_alpha_esd   ? 
_cell.reciprocal_angle_beta_esd    ? 
_cell.reciprocal_angle_gamma_esd   ? 
_cell.reciprocal_length_a          ? 
_cell.reciprocal_length_b          ? 
_cell.reciprocal_length_c          ? 
_cell.reciprocal_length_a_esd      ? 
_cell.reciprocal_length_b_esd      ? 
_cell.reciprocal_length_c_esd      ? 
_cell.pdbx_unique_axis             ? 
# 
_symmetry.entry_id                         5DVH 
_symmetry.cell_setting                     ? 
_symmetry.Int_Tables_number                92 
_symmetry.space_group_name_Hall            ? 
_symmetry.space_group_name_H-M             'P 41 21 2' 
_symmetry.pdbx_full_space_group_name_H-M   ? 
# 
_exptl.absorpt_coefficient_mu     ? 
_exptl.absorpt_correction_T_max   ? 
_exptl.absorpt_correction_T_min   ? 
_exptl.absorpt_correction_type    ? 
_exptl.absorpt_process_details    ? 
_exptl.entry_id                   5DVH 
_exptl.crystals_number            1 
_exptl.details                    ? 
_exptl.method                     'X-RAY DIFFRACTION' 
_exptl.method_details             ? 
# 
_exptl_crystal.colour                      ? 
_exptl_crystal.density_diffrn              ? 
_exptl_crystal.density_Matthews            3.70 
_exptl_crystal.density_method              ? 
_exptl_crystal.density_percent_sol         66.74 
_exptl_crystal.description                 ? 
_exptl_crystal.F_000                       ? 
_exptl_crystal.id                          1 
_exptl_crystal.preparation                 ? 
_exptl_crystal.size_max                    ? 
_exptl_crystal.size_mid                    ? 
_exptl_crystal.size_min                    ? 
_exptl_crystal.size_rad                    ? 
_exptl_crystal.colour_lustre               ? 
_exptl_crystal.colour_modifier             ? 
_exptl_crystal.colour_primary              ? 
_exptl_crystal.density_meas                ? 
_exptl_crystal.density_meas_esd            ? 
_exptl_crystal.density_meas_gt             ? 
_exptl_crystal.density_meas_lt             ? 
_exptl_crystal.density_meas_temp           ? 
_exptl_crystal.density_meas_temp_esd       ? 
_exptl_crystal.density_meas_temp_gt        ? 
_exptl_crystal.density_meas_temp_lt        ? 
_exptl_crystal.pdbx_crystal_image_url      ? 
_exptl_crystal.pdbx_crystal_image_format   ? 
_exptl_crystal.pdbx_mosaicity              ? 
_exptl_crystal.pdbx_mosaicity_esd          ? 
# 
_exptl_crystal_grow.apparatus       ? 
_exptl_crystal_grow.atmosphere      ? 
_exptl_crystal_grow.crystal_id      1 
_exptl_crystal_grow.details         ? 
_exptl_crystal_grow.method          'VAPOR DIFFUSION, HANGING DROP' 
_exptl_crystal_grow.method_ref      ? 
_exptl_crystal_grow.pH              5.5 
_exptl_crystal_grow.pressure        ? 
_exptl_crystal_grow.pressure_esd    ? 
_exptl_crystal_grow.seeding         ? 
_exptl_crystal_grow.seeding_ref     ? 
_exptl_crystal_grow.temp            293 
_exptl_crystal_grow.temp_details    ? 
_exptl_crystal_grow.temp_esd        ? 
_exptl_crystal_grow.time            ? 
_exptl_crystal_grow.pdbx_details    
;Reservoir: 3 M sodium chloride, 0.1 M sodium acetate pH 5.5
Protein buffer and concentration: 5 mM sodium acetate pH 5.5
Protein concentration = 10 mg/ml
protein:reservoir = 1:1
;
_exptl_crystal_grow.pdbx_pH_range   ? 
# 
_diffrn.ambient_environment    ? 
_diffrn.ambient_temp           100 
_diffrn.ambient_temp_details   ? 
_diffrn.ambient_temp_esd       ? 
_diffrn.crystal_id             1 
_diffrn.crystal_support        ? 
_diffrn.crystal_treatment      ? 
_diffrn.details                ? 
_diffrn.id                     1 
_diffrn.ambient_pressure       ? 
_diffrn.ambient_pressure_esd   ? 
_diffrn.ambient_pressure_gt    ? 
_diffrn.ambient_pressure_lt    ? 
_diffrn.ambient_temp_gt        ? 
_diffrn.ambient_temp_lt        ? 
# 
_diffrn_detector.details                      ? 
_diffrn_detector.detector                     CCD 
_diffrn_detector.diffrn_id                    1 
_diffrn_detector.type                         'MARMOSAIC 225 mm CCD' 
_diffrn_detector.area_resol_mean              ? 
_diffrn_detector.dtime                        ? 
_diffrn_detector.pdbx_frames_total            ? 
_diffrn_detector.pdbx_collection_time_total   ? 
_diffrn_detector.pdbx_collection_date         2014-08-27 
# 
_diffrn_radiation.collimation                      ? 
_diffrn_radiation.diffrn_id                        1 
_diffrn_radiation.filter_edge                      ? 
_diffrn_radiation.inhomogeneity                    ? 
_diffrn_radiation.monochromator                    ? 
_diffrn_radiation.polarisn_norm                    ? 
_diffrn_radiation.polarisn_ratio                   ? 
_diffrn_radiation.probe                            ? 
_diffrn_radiation.type                             ? 
_diffrn_radiation.xray_symbol                      ? 
_diffrn_radiation.wavelength_id                    1 
_diffrn_radiation.pdbx_monochromatic_or_laue_m_l   M 
_diffrn_radiation.pdbx_wavelength_list             ? 
_diffrn_radiation.pdbx_wavelength                  ? 
_diffrn_radiation.pdbx_diffrn_protocol             'SINGLE WAVELENGTH' 
_diffrn_radiation.pdbx_analyzer                    ? 
_diffrn_radiation.pdbx_scattering_type             x-ray 
# 
_diffrn_radiation_wavelength.id           1 
_diffrn_radiation_wavelength.wavelength   0.918410 
_diffrn_radiation_wavelength.wt           1.0 
# 
_diffrn_source.current                     ? 
_diffrn_source.details                     ? 
_diffrn_source.diffrn_id                   1 
_diffrn_source.power                       ? 
_diffrn_source.size                        ? 
_diffrn_source.source                      SYNCHROTRON 
_diffrn_source.target                      ? 
_diffrn_source.type                        'BESSY BEAMLINE 14.2' 
_diffrn_source.voltage                     ? 
_diffrn_source.take-off_angle              ? 
_diffrn_source.pdbx_wavelength_list        0.918410 
_diffrn_source.pdbx_wavelength             ? 
_diffrn_source.pdbx_synchrotron_beamline   14.2 
_diffrn_source.pdbx_synchrotron_site       BESSY 
# 
_reflns.B_iso_Wilson_estimate            32.094 
_reflns.entry_id                         5DVH 
_reflns.data_reduction_details           ? 
_reflns.data_reduction_method            ? 
_reflns.d_resolution_high                1.800 
_reflns.d_resolution_low                 48.37 
_reflns.details                          ? 
_reflns.limit_h_max                      ? 
_reflns.limit_h_min                      ? 
_reflns.limit_k_max                      ? 
_reflns.limit_k_min                      ? 
_reflns.limit_l_max                      ? 
_reflns.limit_l_min                      ? 
_reflns.number_all                       ? 
_reflns.number_obs                       30248 
_reflns.observed_criterion               ? 
_reflns.observed_criterion_F_max         ? 
_reflns.observed_criterion_F_min         ? 
_reflns.observed_criterion_I_max         ? 
_reflns.observed_criterion_I_min         ? 
_reflns.observed_criterion_sigma_F       ? 
_reflns.observed_criterion_sigma_I       -3.000 
_reflns.percent_possible_obs             99.700 
_reflns.R_free_details                   ? 
_reflns.Rmerge_F_all                     ? 
_reflns.Rmerge_F_obs                     ? 
_reflns.Friedel_coverage                 ? 
_reflns.number_gt                        ? 
_reflns.threshold_expression             ? 
_reflns.pdbx_redundancy                  7.7 
_reflns.pdbx_Rmerge_I_obs                0.108 
_reflns.pdbx_Rmerge_I_all                ? 
_reflns.pdbx_Rsym_value                  ? 
_reflns.pdbx_netI_over_av_sigmaI         ? 
_reflns.pdbx_netI_over_sigmaI            14.490 
_reflns.pdbx_res_netI_over_av_sigmaI_2   ? 
_reflns.pdbx_res_netI_over_sigmaI_2      ? 
_reflns.pdbx_chi_squared                 ? 
_reflns.pdbx_scaling_rejects             ? 
_reflns.pdbx_d_res_high_opt              ? 
_reflns.pdbx_d_res_low_opt               ? 
_reflns.pdbx_d_res_opt_method            ? 
_reflns.phase_calculation_details        ? 
_reflns.pdbx_Rrim_I_all                  ? 
_reflns.pdbx_Rpim_I_all                  ? 
_reflns.pdbx_d_opt                       ? 
_reflns.pdbx_number_measured_all         ? 
_reflns.pdbx_diffrn_id                   1 
_reflns.pdbx_ordinal                     1 
_reflns.pdbx_CC_half                     ? 
_reflns.pdbx_R_split                     ? 
# 
loop_
_reflns_shell.d_res_high 
_reflns_shell.d_res_low 
_reflns_shell.meanI_over_sigI_all 
_reflns_shell.meanI_over_sigI_obs 
_reflns_shell.number_measured_all 
_reflns_shell.number_measured_obs 
_reflns_shell.number_possible 
_reflns_shell.number_unique_all 
_reflns_shell.number_unique_obs 
_reflns_shell.percent_possible_all 
_reflns_shell.percent_possible_obs 
_reflns_shell.Rmerge_F_all 
_reflns_shell.Rmerge_F_obs 
_reflns_shell.Rmerge_I_all 
_reflns_shell.Rmerge_I_obs 
_reflns_shell.meanI_over_sigI_gt 
_reflns_shell.meanI_over_uI_all 
_reflns_shell.meanI_over_uI_gt 
_reflns_shell.number_measured_gt 
_reflns_shell.number_unique_gt 
_reflns_shell.percent_possible_gt 
_reflns_shell.Rmerge_F_gt 
_reflns_shell.Rmerge_I_gt 
_reflns_shell.pdbx_redundancy 
_reflns_shell.pdbx_Rsym_value 
_reflns_shell.pdbx_chi_squared 
_reflns_shell.pdbx_netI_over_sigmaI_all 
_reflns_shell.pdbx_netI_over_sigmaI_obs 
_reflns_shell.pdbx_Rrim_I_all 
_reflns_shell.pdbx_Rpim_I_all 
_reflns_shell.pdbx_rejects 
_reflns_shell.pdbx_ordinal 
_reflns_shell.pdbx_diffrn_id 
_reflns_shell.pdbx_CC_half 
_reflns_shell.pdbx_R_split 
1.800 1.910 ? 1.360  ? ? ? ? ? 98.000  ? ? ? ? 1.333 ? ? ? ? ? ? ? ? ? ? ? ? ? ? ? ? 1 1 ? ? 
1.910 2.040 ? 3.090  ? ? ? ? ? 100.000 ? ? ? ? 0.780 ? ? ? ? ? ? ? ? ? ? ? ? ? ? ? ? 2 1 ? ? 
2.040 2.200 ? 5.450  ? ? ? ? ? 100.000 ? ? ? ? 0.436 ? ? ? ? ? ? ? ? ? ? ? ? ? ? ? ? 3 1 ? ? 
2.200 2.410 ? 8.490  ? ? ? ? ? 100.000 ? ? ? ? 0.272 ? ? ? ? ? ? ? ? ? ? ? ? ? ? ? ? 4 1 ? ? 
2.410 2.700 ? 12.290 ? ? ? ? ? 100.000 ? ? ? ? 0.177 ? ? ? ? ? ? ? ? ? ? ? ? ? ? ? ? 5 1 ? ? 
2.700 3.110 ? 21.140 ? ? ? ? ? 100.000 ? ? ? ? 0.093 ? ? ? ? ? ? ? ? ? ? ? ? ? ? ? ? 6 1 ? ? 
3.110 3.810 ? 34.810 ? ? ? ? ? 100.000 ? ? ? ? 0.052 ? ? ? ? ? ? ? ? ? ? ? ? ? ? ? ? 7 1 ? ? 
3.810 5.370 ? 45.950 ? ? ? ? ? 100.000 ? ? ? ? 0.039 ? ? ? ? ? ? ? ? ? ? ? ? ? ? ? ? 8 1 ? ? 
5.370 ?     ? 45.350 ? ? ? ? ? 99.800  ? ? ? ? 0.035 ? ? ? ? ? ? ? ? ? ? ? ? ? ? ? ? 9 1 ? ? 
# 
_refine.aniso_B[1][1]                            0.4800 
_refine.aniso_B[1][2]                            0.0000 
_refine.aniso_B[1][3]                            0.0000 
_refine.aniso_B[2][2]                            0.4800 
_refine.aniso_B[2][3]                            0.0000 
_refine.aniso_B[3][3]                            -0.9500 
_refine.B_iso_max                                78.120 
_refine.B_iso_mean                               23.3680 
_refine.B_iso_min                                14.300 
_refine.correlation_coeff_Fo_to_Fc               0.9530 
_refine.correlation_coeff_Fo_to_Fc_free          0.9460 
_refine.details                                  
'HYDROGENS HAVE BEEN ADDED IN THE RIDING POSITIONS U VALUES      : REFINED INDIVIDUALLY' 
_refine.diff_density_max                         ? 
_refine.diff_density_max_esd                     ? 
_refine.diff_density_min                         ? 
_refine.diff_density_min_esd                     ? 
_refine.diff_density_rms                         ? 
_refine.diff_density_rms_esd                     ? 
_refine.entry_id                                 5DVH 
_refine.pdbx_refine_id                           'X-RAY DIFFRACTION' 
_refine.ls_abs_structure_details                 ? 
_refine.ls_abs_structure_Flack                   ? 
_refine.ls_abs_structure_Flack_esd               ? 
_refine.ls_abs_structure_Rogers                  ? 
_refine.ls_abs_structure_Rogers_esd              ? 
_refine.ls_d_res_high                            1.8000 
_refine.ls_d_res_low                             48.3700 
_refine.ls_extinction_coef                       ? 
_refine.ls_extinction_coef_esd                   ? 
_refine.ls_extinction_expression                 ? 
_refine.ls_extinction_method                     ? 
_refine.ls_goodness_of_fit_all                   ? 
_refine.ls_goodness_of_fit_all_esd               ? 
_refine.ls_goodness_of_fit_obs                   ? 
_refine.ls_goodness_of_fit_obs_esd               ? 
_refine.ls_hydrogen_treatment                    ? 
_refine.ls_matrix_type                           ? 
_refine.ls_number_constraints                    ? 
_refine.ls_number_parameters                     ? 
_refine.ls_number_reflns_all                     ? 
_refine.ls_number_reflns_obs                     28731 
_refine.ls_number_reflns_R_free                  1513 
_refine.ls_number_reflns_R_work                  ? 
_refine.ls_number_restraints                     ? 
_refine.ls_percent_reflns_obs                    99.6600 
_refine.ls_percent_reflns_R_free                 5.0000 
_refine.ls_R_factor_all                          ? 
_refine.ls_R_factor_obs                          0.1985 
_refine.ls_R_factor_R_free                       0.2227 
_refine.ls_R_factor_R_free_error                 ? 
_refine.ls_R_factor_R_free_error_details         ? 
_refine.ls_R_factor_R_work                       0.1972 
_refine.ls_R_Fsqd_factor_obs                     ? 
_refine.ls_R_I_factor_obs                        ? 
_refine.ls_redundancy_reflns_all                 ? 
_refine.ls_redundancy_reflns_obs                 ? 
_refine.ls_restrained_S_all                      ? 
_refine.ls_restrained_S_obs                      ? 
_refine.ls_shift_over_esd_max                    ? 
_refine.ls_shift_over_esd_mean                   ? 
_refine.ls_structure_factor_coef                 ? 
_refine.ls_weighting_details                     ? 
_refine.ls_weighting_scheme                      ? 
_refine.ls_wR_factor_all                         ? 
_refine.ls_wR_factor_obs                         ? 
_refine.ls_wR_factor_R_free                      0.2009 
_refine.ls_wR_factor_R_work                      0.1755 
_refine.occupancy_max                            ? 
_refine.occupancy_min                            ? 
_refine.solvent_model_details                    'BABINET MODEL WITH MASK' 
_refine.solvent_model_param_bsol                 ? 
_refine.solvent_model_param_ksol                 ? 
_refine.ls_R_factor_gt                           ? 
_refine.ls_goodness_of_fit_gt                    ? 
_refine.ls_goodness_of_fit_ref                   ? 
_refine.ls_shift_over_su_max                     ? 
_refine.ls_shift_over_su_max_lt                  ? 
_refine.ls_shift_over_su_mean                    ? 
_refine.ls_shift_over_su_mean_lt                 ? 
_refine.pdbx_ls_sigma_I                          ? 
_refine.pdbx_ls_sigma_F                          0.000 
_refine.pdbx_ls_sigma_Fsqd                       ? 
_refine.pdbx_data_cutoff_high_absF               ? 
_refine.pdbx_data_cutoff_high_rms_absF           ? 
_refine.pdbx_data_cutoff_low_absF                ? 
_refine.pdbx_isotropic_thermal_model             ? 
_refine.pdbx_ls_cross_valid_method               THROUGHOUT 
_refine.pdbx_method_to_determine_struct          'MOLECULAR REPLACEMENT' 
_refine.pdbx_starting_model                      ? 
_refine.pdbx_stereochemistry_target_values       'MAXIMUM LIKELIHOOD' 
_refine.pdbx_R_Free_selection_details            RANDOM 
_refine.pdbx_stereochem_target_val_spec_case     ? 
_refine.pdbx_overall_ESU_R                       0.0980 
_refine.pdbx_overall_ESU_R_Free                  0.0970 
_refine.pdbx_solvent_vdw_probe_radii             1.2000 
_refine.pdbx_solvent_ion_probe_radii             0.8000 
_refine.pdbx_solvent_shrinkage_radii             0.8000 
_refine.pdbx_real_space_R                        ? 
_refine.pdbx_density_correlation                 ? 
_refine.pdbx_pd_number_of_powder_patterns        ? 
_refine.pdbx_pd_number_of_points                 ? 
_refine.pdbx_pd_meas_number_of_points            ? 
_refine.pdbx_pd_proc_ls_prof_R_factor            ? 
_refine.pdbx_pd_proc_ls_prof_wR_factor           ? 
_refine.pdbx_pd_Marquardt_correlation_coeff      ? 
_refine.pdbx_pd_Fsqrd_R_factor                   ? 
_refine.pdbx_pd_ls_matrix_band_width             ? 
_refine.pdbx_overall_phase_error                 ? 
_refine.pdbx_overall_SU_R_free_Cruickshank_DPI   ? 
_refine.pdbx_overall_SU_R_free_Blow_DPI          ? 
_refine.pdbx_overall_SU_R_Blow_DPI               ? 
_refine.pdbx_TLS_residual_ADP_flag               ? 
_refine.pdbx_diffrn_id                           1 
_refine.overall_SU_B                             2.1500 
_refine.overall_SU_ML                            0.0660 
_refine.overall_SU_R_Cruickshank_DPI             0.0976 
_refine.overall_SU_R_free                        0.0970 
_refine.overall_FOM_free_R_set                   ? 
_refine.overall_FOM_work_R_set                   0.8620 
_refine.pdbx_average_fsc_overall                 ? 
_refine.pdbx_average_fsc_work                    ? 
_refine.pdbx_average_fsc_free                    ? 
# 
_refine_hist.cycle_id                         final 
_refine_hist.pdbx_refine_id                   'X-RAY DIFFRACTION' 
_refine_hist.d_res_high                       1.8000 
_refine_hist.d_res_low                        48.3700 
_refine_hist.pdbx_number_atoms_ligand         3 
_refine_hist.number_atoms_solvent             157 
_refine_hist.number_atoms_total               1599 
_refine_hist.pdbx_number_residues_total       185 
_refine_hist.pdbx_B_iso_mean_ligand           29.67 
_refine_hist.pdbx_B_iso_mean_solvent          32.88 
_refine_hist.pdbx_number_atoms_protein        1439 
_refine_hist.pdbx_number_atoms_nucleic_acid   0 
# 
loop_
_refine_ls_restr.pdbx_refine_id 
_refine_ls_restr.criterion 
_refine_ls_restr.dev_ideal 
_refine_ls_restr.dev_ideal_target 
_refine_ls_restr.number 
_refine_ls_restr.rejects 
_refine_ls_restr.type 
_refine_ls_restr.weight 
_refine_ls_restr.pdbx_restraint_function 
'X-RAY DIFFRACTION' ? 0.013  0.020  1509 ? r_bond_refined_d       ? ? 
'X-RAY DIFFRACTION' ? 0.003  0.020  1029 ? r_bond_other_d         ? ? 
'X-RAY DIFFRACTION' ? 1.514  1.962  2059 ? r_angle_refined_deg    ? ? 
'X-RAY DIFFRACTION' ? 0.861  3.005  2516 ? r_angle_other_deg      ? ? 
'X-RAY DIFFRACTION' ? 7.042  5.000  190  ? r_dihedral_angle_1_deg ? ? 
'X-RAY DIFFRACTION' ? 31.980 24.531 64   ? r_dihedral_angle_2_deg ? ? 
'X-RAY DIFFRACTION' ? 11.950 15.000 238  ? r_dihedral_angle_3_deg ? ? 
'X-RAY DIFFRACTION' ? 18.467 15.000 4    ? r_dihedral_angle_4_deg ? ? 
'X-RAY DIFFRACTION' ? 0.093  0.200  222  ? r_chiral_restr         ? ? 
'X-RAY DIFFRACTION' ? 0.008  0.021  1672 ? r_gen_planes_refined   ? ? 
'X-RAY DIFFRACTION' ? 0.001  0.020  304  ? r_gen_planes_other     ? ? 
# 
_refine_ls_shell.pdbx_refine_id                   'X-RAY DIFFRACTION' 
_refine_ls_shell.d_res_high                       1.8000 
_refine_ls_shell.d_res_low                        1.8470 
_refine_ls_shell.number_reflns_all                1932 
_refine_ls_shell.number_reflns_obs                ? 
_refine_ls_shell.number_reflns_R_free             93 
_refine_ls_shell.number_reflns_R_work             1839 
_refine_ls_shell.percent_reflns_obs               95.5000 
_refine_ls_shell.percent_reflns_R_free            ? 
_refine_ls_shell.R_factor_all                     ? 
_refine_ls_shell.R_factor_obs                     ? 
_refine_ls_shell.R_factor_R_free                  0.4300 
_refine_ls_shell.R_factor_R_free_error            ? 
_refine_ls_shell.R_factor_R_work                  0.3600 
_refine_ls_shell.redundancy_reflns_all            ? 
_refine_ls_shell.redundancy_reflns_obs            ? 
_refine_ls_shell.wR_factor_all                    ? 
_refine_ls_shell.wR_factor_obs                    ? 
_refine_ls_shell.wR_factor_R_free                 ? 
_refine_ls_shell.wR_factor_R_work                 ? 
_refine_ls_shell.pdbx_total_number_of_bins_used   20 
_refine_ls_shell.pdbx_phase_error                 ? 
_refine_ls_shell.pdbx_fsc_work                    ? 
_refine_ls_shell.pdbx_fsc_free                    ? 
# 
_struct.entry_id                     5DVH 
_struct.title                        'Structure of the Kunitz-type cysteine protease inhibitor PCPI-3 from potato' 
_struct.pdbx_model_details           ? 
_struct.pdbx_formula_weight          ? 
_struct.pdbx_formula_weight_method   ? 
_struct.pdbx_model_type_details      ? 
_struct.pdbx_CASP_flag               ? 
# 
_struct_keywords.entry_id        5DVH 
_struct_keywords.text            'Plant Kunitz-family inhibitor, protease inhibitor' 
_struct_keywords.pdbx_keywords   'protease inhibitor' 
# 
loop_
_struct_asym.id 
_struct_asym.pdbx_blank_PDB_chainid_flag 
_struct_asym.pdbx_modified 
_struct_asym.entity_id 
_struct_asym.details 
A N N 1 ? 
B N N 2 ? 
C N N 2 ? 
D N N 2 ? 
E N N 3 ? 
# 
_struct_ref.id                         1 
_struct_ref.db_name                    PDB 
_struct_ref.db_code                    5DVH 
_struct_ref.pdbx_db_accession          5DVH 
_struct_ref.pdbx_db_isoform            ? 
_struct_ref.entity_id                  1 
_struct_ref.pdbx_seq_one_letter_code   ? 
_struct_ref.pdbx_align_begin           1 
# 
_struct_ref_seq.align_id                      1 
_struct_ref_seq.ref_id                        1 
_struct_ref_seq.pdbx_PDB_id_code              5DVH 
_struct_ref_seq.pdbx_strand_id                A 
_struct_ref_seq.seq_align_beg                 1 
_struct_ref_seq.pdbx_seq_align_beg_ins_code   ? 
_struct_ref_seq.seq_align_end                 193 
_struct_ref_seq.pdbx_seq_align_end_ins_code   ? 
_struct_ref_seq.pdbx_db_accession             5DVH 
_struct_ref_seq.db_align_beg                  2 
_struct_ref_seq.pdbx_db_align_beg_ins_code    ? 
_struct_ref_seq.db_align_end                  195 
_struct_ref_seq.pdbx_db_align_end_ins_code    ? 
_struct_ref_seq.pdbx_auth_seq_align_beg       2 
_struct_ref_seq.pdbx_auth_seq_align_end       195 
# 
_pdbx_struct_assembly.id                   1 
_pdbx_struct_assembly.details              author_and_software_defined_assembly 
_pdbx_struct_assembly.method_details       PISA 
_pdbx_struct_assembly.oligomeric_details   monomeric 
_pdbx_struct_assembly.oligomeric_count     1 
# 
loop_
_pdbx_struct_assembly_prop.biol_id 
_pdbx_struct_assembly_prop.type 
_pdbx_struct_assembly_prop.value 
_pdbx_struct_assembly_prop.details 
1 'ABSA (A^2)' 310  ? 
1 MORE         -21  ? 
1 'SSA (A^2)'  9330 ? 
# 
_pdbx_struct_assembly_gen.assembly_id       1 
_pdbx_struct_assembly_gen.oper_expression   1 
_pdbx_struct_assembly_gen.asym_id_list      A,B,C,D,E 
# 
_pdbx_struct_oper_list.id                   1 
_pdbx_struct_oper_list.type                 'identity operation' 
_pdbx_struct_oper_list.name                 1_555 
_pdbx_struct_oper_list.symmetry_operation   x,y,z 
_pdbx_struct_oper_list.matrix[1][1]         1.0000000000 
_pdbx_struct_oper_list.matrix[1][2]         0.0000000000 
_pdbx_struct_oper_list.matrix[1][3]         0.0000000000 
_pdbx_struct_oper_list.vector[1]            0.0000000000 
_pdbx_struct_oper_list.matrix[2][1]         0.0000000000 
_pdbx_struct_oper_list.matrix[2][2]         1.0000000000 
_pdbx_struct_oper_list.matrix[2][3]         0.0000000000 
_pdbx_struct_oper_list.vector[2]            0.0000000000 
_pdbx_struct_oper_list.matrix[3][1]         0.0000000000 
_pdbx_struct_oper_list.matrix[3][2]         0.0000000000 
_pdbx_struct_oper_list.matrix[3][3]         1.0000000000 
_pdbx_struct_oper_list.vector[3]            0.0000000000 
# 
loop_
_struct_conf.conf_type_id 
_struct_conf.id 
_struct_conf.pdbx_PDB_helix_id 
_struct_conf.beg_label_comp_id 
_struct_conf.beg_label_asym_id 
_struct_conf.beg_label_seq_id 
_struct_conf.pdbx_beg_PDB_ins_code 
_struct_conf.end_label_comp_id 
_struct_conf.end_label_asym_id 
_struct_conf.end_label_seq_id 
_struct_conf.pdbx_end_PDB_ins_code 
_struct_conf.beg_auth_comp_id 
_struct_conf.beg_auth_asym_id 
_struct_conf.beg_auth_seq_id 
_struct_conf.end_auth_comp_id 
_struct_conf.end_auth_asym_id 
_struct_conf.end_auth_seq_id 
_struct_conf.pdbx_PDB_helix_class 
_struct_conf.details 
_struct_conf.pdbx_PDB_helix_length 
HELX_P HELX_P1 AA1 GLY A 123 ? TRP A 130 ? GLY A 125 TRP A 132 5 ? 8 
HELX_P HELX_P2 AA2 SER A 151 ? CYS A 155 ? SER A 153 CYS A 157 5 ? 5 
# 
_struct_conf_type.id          HELX_P 
_struct_conf_type.criteria    ? 
_struct_conf_type.reference   ? 
# 
loop_
_struct_conn.id 
_struct_conn.conn_type_id 
_struct_conn.pdbx_leaving_atom_flag 
_struct_conn.pdbx_PDB_id 
_struct_conn.ptnr1_label_asym_id 
_struct_conn.ptnr1_label_comp_id 
_struct_conn.ptnr1_label_seq_id 
_struct_conn.ptnr1_label_atom_id 
_struct_conn.pdbx_ptnr1_label_alt_id 
_struct_conn.pdbx_ptnr1_PDB_ins_code 
_struct_conn.pdbx_ptnr1_standard_comp_id 
_struct_conn.ptnr1_symmetry 
_struct_conn.ptnr2_label_asym_id 
_struct_conn.ptnr2_label_comp_id 
_struct_conn.ptnr2_label_seq_id 
_struct_conn.ptnr2_label_atom_id 
_struct_conn.pdbx_ptnr2_label_alt_id 
_struct_conn.pdbx_ptnr2_PDB_ins_code 
_struct_conn.ptnr1_auth_asym_id 
_struct_conn.ptnr1_auth_comp_id 
_struct_conn.ptnr1_auth_seq_id 
_struct_conn.ptnr2_auth_asym_id 
_struct_conn.ptnr2_auth_comp_id 
_struct_conn.ptnr2_auth_seq_id 
_struct_conn.ptnr2_symmetry 
_struct_conn.pdbx_ptnr3_label_atom_id 
_struct_conn.pdbx_ptnr3_label_seq_id 
_struct_conn.pdbx_ptnr3_label_comp_id 
_struct_conn.pdbx_ptnr3_label_asym_id 
_struct_conn.pdbx_ptnr3_label_alt_id 
_struct_conn.pdbx_ptnr3_PDB_ins_code 
_struct_conn.details 
_struct_conn.pdbx_dist_value 
_struct_conn.pdbx_value_order 
_struct_conn.pdbx_role 
disulf1 disulf ? ? A CYS 41  SG ? ? ? 1_555 A CYS 90  SG ? ? A CYS 42  A CYS 92  1_555 ? ? ? ? ? ? ? 2.015 ? ? 
disulf2 disulf ? ? A CYS 149 SG ? ? ? 1_555 A CYS 162 SG ? ? A CYS 151 A CYS 164 1_555 ? ? ? ? ? ? ? 2.077 ? ? 
disulf3 disulf ? ? A CYS 155 SG ? ? ? 1_555 A CYS 158 SG ? ? A CYS 157 A CYS 160 1_555 ? ? ? ? ? ? ? 2.082 ? ? 
# 
_struct_conn_type.id          disulf 
_struct_conn_type.criteria    ? 
_struct_conn_type.reference   ? 
# 
loop_
_pdbx_modification_feature.ordinal 
_pdbx_modification_feature.label_comp_id 
_pdbx_modification_feature.label_asym_id 
_pdbx_modification_feature.label_seq_id 
_pdbx_modification_feature.label_alt_id 
_pdbx_modification_feature.modified_residue_label_comp_id 
_pdbx_modification_feature.modified_residue_label_asym_id 
_pdbx_modification_feature.modified_residue_label_seq_id 
_pdbx_modification_feature.modified_residue_label_alt_id 
_pdbx_modification_feature.auth_comp_id 
_pdbx_modification_feature.auth_asym_id 
_pdbx_modification_feature.auth_seq_id 
_pdbx_modification_feature.PDB_ins_code 
_pdbx_modification_feature.symmetry 
_pdbx_modification_feature.modified_residue_auth_comp_id 
_pdbx_modification_feature.modified_residue_auth_asym_id 
_pdbx_modification_feature.modified_residue_auth_seq_id 
_pdbx_modification_feature.modified_residue_PDB_ins_code 
_pdbx_modification_feature.modified_residue_symmetry 
_pdbx_modification_feature.comp_id_linking_atom 
_pdbx_modification_feature.modified_residue_id_linking_atom 
_pdbx_modification_feature.modified_residue_id 
_pdbx_modification_feature.ref_pcm_id 
_pdbx_modification_feature.ref_comp_id 
_pdbx_modification_feature.type 
_pdbx_modification_feature.category 
1 CYS A 41  ? CYS A 90  ? CYS A 42  ? 1_555 CYS A 92  ? 1_555 SG SG . . . None 'Disulfide bridge' 
2 CYS A 149 ? CYS A 162 ? CYS A 151 ? 1_555 CYS A 164 ? 1_555 SG SG . . . None 'Disulfide bridge' 
3 CYS A 155 ? CYS A 158 ? CYS A 157 ? 1_555 CYS A 160 ? 1_555 SG SG . . . None 'Disulfide bridge' 
# 
_struct_mon_prot_cis.pdbx_id                1 
_struct_mon_prot_cis.label_comp_id          ILE 
_struct_mon_prot_cis.label_seq_id           24 
_struct_mon_prot_cis.label_asym_id          A 
_struct_mon_prot_cis.label_alt_id           . 
_struct_mon_prot_cis.pdbx_PDB_ins_code      ? 
_struct_mon_prot_cis.auth_comp_id           ILE 
_struct_mon_prot_cis.auth_seq_id            25 
_struct_mon_prot_cis.auth_asym_id           A 
_struct_mon_prot_cis.pdbx_label_comp_id_2   PRO 
_struct_mon_prot_cis.pdbx_label_seq_id_2    25 
_struct_mon_prot_cis.pdbx_label_asym_id_2   A 
_struct_mon_prot_cis.pdbx_PDB_ins_code_2    ? 
_struct_mon_prot_cis.pdbx_auth_comp_id_2    PRO 
_struct_mon_prot_cis.pdbx_auth_seq_id_2     26 
_struct_mon_prot_cis.pdbx_auth_asym_id_2    A 
_struct_mon_prot_cis.pdbx_PDB_model_num     1 
_struct_mon_prot_cis.pdbx_omega_angle       -5.26 
# 
loop_
_struct_sheet.id 
_struct_sheet.type 
_struct_sheet.number_strands 
_struct_sheet.details 
AA1 ? 2 ? 
AA2 ? 4 ? 
AA3 ? 2 ? 
AA4 ? 2 ? 
AA5 ? 3 ? 
# 
loop_
_struct_sheet_order.sheet_id 
_struct_sheet_order.range_id_1 
_struct_sheet_order.range_id_2 
_struct_sheet_order.offset 
_struct_sheet_order.sense 
AA1 1 2 ? anti-parallel 
AA2 1 2 ? anti-parallel 
AA2 2 3 ? anti-parallel 
AA2 3 4 ? anti-parallel 
AA3 1 2 ? anti-parallel 
AA4 1 2 ? anti-parallel 
AA5 1 2 ? anti-parallel 
AA5 2 3 ? anti-parallel 
# 
loop_
_struct_sheet_range.sheet_id 
_struct_sheet_range.id 
_struct_sheet_range.beg_label_comp_id 
_struct_sheet_range.beg_label_asym_id 
_struct_sheet_range.beg_label_seq_id 
_struct_sheet_range.pdbx_beg_PDB_ins_code 
_struct_sheet_range.end_label_comp_id 
_struct_sheet_range.end_label_asym_id 
_struct_sheet_range.end_label_seq_id 
_struct_sheet_range.pdbx_end_PDB_ins_code 
_struct_sheet_range.beg_auth_comp_id 
_struct_sheet_range.beg_auth_asym_id 
_struct_sheet_range.beg_auth_seq_id 
_struct_sheet_range.end_auth_comp_id 
_struct_sheet_range.end_auth_asym_id 
_struct_sheet_range.end_auth_seq_id 
AA1 1 TYR A 19  ? SER A 23  ? TYR A 20  SER A 24  
AA1 2 PHE A 185 ? LYS A 189 ? PHE A 187 LYS A 191 
AA2 1 VAL A 31  ? ALA A 34  ? VAL A 32  ALA A 35  
AA2 2 GLY A 44  ? GLN A 47  ? GLY A 45  GLN A 48  
AA2 3 TYR A 173 ? ALA A 177 ? TYR A 175 ALA A 179 
AA2 4 GLY A 166 ? ASN A 170 ? GLY A 168 ASN A 172 
AA3 1 VAL A 59  ? TYR A 62  ? VAL A 60  TYR A 63  
AA3 2 SER A 78  ? PHE A 81  ? SER A 79  PHE A 82  
AA4 1 TRP A 96  ? VAL A 103 ? TRP A 98  VAL A 105 
AA4 2 SER A 108 ? THR A 115 ? SER A 110 THR A 117 
AA5 1 LYS A 132 ? LYS A 135 ? LYS A 134 LYS A 137 
AA5 2 TYR A 144 ? TYR A 148 ? TYR A 146 TYR A 150 
AA5 3 ALA A 163 ? ASP A 164 ? ALA A 165 ASP A 166 
# 
loop_
_pdbx_struct_sheet_hbond.sheet_id 
_pdbx_struct_sheet_hbond.range_id_1 
_pdbx_struct_sheet_hbond.range_id_2 
_pdbx_struct_sheet_hbond.range_1_label_atom_id 
_pdbx_struct_sheet_hbond.range_1_label_comp_id 
_pdbx_struct_sheet_hbond.range_1_label_asym_id 
_pdbx_struct_sheet_hbond.range_1_label_seq_id 
_pdbx_struct_sheet_hbond.range_1_PDB_ins_code 
_pdbx_struct_sheet_hbond.range_1_auth_atom_id 
_pdbx_struct_sheet_hbond.range_1_auth_comp_id 
_pdbx_struct_sheet_hbond.range_1_auth_asym_id 
_pdbx_struct_sheet_hbond.range_1_auth_seq_id 
_pdbx_struct_sheet_hbond.range_2_label_atom_id 
_pdbx_struct_sheet_hbond.range_2_label_comp_id 
_pdbx_struct_sheet_hbond.range_2_label_asym_id 
_pdbx_struct_sheet_hbond.range_2_label_seq_id 
_pdbx_struct_sheet_hbond.range_2_PDB_ins_code 
_pdbx_struct_sheet_hbond.range_2_auth_atom_id 
_pdbx_struct_sheet_hbond.range_2_auth_comp_id 
_pdbx_struct_sheet_hbond.range_2_auth_asym_id 
_pdbx_struct_sheet_hbond.range_2_auth_seq_id 
AA1 1 2 N ILE A 22  ? N ILE A 23  O GLY A 186 ? O GLY A 188 
AA2 1 2 N TYR A 32  ? N TYR A 33  O VAL A 46  ? O VAL A 47  
AA2 2 3 N GLN A 47  ? N GLN A 48  O ALA A 174 ? O ALA A 176 
AA2 3 4 O ALA A 177 ? O ALA A 179 N GLY A 166 ? N GLY A 168 
AA3 1 2 N TYR A 62  ? N TYR A 63  O SER A 78  ? O SER A 79  
AA4 1 2 N ALA A 99  ? N ALA A 101 O PHE A 112 ? O PHE A 114 
AA5 1 2 N GLU A 134 ? N GLU A 136 O LYS A 145 ? O LYS A 147 
AA5 2 3 N TYR A 148 ? N TYR A 150 O ALA A 163 ? O ALA A 165 
# 
loop_
_struct_site.id 
_struct_site.pdbx_evidence_code 
_struct_site.pdbx_auth_asym_id 
_struct_site.pdbx_auth_comp_id 
_struct_site.pdbx_auth_seq_id 
_struct_site.pdbx_auth_ins_code 
_struct_site.pdbx_num_residues 
_struct_site.details 
AC1 Software A CL 201 ? 3 'binding site for residue CL A 201' 
AC2 Software A CL 202 ? 2 'binding site for residue CL A 202' 
AC3 Software A CL 203 ? 1 'binding site for residue CL A 203' 
# 
loop_
_struct_site_gen.id 
_struct_site_gen.site_id 
_struct_site_gen.pdbx_num_res 
_struct_site_gen.label_comp_id 
_struct_site_gen.label_asym_id 
_struct_site_gen.label_seq_id 
_struct_site_gen.pdbx_auth_ins_code 
_struct_site_gen.auth_comp_id 
_struct_site_gen.auth_asym_id 
_struct_site_gen.auth_seq_id 
_struct_site_gen.label_atom_id 
_struct_site_gen.label_alt_id 
_struct_site_gen.symmetry 
_struct_site_gen.details 
1 AC1 3 GLY A 67  ? GLY A 68  . ? 1_555 ? 
2 AC1 3 ARG A 111 ? ARG A 113 . ? 4_454 ? 
3 AC1 3 ASP A 161 ? ASP A 163 . ? 4_454 ? 
4 AC2 2 THR A 63  ? THR A 64  . ? 1_555 ? 
5 AC2 2 MET A 64  ? MET A 65  . ? 1_555 ? 
6 AC3 1 TYR A 100 ? TYR A 102 . ? 1_555 ? 
# 
_pdbx_entry_details.entry_id                   5DVH 
_pdbx_entry_details.compound_details           ? 
_pdbx_entry_details.source_details             ? 
_pdbx_entry_details.nonpolymer_details         ? 
_pdbx_entry_details.sequence_details           ? 
_pdbx_entry_details.has_ligand_of_interest     ? 
_pdbx_entry_details.has_protein_modification   Y 
# 
loop_
_pdbx_validate_torsion.id 
_pdbx_validate_torsion.PDB_model_num 
_pdbx_validate_torsion.auth_comp_id 
_pdbx_validate_torsion.auth_asym_id 
_pdbx_validate_torsion.auth_seq_id 
_pdbx_validate_torsion.PDB_ins_code 
_pdbx_validate_torsion.label_alt_id 
_pdbx_validate_torsion.phi 
_pdbx_validate_torsion.psi 
1 1 ASN A 128 ? ? -140.87 37.16 
2 1 CYS A 151 ? ? -167.04 75.37 
# 
_pdbx_phasing_MR.entry_id                     5DVH 
_pdbx_phasing_MR.method_rotation              ? 
_pdbx_phasing_MR.method_translation           ? 
_pdbx_phasing_MR.model_details                ? 
_pdbx_phasing_MR.R_factor                     ? 
_pdbx_phasing_MR.R_rigid_body                 ? 
_pdbx_phasing_MR.correlation_coeff_Fo_to_Fc   ? 
_pdbx_phasing_MR.correlation_coeff_Io_to_Ic   ? 
_pdbx_phasing_MR.d_res_high_rotation          48.370 
_pdbx_phasing_MR.d_res_low_rotation           3.500 
_pdbx_phasing_MR.d_res_high_translation       ? 
_pdbx_phasing_MR.d_res_low_translation        ? 
_pdbx_phasing_MR.packing                      ? 
_pdbx_phasing_MR.reflns_percent_rotation      ? 
_pdbx_phasing_MR.reflns_percent_translation   ? 
_pdbx_phasing_MR.sigma_F_rotation             ? 
_pdbx_phasing_MR.sigma_F_translation          ? 
_pdbx_phasing_MR.sigma_I_rotation             ? 
_pdbx_phasing_MR.sigma_I_translation          ? 
# 
_phasing.method   MR 
# 
loop_
_pdbx_unobs_or_zero_occ_residues.id 
_pdbx_unobs_or_zero_occ_residues.PDB_model_num 
_pdbx_unobs_or_zero_occ_residues.polymer_flag 
_pdbx_unobs_or_zero_occ_residues.occupancy_flag 
_pdbx_unobs_or_zero_occ_residues.auth_asym_id 
_pdbx_unobs_or_zero_occ_residues.auth_comp_id 
_pdbx_unobs_or_zero_occ_residues.auth_seq_id 
_pdbx_unobs_or_zero_occ_residues.PDB_ins_code 
_pdbx_unobs_or_zero_occ_residues.label_asym_id 
_pdbx_unobs_or_zero_occ_residues.label_comp_id 
_pdbx_unobs_or_zero_occ_residues.label_seq_id 
1 1 Y 1 A GLY 52 ? A GLY 51 
2 1 Y 1 A GLY 53 ? A GLY 52 
3 1 Y 1 A ASN 54 ? A ASN 53 
4 1 Y 1 A ASN 55 ? A ASN 54 
5 1 Y 1 A SER 86 ? A SER 84 
6 1 Y 1 A SER 87 ? A SER 85 
7 1 Y 1 A SER 88 ? A SER 86 
8 1 Y 1 A SER 89 ? A SER 87 
# 
loop_
_chem_comp_atom.comp_id 
_chem_comp_atom.atom_id 
_chem_comp_atom.type_symbol 
_chem_comp_atom.pdbx_aromatic_flag 
_chem_comp_atom.pdbx_stereo_config 
_chem_comp_atom.pdbx_ordinal 
ALA N    N  N N 1   
ALA CA   C  N S 2   
ALA C    C  N N 3   
ALA O    O  N N 4   
ALA CB   C  N N 5   
ALA OXT  O  N N 6   
ALA H    H  N N 7   
ALA H2   H  N N 8   
ALA HA   H  N N 9   
ALA HB1  H  N N 10  
ALA HB2  H  N N 11  
ALA HB3  H  N N 12  
ALA HXT  H  N N 13  
ARG N    N  N N 14  
ARG CA   C  N S 15  
ARG C    C  N N 16  
ARG O    O  N N 17  
ARG CB   C  N N 18  
ARG CG   C  N N 19  
ARG CD   C  N N 20  
ARG NE   N  N N 21  
ARG CZ   C  N N 22  
ARG NH1  N  N N 23  
ARG NH2  N  N N 24  
ARG OXT  O  N N 25  
ARG H    H  N N 26  
ARG H2   H  N N 27  
ARG HA   H  N N 28  
ARG HB2  H  N N 29  
ARG HB3  H  N N 30  
ARG HG2  H  N N 31  
ARG HG3  H  N N 32  
ARG HD2  H  N N 33  
ARG HD3  H  N N 34  
ARG HE   H  N N 35  
ARG HH11 H  N N 36  
ARG HH12 H  N N 37  
ARG HH21 H  N N 38  
ARG HH22 H  N N 39  
ARG HXT  H  N N 40  
ASN N    N  N N 41  
ASN CA   C  N S 42  
ASN C    C  N N 43  
ASN O    O  N N 44  
ASN CB   C  N N 45  
ASN CG   C  N N 46  
ASN OD1  O  N N 47  
ASN ND2  N  N N 48  
ASN OXT  O  N N 49  
ASN H    H  N N 50  
ASN H2   H  N N 51  
ASN HA   H  N N 52  
ASN HB2  H  N N 53  
ASN HB3  H  N N 54  
ASN HD21 H  N N 55  
ASN HD22 H  N N 56  
ASN HXT  H  N N 57  
ASP N    N  N N 58  
ASP CA   C  N S 59  
ASP C    C  N N 60  
ASP O    O  N N 61  
ASP CB   C  N N 62  
ASP CG   C  N N 63  
ASP OD1  O  N N 64  
ASP OD2  O  N N 65  
ASP OXT  O  N N 66  
ASP H    H  N N 67  
ASP H2   H  N N 68  
ASP HA   H  N N 69  
ASP HB2  H  N N 70  
ASP HB3  H  N N 71  
ASP HD2  H  N N 72  
ASP HXT  H  N N 73  
CL  CL   CL N N 74  
CYS N    N  N N 75  
CYS CA   C  N R 76  
CYS C    C  N N 77  
CYS O    O  N N 78  
CYS CB   C  N N 79  
CYS SG   S  N N 80  
CYS OXT  O  N N 81  
CYS H    H  N N 82  
CYS H2   H  N N 83  
CYS HA   H  N N 84  
CYS HB2  H  N N 85  
CYS HB3  H  N N 86  
CYS HG   H  N N 87  
CYS HXT  H  N N 88  
GLN N    N  N N 89  
GLN CA   C  N S 90  
GLN C    C  N N 91  
GLN O    O  N N 92  
GLN CB   C  N N 93  
GLN CG   C  N N 94  
GLN CD   C  N N 95  
GLN OE1  O  N N 96  
GLN NE2  N  N N 97  
GLN OXT  O  N N 98  
GLN H    H  N N 99  
GLN H2   H  N N 100 
GLN HA   H  N N 101 
GLN HB2  H  N N 102 
GLN HB3  H  N N 103 
GLN HG2  H  N N 104 
GLN HG3  H  N N 105 
GLN HE21 H  N N 106 
GLN HE22 H  N N 107 
GLN HXT  H  N N 108 
GLU N    N  N N 109 
GLU CA   C  N S 110 
GLU C    C  N N 111 
GLU O    O  N N 112 
GLU CB   C  N N 113 
GLU CG   C  N N 114 
GLU CD   C  N N 115 
GLU OE1  O  N N 116 
GLU OE2  O  N N 117 
GLU OXT  O  N N 118 
GLU H    H  N N 119 
GLU H2   H  N N 120 
GLU HA   H  N N 121 
GLU HB2  H  N N 122 
GLU HB3  H  N N 123 
GLU HG2  H  N N 124 
GLU HG3  H  N N 125 
GLU HE2  H  N N 126 
GLU HXT  H  N N 127 
GLY N    N  N N 128 
GLY CA   C  N N 129 
GLY C    C  N N 130 
GLY O    O  N N 131 
GLY OXT  O  N N 132 
GLY H    H  N N 133 
GLY H2   H  N N 134 
GLY HA2  H  N N 135 
GLY HA3  H  N N 136 
GLY HXT  H  N N 137 
HIS N    N  N N 138 
HIS CA   C  N S 139 
HIS C    C  N N 140 
HIS O    O  N N 141 
HIS CB   C  N N 142 
HIS CG   C  Y N 143 
HIS ND1  N  Y N 144 
HIS CD2  C  Y N 145 
HIS CE1  C  Y N 146 
HIS NE2  N  Y N 147 
HIS OXT  O  N N 148 
HIS H    H  N N 149 
HIS H2   H  N N 150 
HIS HA   H  N N 151 
HIS HB2  H  N N 152 
HIS HB3  H  N N 153 
HIS HD1  H  N N 154 
HIS HD2  H  N N 155 
HIS HE1  H  N N 156 
HIS HE2  H  N N 157 
HIS HXT  H  N N 158 
HOH O    O  N N 159 
HOH H1   H  N N 160 
HOH H2   H  N N 161 
ILE N    N  N N 162 
ILE CA   C  N S 163 
ILE C    C  N N 164 
ILE O    O  N N 165 
ILE CB   C  N S 166 
ILE CG1  C  N N 167 
ILE CG2  C  N N 168 
ILE CD1  C  N N 169 
ILE OXT  O  N N 170 
ILE H    H  N N 171 
ILE H2   H  N N 172 
ILE HA   H  N N 173 
ILE HB   H  N N 174 
ILE HG12 H  N N 175 
ILE HG13 H  N N 176 
ILE HG21 H  N N 177 
ILE HG22 H  N N 178 
ILE HG23 H  N N 179 
ILE HD11 H  N N 180 
ILE HD12 H  N N 181 
ILE HD13 H  N N 182 
ILE HXT  H  N N 183 
LEU N    N  N N 184 
LEU CA   C  N S 185 
LEU C    C  N N 186 
LEU O    O  N N 187 
LEU CB   C  N N 188 
LEU CG   C  N N 189 
LEU CD1  C  N N 190 
LEU CD2  C  N N 191 
LEU OXT  O  N N 192 
LEU H    H  N N 193 
LEU H2   H  N N 194 
LEU HA   H  N N 195 
LEU HB2  H  N N 196 
LEU HB3  H  N N 197 
LEU HG   H  N N 198 
LEU HD11 H  N N 199 
LEU HD12 H  N N 200 
LEU HD13 H  N N 201 
LEU HD21 H  N N 202 
LEU HD22 H  N N 203 
LEU HD23 H  N N 204 
LEU HXT  H  N N 205 
LYS N    N  N N 206 
LYS CA   C  N S 207 
LYS C    C  N N 208 
LYS O    O  N N 209 
LYS CB   C  N N 210 
LYS CG   C  N N 211 
LYS CD   C  N N 212 
LYS CE   C  N N 213 
LYS NZ   N  N N 214 
LYS OXT  O  N N 215 
LYS H    H  N N 216 
LYS H2   H  N N 217 
LYS HA   H  N N 218 
LYS HB2  H  N N 219 
LYS HB3  H  N N 220 
LYS HG2  H  N N 221 
LYS HG3  H  N N 222 
LYS HD2  H  N N 223 
LYS HD3  H  N N 224 
LYS HE2  H  N N 225 
LYS HE3  H  N N 226 
LYS HZ1  H  N N 227 
LYS HZ2  H  N N 228 
LYS HZ3  H  N N 229 
LYS HXT  H  N N 230 
MET N    N  N N 231 
MET CA   C  N S 232 
MET C    C  N N 233 
MET O    O  N N 234 
MET CB   C  N N 235 
MET CG   C  N N 236 
MET SD   S  N N 237 
MET CE   C  N N 238 
MET OXT  O  N N 239 
MET H    H  N N 240 
MET H2   H  N N 241 
MET HA   H  N N 242 
MET HB2  H  N N 243 
MET HB3  H  N N 244 
MET HG2  H  N N 245 
MET HG3  H  N N 246 
MET HE1  H  N N 247 
MET HE2  H  N N 248 
MET HE3  H  N N 249 
MET HXT  H  N N 250 
PHE N    N  N N 251 
PHE CA   C  N S 252 
PHE C    C  N N 253 
PHE O    O  N N 254 
PHE CB   C  N N 255 
PHE CG   C  Y N 256 
PHE CD1  C  Y N 257 
PHE CD2  C  Y N 258 
PHE CE1  C  Y N 259 
PHE CE2  C  Y N 260 
PHE CZ   C  Y N 261 
PHE OXT  O  N N 262 
PHE H    H  N N 263 
PHE H2   H  N N 264 
PHE HA   H  N N 265 
PHE HB2  H  N N 266 
PHE HB3  H  N N 267 
PHE HD1  H  N N 268 
PHE HD2  H  N N 269 
PHE HE1  H  N N 270 
PHE HE2  H  N N 271 
PHE HZ   H  N N 272 
PHE HXT  H  N N 273 
PRO N    N  N N 274 
PRO CA   C  N S 275 
PRO C    C  N N 276 
PRO O    O  N N 277 
PRO CB   C  N N 278 
PRO CG   C  N N 279 
PRO CD   C  N N 280 
PRO OXT  O  N N 281 
PRO H    H  N N 282 
PRO HA   H  N N 283 
PRO HB2  H  N N 284 
PRO HB3  H  N N 285 
PRO HG2  H  N N 286 
PRO HG3  H  N N 287 
PRO HD2  H  N N 288 
PRO HD3  H  N N 289 
PRO HXT  H  N N 290 
SER N    N  N N 291 
SER CA   C  N S 292 
SER C    C  N N 293 
SER O    O  N N 294 
SER CB   C  N N 295 
SER OG   O  N N 296 
SER OXT  O  N N 297 
SER H    H  N N 298 
SER H2   H  N N 299 
SER HA   H  N N 300 
SER HB2  H  N N 301 
SER HB3  H  N N 302 
SER HG   H  N N 303 
SER HXT  H  N N 304 
THR N    N  N N 305 
THR CA   C  N S 306 
THR C    C  N N 307 
THR O    O  N N 308 
THR CB   C  N R 309 
THR OG1  O  N N 310 
THR CG2  C  N N 311 
THR OXT  O  N N 312 
THR H    H  N N 313 
THR H2   H  N N 314 
THR HA   H  N N 315 
THR HB   H  N N 316 
THR HG1  H  N N 317 
THR HG21 H  N N 318 
THR HG22 H  N N 319 
THR HG23 H  N N 320 
THR HXT  H  N N 321 
TRP N    N  N N 322 
TRP CA   C  N S 323 
TRP C    C  N N 324 
TRP O    O  N N 325 
TRP CB   C  N N 326 
TRP CG   C  Y N 327 
TRP CD1  C  Y N 328 
TRP CD2  C  Y N 329 
TRP NE1  N  Y N 330 
TRP CE2  C  Y N 331 
TRP CE3  C  Y N 332 
TRP CZ2  C  Y N 333 
TRP CZ3  C  Y N 334 
TRP CH2  C  Y N 335 
TRP OXT  O  N N 336 
TRP H    H  N N 337 
TRP H2   H  N N 338 
TRP HA   H  N N 339 
TRP HB2  H  N N 340 
TRP HB3  H  N N 341 
TRP HD1  H  N N 342 
TRP HE1  H  N N 343 
TRP HE3  H  N N 344 
TRP HZ2  H  N N 345 
TRP HZ3  H  N N 346 
TRP HH2  H  N N 347 
TRP HXT  H  N N 348 
TYR N    N  N N 349 
TYR CA   C  N S 350 
TYR C    C  N N 351 
TYR O    O  N N 352 
TYR CB   C  N N 353 
TYR CG   C  Y N 354 
TYR CD1  C  Y N 355 
TYR CD2  C  Y N 356 
TYR CE1  C  Y N 357 
TYR CE2  C  Y N 358 
TYR CZ   C  Y N 359 
TYR OH   O  N N 360 
TYR OXT  O  N N 361 
TYR H    H  N N 362 
TYR H2   H  N N 363 
TYR HA   H  N N 364 
TYR HB2  H  N N 365 
TYR HB3  H  N N 366 
TYR HD1  H  N N 367 
TYR HD2  H  N N 368 
TYR HE1  H  N N 369 
TYR HE2  H  N N 370 
TYR HH   H  N N 371 
TYR HXT  H  N N 372 
VAL N    N  N N 373 
VAL CA   C  N S 374 
VAL C    C  N N 375 
VAL O    O  N N 376 
VAL CB   C  N N 377 
VAL CG1  C  N N 378 
VAL CG2  C  N N 379 
VAL OXT  O  N N 380 
VAL H    H  N N 381 
VAL H2   H  N N 382 
VAL HA   H  N N 383 
VAL HB   H  N N 384 
VAL HG11 H  N N 385 
VAL HG12 H  N N 386 
VAL HG13 H  N N 387 
VAL HG21 H  N N 388 
VAL HG22 H  N N 389 
VAL HG23 H  N N 390 
VAL HXT  H  N N 391 
# 
loop_
_chem_comp_bond.comp_id 
_chem_comp_bond.atom_id_1 
_chem_comp_bond.atom_id_2 
_chem_comp_bond.value_order 
_chem_comp_bond.pdbx_aromatic_flag 
_chem_comp_bond.pdbx_stereo_config 
_chem_comp_bond.pdbx_ordinal 
ALA N   CA   sing N N 1   
ALA N   H    sing N N 2   
ALA N   H2   sing N N 3   
ALA CA  C    sing N N 4   
ALA CA  CB   sing N N 5   
ALA CA  HA   sing N N 6   
ALA C   O    doub N N 7   
ALA C   OXT  sing N N 8   
ALA CB  HB1  sing N N 9   
ALA CB  HB2  sing N N 10  
ALA CB  HB3  sing N N 11  
ALA OXT HXT  sing N N 12  
ARG N   CA   sing N N 13  
ARG N   H    sing N N 14  
ARG N   H2   sing N N 15  
ARG CA  C    sing N N 16  
ARG CA  CB   sing N N 17  
ARG CA  HA   sing N N 18  
ARG C   O    doub N N 19  
ARG C   OXT  sing N N 20  
ARG CB  CG   sing N N 21  
ARG CB  HB2  sing N N 22  
ARG CB  HB3  sing N N 23  
ARG CG  CD   sing N N 24  
ARG CG  HG2  sing N N 25  
ARG CG  HG3  sing N N 26  
ARG CD  NE   sing N N 27  
ARG CD  HD2  sing N N 28  
ARG CD  HD3  sing N N 29  
ARG NE  CZ   sing N N 30  
ARG NE  HE   sing N N 31  
ARG CZ  NH1  sing N N 32  
ARG CZ  NH2  doub N N 33  
ARG NH1 HH11 sing N N 34  
ARG NH1 HH12 sing N N 35  
ARG NH2 HH21 sing N N 36  
ARG NH2 HH22 sing N N 37  
ARG OXT HXT  sing N N 38  
ASN N   CA   sing N N 39  
ASN N   H    sing N N 40  
ASN N   H2   sing N N 41  
ASN CA  C    sing N N 42  
ASN CA  CB   sing N N 43  
ASN CA  HA   sing N N 44  
ASN C   O    doub N N 45  
ASN C   OXT  sing N N 46  
ASN CB  CG   sing N N 47  
ASN CB  HB2  sing N N 48  
ASN CB  HB3  sing N N 49  
ASN CG  OD1  doub N N 50  
ASN CG  ND2  sing N N 51  
ASN ND2 HD21 sing N N 52  
ASN ND2 HD22 sing N N 53  
ASN OXT HXT  sing N N 54  
ASP N   CA   sing N N 55  
ASP N   H    sing N N 56  
ASP N   H2   sing N N 57  
ASP CA  C    sing N N 58  
ASP CA  CB   sing N N 59  
ASP CA  HA   sing N N 60  
ASP C   O    doub N N 61  
ASP C   OXT  sing N N 62  
ASP CB  CG   sing N N 63  
ASP CB  HB2  sing N N 64  
ASP CB  HB3  sing N N 65  
ASP CG  OD1  doub N N 66  
ASP CG  OD2  sing N N 67  
ASP OD2 HD2  sing N N 68  
ASP OXT HXT  sing N N 69  
CYS N   CA   sing N N 70  
CYS N   H    sing N N 71  
CYS N   H2   sing N N 72  
CYS CA  C    sing N N 73  
CYS CA  CB   sing N N 74  
CYS CA  HA   sing N N 75  
CYS C   O    doub N N 76  
CYS C   OXT  sing N N 77  
CYS CB  SG   sing N N 78  
CYS CB  HB2  sing N N 79  
CYS CB  HB3  sing N N 80  
CYS SG  HG   sing N N 81  
CYS OXT HXT  sing N N 82  
GLN N   CA   sing N N 83  
GLN N   H    sing N N 84  
GLN N   H2   sing N N 85  
GLN CA  C    sing N N 86  
GLN CA  CB   sing N N 87  
GLN CA  HA   sing N N 88  
GLN C   O    doub N N 89  
GLN C   OXT  sing N N 90  
GLN CB  CG   sing N N 91  
GLN CB  HB2  sing N N 92  
GLN CB  HB3  sing N N 93  
GLN CG  CD   sing N N 94  
GLN CG  HG2  sing N N 95  
GLN CG  HG3  sing N N 96  
GLN CD  OE1  doub N N 97  
GLN CD  NE2  sing N N 98  
GLN NE2 HE21 sing N N 99  
GLN NE2 HE22 sing N N 100 
GLN OXT HXT  sing N N 101 
GLU N   CA   sing N N 102 
GLU N   H    sing N N 103 
GLU N   H2   sing N N 104 
GLU CA  C    sing N N 105 
GLU CA  CB   sing N N 106 
GLU CA  HA   sing N N 107 
GLU C   O    doub N N 108 
GLU C   OXT  sing N N 109 
GLU CB  CG   sing N N 110 
GLU CB  HB2  sing N N 111 
GLU CB  HB3  sing N N 112 
GLU CG  CD   sing N N 113 
GLU CG  HG2  sing N N 114 
GLU CG  HG3  sing N N 115 
GLU CD  OE1  doub N N 116 
GLU CD  OE2  sing N N 117 
GLU OE2 HE2  sing N N 118 
GLU OXT HXT  sing N N 119 
GLY N   CA   sing N N 120 
GLY N   H    sing N N 121 
GLY N   H2   sing N N 122 
GLY CA  C    sing N N 123 
GLY CA  HA2  sing N N 124 
GLY CA  HA3  sing N N 125 
GLY C   O    doub N N 126 
GLY C   OXT  sing N N 127 
GLY OXT HXT  sing N N 128 
HIS N   CA   sing N N 129 
HIS N   H    sing N N 130 
HIS N   H2   sing N N 131 
HIS CA  C    sing N N 132 
HIS CA  CB   sing N N 133 
HIS CA  HA   sing N N 134 
HIS C   O    doub N N 135 
HIS C   OXT  sing N N 136 
HIS CB  CG   sing N N 137 
HIS CB  HB2  sing N N 138 
HIS CB  HB3  sing N N 139 
HIS CG  ND1  sing Y N 140 
HIS CG  CD2  doub Y N 141 
HIS ND1 CE1  doub Y N 142 
HIS ND1 HD1  sing N N 143 
HIS CD2 NE2  sing Y N 144 
HIS CD2 HD2  sing N N 145 
HIS CE1 NE2  sing Y N 146 
HIS CE1 HE1  sing N N 147 
HIS NE2 HE2  sing N N 148 
HIS OXT HXT  sing N N 149 
HOH O   H1   sing N N 150 
HOH O   H2   sing N N 151 
ILE N   CA   sing N N 152 
ILE N   H    sing N N 153 
ILE N   H2   sing N N 154 
ILE CA  C    sing N N 155 
ILE CA  CB   sing N N 156 
ILE CA  HA   sing N N 157 
ILE C   O    doub N N 158 
ILE C   OXT  sing N N 159 
ILE CB  CG1  sing N N 160 
ILE CB  CG2  sing N N 161 
ILE CB  HB   sing N N 162 
ILE CG1 CD1  sing N N 163 
ILE CG1 HG12 sing N N 164 
ILE CG1 HG13 sing N N 165 
ILE CG2 HG21 sing N N 166 
ILE CG2 HG22 sing N N 167 
ILE CG2 HG23 sing N N 168 
ILE CD1 HD11 sing N N 169 
ILE CD1 HD12 sing N N 170 
ILE CD1 HD13 sing N N 171 
ILE OXT HXT  sing N N 172 
LEU N   CA   sing N N 173 
LEU N   H    sing N N 174 
LEU N   H2   sing N N 175 
LEU CA  C    sing N N 176 
LEU CA  CB   sing N N 177 
LEU CA  HA   sing N N 178 
LEU C   O    doub N N 179 
LEU C   OXT  sing N N 180 
LEU CB  CG   sing N N 181 
LEU CB  HB2  sing N N 182 
LEU CB  HB3  sing N N 183 
LEU CG  CD1  sing N N 184 
LEU CG  CD2  sing N N 185 
LEU CG  HG   sing N N 186 
LEU CD1 HD11 sing N N 187 
LEU CD1 HD12 sing N N 188 
LEU CD1 HD13 sing N N 189 
LEU CD2 HD21 sing N N 190 
LEU CD2 HD22 sing N N 191 
LEU CD2 HD23 sing N N 192 
LEU OXT HXT  sing N N 193 
LYS N   CA   sing N N 194 
LYS N   H    sing N N 195 
LYS N   H2   sing N N 196 
LYS CA  C    sing N N 197 
LYS CA  CB   sing N N 198 
LYS CA  HA   sing N N 199 
LYS C   O    doub N N 200 
LYS C   OXT  sing N N 201 
LYS CB  CG   sing N N 202 
LYS CB  HB2  sing N N 203 
LYS CB  HB3  sing N N 204 
LYS CG  CD   sing N N 205 
LYS CG  HG2  sing N N 206 
LYS CG  HG3  sing N N 207 
LYS CD  CE   sing N N 208 
LYS CD  HD2  sing N N 209 
LYS CD  HD3  sing N N 210 
LYS CE  NZ   sing N N 211 
LYS CE  HE2  sing N N 212 
LYS CE  HE3  sing N N 213 
LYS NZ  HZ1  sing N N 214 
LYS NZ  HZ2  sing N N 215 
LYS NZ  HZ3  sing N N 216 
LYS OXT HXT  sing N N 217 
MET N   CA   sing N N 218 
MET N   H    sing N N 219 
MET N   H2   sing N N 220 
MET CA  C    sing N N 221 
MET CA  CB   sing N N 222 
MET CA  HA   sing N N 223 
MET C   O    doub N N 224 
MET C   OXT  sing N N 225 
MET CB  CG   sing N N 226 
MET CB  HB2  sing N N 227 
MET CB  HB3  sing N N 228 
MET CG  SD   sing N N 229 
MET CG  HG2  sing N N 230 
MET CG  HG3  sing N N 231 
MET SD  CE   sing N N 232 
MET CE  HE1  sing N N 233 
MET CE  HE2  sing N N 234 
MET CE  HE3  sing N N 235 
MET OXT HXT  sing N N 236 
PHE N   CA   sing N N 237 
PHE N   H    sing N N 238 
PHE N   H2   sing N N 239 
PHE CA  C    sing N N 240 
PHE CA  CB   sing N N 241 
PHE CA  HA   sing N N 242 
PHE C   O    doub N N 243 
PHE C   OXT  sing N N 244 
PHE CB  CG   sing N N 245 
PHE CB  HB2  sing N N 246 
PHE CB  HB3  sing N N 247 
PHE CG  CD1  doub Y N 248 
PHE CG  CD2  sing Y N 249 
PHE CD1 CE1  sing Y N 250 
PHE CD1 HD1  sing N N 251 
PHE CD2 CE2  doub Y N 252 
PHE CD2 HD2  sing N N 253 
PHE CE1 CZ   doub Y N 254 
PHE CE1 HE1  sing N N 255 
PHE CE2 CZ   sing Y N 256 
PHE CE2 HE2  sing N N 257 
PHE CZ  HZ   sing N N 258 
PHE OXT HXT  sing N N 259 
PRO N   CA   sing N N 260 
PRO N   CD   sing N N 261 
PRO N   H    sing N N 262 
PRO CA  C    sing N N 263 
PRO CA  CB   sing N N 264 
PRO CA  HA   sing N N 265 
PRO C   O    doub N N 266 
PRO C   OXT  sing N N 267 
PRO CB  CG   sing N N 268 
PRO CB  HB2  sing N N 269 
PRO CB  HB3  sing N N 270 
PRO CG  CD   sing N N 271 
PRO CG  HG2  sing N N 272 
PRO CG  HG3  sing N N 273 
PRO CD  HD2  sing N N 274 
PRO CD  HD3  sing N N 275 
PRO OXT HXT  sing N N 276 
SER N   CA   sing N N 277 
SER N   H    sing N N 278 
SER N   H2   sing N N 279 
SER CA  C    sing N N 280 
SER CA  CB   sing N N 281 
SER CA  HA   sing N N 282 
SER C   O    doub N N 283 
SER C   OXT  sing N N 284 
SER CB  OG   sing N N 285 
SER CB  HB2  sing N N 286 
SER CB  HB3  sing N N 287 
SER OG  HG   sing N N 288 
SER OXT HXT  sing N N 289 
THR N   CA   sing N N 290 
THR N   H    sing N N 291 
THR N   H2   sing N N 292 
THR CA  C    sing N N 293 
THR CA  CB   sing N N 294 
THR CA  HA   sing N N 295 
THR C   O    doub N N 296 
THR C   OXT  sing N N 297 
THR CB  OG1  sing N N 298 
THR CB  CG2  sing N N 299 
THR CB  HB   sing N N 300 
THR OG1 HG1  sing N N 301 
THR CG2 HG21 sing N N 302 
THR CG2 HG22 sing N N 303 
THR CG2 HG23 sing N N 304 
THR OXT HXT  sing N N 305 
TRP N   CA   sing N N 306 
TRP N   H    sing N N 307 
TRP N   H2   sing N N 308 
TRP CA  C    sing N N 309 
TRP CA  CB   sing N N 310 
TRP CA  HA   sing N N 311 
TRP C   O    doub N N 312 
TRP C   OXT  sing N N 313 
TRP CB  CG   sing N N 314 
TRP CB  HB2  sing N N 315 
TRP CB  HB3  sing N N 316 
TRP CG  CD1  doub Y N 317 
TRP CG  CD2  sing Y N 318 
TRP CD1 NE1  sing Y N 319 
TRP CD1 HD1  sing N N 320 
TRP CD2 CE2  doub Y N 321 
TRP CD2 CE3  sing Y N 322 
TRP NE1 CE2  sing Y N 323 
TRP NE1 HE1  sing N N 324 
TRP CE2 CZ2  sing Y N 325 
TRP CE3 CZ3  doub Y N 326 
TRP CE3 HE3  sing N N 327 
TRP CZ2 CH2  doub Y N 328 
TRP CZ2 HZ2  sing N N 329 
TRP CZ3 CH2  sing Y N 330 
TRP CZ3 HZ3  sing N N 331 
TRP CH2 HH2  sing N N 332 
TRP OXT HXT  sing N N 333 
TYR N   CA   sing N N 334 
TYR N   H    sing N N 335 
TYR N   H2   sing N N 336 
TYR CA  C    sing N N 337 
TYR CA  CB   sing N N 338 
TYR CA  HA   sing N N 339 
TYR C   O    doub N N 340 
TYR C   OXT  sing N N 341 
TYR CB  CG   sing N N 342 
TYR CB  HB2  sing N N 343 
TYR CB  HB3  sing N N 344 
TYR CG  CD1  doub Y N 345 
TYR CG  CD2  sing Y N 346 
TYR CD1 CE1  sing Y N 347 
TYR CD1 HD1  sing N N 348 
TYR CD2 CE2  doub Y N 349 
TYR CD2 HD2  sing N N 350 
TYR CE1 CZ   doub Y N 351 
TYR CE1 HE1  sing N N 352 
TYR CE2 CZ   sing Y N 353 
TYR CE2 HE2  sing N N 354 
TYR CZ  OH   sing N N 355 
TYR OH  HH   sing N N 356 
TYR OXT HXT  sing N N 357 
VAL N   CA   sing N N 358 
VAL N   H    sing N N 359 
VAL N   H2   sing N N 360 
VAL CA  C    sing N N 361 
VAL CA  CB   sing N N 362 
VAL CA  HA   sing N N 363 
VAL C   O    doub N N 364 
VAL C   OXT  sing N N 365 
VAL CB  CG1  sing N N 366 
VAL CB  CG2  sing N N 367 
VAL CB  HB   sing N N 368 
VAL CG1 HG11 sing N N 369 
VAL CG1 HG12 sing N N 370 
VAL CG1 HG13 sing N N 371 
VAL CG2 HG21 sing N N 372 
VAL CG2 HG22 sing N N 373 
VAL CG2 HG23 sing N N 374 
VAL OXT HXT  sing N N 375 
# 
loop_
_pdbx_audit_support.funding_organization 
_pdbx_audit_support.country 
_pdbx_audit_support.grant_number 
_pdbx_audit_support.ordinal 
'Czech Science Foundation'                                      'Czech Republic' 15-18929S            1 
'Ministry of Education, Youth and Sports of the Czech Republic' 'Czech Republic' 'InterBioMed LO1302' 2 
'Czech Academy of Sciences'                                     'Czech Republic' RVO61388963          3 
# 
_atom_sites.entry_id                    5DVH 
_atom_sites.fract_transf_matrix[1][1]   -0.01193703 
_atom_sites.fract_transf_matrix[1][2]   0.00516076 
_atom_sites.fract_transf_matrix[1][3]   0.00107257 
_atom_sites.fract_transf_matrix[2][1]   0.00526964 
_atom_sites.fract_transf_matrix[2][2]   0.01162317 
_atom_sites.fract_transf_matrix[2][3]   0.00272200 
_atom_sites.fract_transf_matrix[3][1]   0.00008652 
_atom_sites.fract_transf_matrix[3][2]   0.00208761 
_atom_sites.fract_transf_matrix[3][3]   -0.00908175 
_atom_sites.fract_transf_vector[1]      -0.015715 
_atom_sites.fract_transf_vector[2]      0.271363 
_atom_sites.fract_transf_vector[3]      -0.034189 
# 
loop_
_atom_type.symbol 
C  
CL 
N  
O  
S  
# 
loop_
_atom_site.group_PDB 
_atom_site.id 
_atom_site.type_symbol 
_atom_site.label_atom_id 
_atom_site.label_alt_id 
_atom_site.label_comp_id 
_atom_site.label_asym_id 
_atom_site.label_entity_id 
_atom_site.label_seq_id 
_atom_site.pdbx_PDB_ins_code 
_atom_site.Cartn_x 
_atom_site.Cartn_y 
_atom_site.Cartn_z 
_atom_site.occupancy 
_atom_site.B_iso_or_equiv 
_atom_site.pdbx_formal_charge 
_atom_site.auth_seq_id 
_atom_site.auth_comp_id 
_atom_site.auth_asym_id 
_atom_site.auth_atom_id 
_atom_site.pdbx_PDB_model_num 
ATOM   1    N  N   . VAL A 1 1   ? -9.533  7.543   19.822  1.00 55.53 ? 2   VAL A N   1 
ATOM   2    C  CA  . VAL A 1 1   ? -8.312  6.690   19.790  1.00 54.71 ? 2   VAL A CA  1 
ATOM   3    C  C   . VAL A 1 1   ? -8.493  5.525   18.793  1.00 53.87 ? 2   VAL A C   1 
ATOM   4    O  O   . VAL A 1 1   ? -9.515  4.817   18.829  1.00 60.48 ? 2   VAL A O   1 
ATOM   5    C  CB  . VAL A 1 1   ? -7.993  6.140   21.197  1.00 52.77 ? 2   VAL A CB  1 
ATOM   6    C  CG1 . VAL A 1 1   ? -9.241  5.507   21.824  1.00 54.72 ? 2   VAL A CG1 1 
ATOM   7    C  CG2 . VAL A 1 1   ? -6.842  5.148   21.128  1.00 50.97 ? 2   VAL A CG2 1 
ATOM   8    N  N   . SER A 1 2   ? -7.499  5.313   17.924  1.00 47.85 ? 3   SER A N   1 
ATOM   9    C  CA  . SER A 1 2   ? -7.615  4.325   16.844  1.00 38.98 ? 3   SER A CA  1 
ATOM   10   C  C   . SER A 1 2   ? -6.981  3.010   17.236  1.00 31.66 ? 3   SER A C   1 
ATOM   11   O  O   . SER A 1 2   ? -5.859  2.963   17.714  1.00 31.79 ? 3   SER A O   1 
ATOM   12   C  CB  . SER A 1 2   ? -6.977  4.839   15.546  1.00 38.77 ? 3   SER A CB  1 
ATOM   13   O  OG  . SER A 1 2   ? -7.858  5.753   14.920  1.00 40.55 ? 3   SER A OG  1 
ATOM   14   N  N   . PRO A 1 3   ? -7.685  1.915   17.014  1.00 28.22 ? 4   PRO A N   1 
ATOM   15   C  CA  . PRO A 1 3   ? -7.067  0.684   17.435  1.00 29.24 ? 4   PRO A CA  1 
ATOM   16   C  C   . PRO A 1 3   ? -6.065  0.169   16.405  1.00 28.38 ? 4   PRO A C   1 
ATOM   17   O  O   . PRO A 1 3   ? -6.021  0.678   15.276  1.00 27.33 ? 4   PRO A O   1 
ATOM   18   C  CB  . PRO A 1 3   ? -8.247  -0.248  17.563  1.00 29.83 ? 4   PRO A CB  1 
ATOM   19   C  CG  . PRO A 1 3   ? -9.174  0.213   16.509  1.00 30.29 ? 4   PRO A CG  1 
ATOM   20   C  CD  . PRO A 1 3   ? -9.035  1.702   16.473  1.00 28.94 ? 4   PRO A CD  1 
ATOM   21   N  N   . PRO A 1 4   ? -5.265  -0.828  16.783  1.00 28.19 ? 5   PRO A N   1 
ATOM   22   C  CA  . PRO A 1 4   ? -4.316  -1.372  15.822  1.00 25.56 ? 5   PRO A CA  1 
ATOM   23   C  C   . PRO A 1 4   ? -5.015  -2.097  14.698  1.00 24.66 ? 5   PRO A C   1 
ATOM   24   O  O   . PRO A 1 4   ? -6.068  -2.769  14.909  1.00 21.96 ? 5   PRO A O   1 
ATOM   25   C  CB  . PRO A 1 4   ? -3.508  -2.380  16.635  1.00 27.13 ? 5   PRO A CB  1 
ATOM   26   C  CG  . PRO A 1 4   ? -4.385  -2.691  17.816  1.00 29.83 ? 5   PRO A CG  1 
ATOM   27   C  CD  . PRO A 1 4   ? -5.046  -1.396  18.130  1.00 30.14 ? 5   PRO A CD  1 
ATOM   28   N  N   . VAL A 1 5   ? -4.364  -2.053  13.534  1.00 21.90 ? 6   VAL A N   1 
ATOM   29   C  CA  . VAL A 1 5   ? -4.719  -2.933  12.429  1.00 21.65 ? 6   VAL A CA  1 
ATOM   30   C  C   . VAL A 1 5   ? -4.329  -4.322  12.873  1.00 23.11 ? 6   VAL A C   1 
ATOM   31   O  O   . VAL A 1 5   ? -3.260  -4.494  13.455  1.00 22.26 ? 6   VAL A O   1 
ATOM   32   C  CB  . VAL A 1 5   ? -3.947  -2.559  11.138  1.00 20.77 ? 6   VAL A CB  1 
ATOM   33   C  CG1 . VAL A 1 5   ? -4.251  -3.555  10.011  1.00 19.36 ? 6   VAL A CG1 1 
ATOM   34   C  CG2 . VAL A 1 5   ? -4.334  -1.111  10.714  1.00 18.49 ? 6   VAL A CG2 1 
ATOM   35   N  N   . LEU A 1 6   ? -5.169  -5.311  12.570  1.00 21.47 ? 7   LEU A N   1 
ATOM   36   C  CA  . LEU A 1 6   ? -4.897  -6.699  12.930  1.00 20.30 ? 7   LEU A CA  1 
ATOM   37   C  C   . LEU A 1 6   ? -4.623  -7.525  11.726  1.00 21.33 ? 7   LEU A C   1 
ATOM   38   O  O   . LEU A 1 6   ? -5.283  -7.332  10.670  1.00 22.87 ? 7   LEU A O   1 
ATOM   39   C  CB  . LEU A 1 6   ? -6.101  -7.278  13.658  1.00 20.93 ? 7   LEU A CB  1 
ATOM   40   C  CG  . LEU A 1 6   ? -6.609  -6.562  14.904  1.00 24.33 ? 7   LEU A CG  1 
ATOM   41   C  CD1 . LEU A 1 6   ? -7.742  -7.397  15.524  1.00 24.29 ? 7   LEU A CD1 1 
ATOM   42   C  CD2 . LEU A 1 6   ? -5.469  -6.290  15.896  1.00 22.21 ? 7   LEU A CD2 1 
ATOM   43   N  N   . ASP A 1 7   ? -3.698  -8.471  11.841  1.00 21.91 ? 8   ASP A N   1 
ATOM   44   C  CA  . ASP A 1 7   ? -3.475  -9.469  10.799  1.00 20.98 ? 8   ASP A CA  1 
ATOM   45   C  C   . ASP A 1 7   ? -4.582  -10.531 10.796  1.00 21.70 ? 8   ASP A C   1 
ATOM   46   O  O   . ASP A 1 7   ? -5.531  -10.477 11.584  1.00 22.45 ? 8   ASP A O   1 
ATOM   47   C  CB  . ASP A 1 7   ? -2.056  -10.062 10.863  1.00 21.13 ? 8   ASP A CB  1 
ATOM   48   C  CG  . ASP A 1 7   ? -1.806  -10.965 12.099  1.00 23.06 ? 8   ASP A CG  1 
ATOM   49   O  OD1 . ASP A 1 7   ? -2.763  -11.468 12.705  1.00 24.72 ? 8   ASP A OD1 1 
ATOM   50   O  OD2 . ASP A 1 7   ? -0.614  -11.126 12.435  1.00 23.96 ? 8   ASP A OD2 1 
ATOM   51   N  N   . MET A 1 8   ? -4.462  -11.491 9.896   1.00 24.99 ? 9   MET A N   1 
ATOM   52   C  CA  A MET A 1 8   ? -5.546  -12.452 9.732   0.50 27.78 ? 9   MET A CA  1 
ATOM   53   C  CA  B MET A 1 8   ? -5.473  -12.530 9.682   0.50 26.40 ? 9   MET A CA  1 
ATOM   54   C  C   . MET A 1 8   ? -5.633  -13.425 10.918  1.00 29.13 ? 9   MET A C   1 
ATOM   55   O  O   . MET A 1 8   ? -6.636  -14.103 11.074  1.00 29.53 ? 9   MET A O   1 
ATOM   56   C  CB  A MET A 1 8   ? -5.433  -13.147 8.381   0.50 29.75 ? 9   MET A CB  1 
ATOM   57   C  CB  B MET A 1 8   ? -5.076  -13.385 8.472   0.50 26.17 ? 9   MET A CB  1 
ATOM   58   C  CG  A MET A 1 8   ? -5.769  -12.177 7.244   0.50 31.94 ? 9   MET A CG  1 
ATOM   59   C  CG  B MET A 1 8   ? -5.118  -12.648 7.137   0.50 26.30 ? 9   MET A CG  1 
ATOM   60   S  SD  A MET A 1 8   ? -5.404  -12.781 5.588   0.50 35.40 ? 9   MET A SD  1 
ATOM   61   S  SD  B MET A 1 8   ? -6.759  -11.976 6.794   0.50 25.71 ? 9   MET A SD  1 
ATOM   62   C  CE  A MET A 1 8   ? -6.646  -14.059 5.430   0.50 32.56 ? 9   MET A CE  1 
ATOM   63   C  CE  B MET A 1 8   ? -7.691  -13.498 6.629   0.50 28.40 ? 9   MET A CE  1 
ATOM   64   N  N   . ASP A 1 9   ? -4.616  -13.432 11.790  1.00 29.59 ? 10  ASP A N   1 
ATOM   65   C  CA  . ASP A 1 9   ? -4.698  -14.172 13.057  1.00 30.48 ? 10  ASP A CA  1 
ATOM   66   C  C   . ASP A 1 9   ? -5.237  -13.314 14.173  1.00 30.42 ? 10  ASP A C   1 
ATOM   67   O  O   . ASP A 1 9   ? -5.280  -13.760 15.313  1.00 30.62 ? 10  ASP A O   1 
ATOM   68   C  CB  . ASP A 1 9   ? -3.320  -14.734 13.468  1.00 32.00 ? 10  ASP A CB  1 
ATOM   69   C  CG  . ASP A 1 9   ? -2.779  -15.714 12.476  1.00 32.96 ? 10  ASP A CG  1 
ATOM   70   O  OD1 . ASP A 1 9   ? -3.563  -16.563 12.030  1.00 35.00 ? 10  ASP A OD1 1 
ATOM   71   O  OD2 . ASP A 1 9   ? -1.597  -15.614 12.085  1.00 36.62 ? 10  ASP A OD2 1 
ATOM   72   N  N   . GLY A 1 10  ? -5.621  -12.068 13.897  1.00 26.16 ? 11  GLY A N   1 
ATOM   73   C  CA  . GLY A 1 10  ? -6.145  -11.210 14.960  1.00 24.37 ? 11  GLY A CA  1 
ATOM   74   C  C   . GLY A 1 10  ? -5.053  -10.575 15.811  1.00 23.26 ? 11  GLY A C   1 
ATOM   75   O  O   . GLY A 1 10  ? -5.350  -9.948  16.835  1.00 22.73 ? 11  GLY A O   1 
ATOM   76   N  N   . GLU A 1 11  ? -3.818  -10.658 15.342  1.00 24.06 ? 12  GLU A N   1 
ATOM   77   C  CA  . GLU A 1 11  ? -2.671  -10.033 16.022  1.00 27.54 ? 12  GLU A CA  1 
ATOM   78   C  C   . GLU A 1 11  ? -2.328  -8.650  15.418  1.00 27.79 ? 12  GLU A C   1 
ATOM   79   O  O   . GLU A 1 11  ? -2.407  -8.470  14.195  1.00 23.68 ? 12  GLU A O   1 
ATOM   80   C  CB  . GLU A 1 11  ? -1.459  -10.939 15.934  1.00 27.39 ? 12  GLU A CB  1 
ATOM   81   C  CG  . GLU A 1 11  ? -1.648  -12.275 16.658  1.00 31.10 ? 12  GLU A CG  1 
ATOM   82   C  CD  . GLU A 1 11  ? -1.817  -12.102 18.154  1.00 35.53 ? 12  GLU A CD  1 
ATOM   83   O  OE1 . GLU A 1 11  ? -1.152  -11.214 18.737  1.00 35.25 ? 12  GLU A OE1 1 
ATOM   84   O  OE2 . GLU A 1 11  ? -2.621  -12.845 18.763  1.00 37.37 ? 12  GLU A OE2 1 
ATOM   85   N  N   . PRO A 1 12  ? -1.963  -7.681  16.272  1.00 27.18 ? 13  PRO A N   1 
ATOM   86   C  CA  . PRO A 1 12  ? -1.658  -6.327  15.755  1.00 26.71 ? 13  PRO A CA  1 
ATOM   87   C  C   . PRO A 1 12  ? -0.519  -6.350  14.766  1.00 24.68 ? 13  PRO A C   1 
ATOM   88   O  O   . PRO A 1 12  ? 0.414   -7.120  14.892  1.00 25.15 ? 13  PRO A O   1 
ATOM   89   C  CB  . PRO A 1 12  ? -1.271  -5.523  17.004  1.00 30.33 ? 13  PRO A CB  1 
ATOM   90   C  CG  . PRO A 1 12  ? -1.732  -6.344  18.172  1.00 32.93 ? 13  PRO A CG  1 
ATOM   91   C  CD  . PRO A 1 12  ? -1.839  -7.769  17.737  1.00 30.55 ? 13  PRO A CD  1 
ATOM   92   N  N   . LEU A 1 13  ? -0.623  -5.508  13.749  1.00 23.36 ? 14  LEU A N   1 
ATOM   93   C  CA  . LEU A 1 13  ? 0.370   -5.381  12.724  1.00 22.88 ? 14  LEU A CA  1 
ATOM   94   C  C   . LEU A 1 13  ? 1.584   -4.658  13.340  1.00 23.17 ? 14  LEU A C   1 
ATOM   95   O  O   . LEU A 1 13  ? 1.465   -3.518  13.781  1.00 23.06 ? 14  LEU A O   1 
ATOM   96   C  CB  . LEU A 1 13  ? -0.219  -4.476  11.607  1.00 25.45 ? 14  LEU A CB  1 
ATOM   97   C  CG  . LEU A 1 13  ? 0.182   -4.683  10.174  1.00 29.49 ? 14  LEU A CG  1 
ATOM   98   C  CD1 . LEU A 1 13  ? -0.240  -6.092  9.805   1.00 30.45 ? 14  LEU A CD1 1 
ATOM   99   C  CD2 . LEU A 1 13  ? -0.489  -3.615  9.287   1.00 25.38 ? 14  LEU A CD2 1 
ATOM   100  N  N   . LYS A 1 14  ? 2.734   -5.314  13.299  1.00 22.89 ? 15  LYS A N   1 
ATOM   101  C  CA  . LYS A 1 14  ? 3.976   -4.782  13.859  1.00 23.03 ? 15  LYS A CA  1 
ATOM   102  C  C   . LYS A 1 14  ? 4.797   -4.109  12.761  1.00 22.44 ? 15  LYS A C   1 
ATOM   103  O  O   . LYS A 1 14  ? 4.917   -4.626  11.669  1.00 22.38 ? 15  LYS A O   1 
ATOM   104  C  CB  . LYS A 1 14  ? 4.791   -5.941  14.441  1.00 25.57 ? 15  LYS A CB  1 
ATOM   105  C  CG  . LYS A 1 14  ? 4.092   -6.704  15.570  1.00 28.21 ? 15  LYS A CG  1 
ATOM   106  C  CD  . LYS A 1 14  ? 4.856   -7.971  15.912  1.00 31.01 ? 15  LYS A CD  1 
ATOM   107  C  CE  . LYS A 1 14  ? 4.255   -8.811  17.037  1.00 37.69 ? 15  LYS A CE  1 
ATOM   108  N  NZ  . LYS A 1 14  ? 3.947   -8.011  18.243  1.00 46.16 ? 15  LYS A NZ  1 
ATOM   109  N  N   . ILE A 1 15  ? 5.401   -2.983  13.093  1.00 22.93 ? 16  ILE A N   1 
ATOM   110  C  CA  . ILE A 1 15  ? 6.351   -2.298  12.201  1.00 24.20 ? 16  ILE A CA  1 
ATOM   111  C  C   . ILE A 1 15  ? 7.546   -3.172  11.942  1.00 24.80 ? 16  ILE A C   1 
ATOM   112  O  O   . ILE A 1 15  ? 7.956   -3.975  12.813  1.00 26.19 ? 16  ILE A O   1 
ATOM   113  C  CB  . ILE A 1 15  ? 6.799   -0.916  12.752  1.00 26.17 ? 16  ILE A CB  1 
ATOM   114  C  CG1 . ILE A 1 15  ? 7.667   -1.064  14.030  1.00 29.29 ? 16  ILE A CG1 1 
ATOM   115  C  CG2 . ILE A 1 15  ? 5.581   -0.028  12.963  1.00 25.67 ? 16  ILE A CG2 1 
ATOM   116  C  CD1 . ILE A 1 15  ? 7.804   0.189   14.875  1.00 33.32 ? 16  ILE A CD1 1 
ATOM   117  N  N   . ASP A 1 16  ? 8.108   -3.012  10.750  1.00 24.06 ? 17  ASP A N   1 
ATOM   118  C  CA  . ASP A 1 16  ? 9.320   -3.678  10.306  1.00 26.40 ? 17  ASP A CA  1 
ATOM   119  C  C   . ASP A 1 16  ? 9.264   -5.178  10.428  1.00 28.48 ? 17  ASP A C   1 
ATOM   120  O  O   . ASP A 1 16  ? 10.262  -5.799  10.797  1.00 27.09 ? 17  ASP A O   1 
ATOM   121  C  CB  . ASP A 1 16  ? 10.526  -3.130  11.131  1.00 27.91 ? 17  ASP A CB  1 
ATOM   122  C  CG  . ASP A 1 16  ? 11.895  -3.443  10.504  1.00 30.30 ? 17  ASP A CG  1 
ATOM   123  O  OD1 . ASP A 1 16  ? 12.046  -3.572  9.275   1.00 28.62 ? 17  ASP A OD1 1 
ATOM   124  O  OD2 . ASP A 1 16  ? 12.867  -3.553  11.277  1.00 32.35 ? 17  ASP A OD2 1 
ATOM   125  N  N   . GLU A 1 17  ? 8.115   -5.782  10.119  1.00 25.25 ? 18  GLU A N   1 
ATOM   126  C  CA  . GLU A 1 17  ? 8.018   -7.230  10.026  1.00 27.23 ? 18  GLU A CA  1 
ATOM   127  C  C   . GLU A 1 17  ? 7.231   -7.569  8.776   1.00 27.05 ? 18  GLU A C   1 
ATOM   128  O  O   . GLU A 1 17  ? 6.360   -6.795  8.380   1.00 24.07 ? 18  GLU A O   1 
ATOM   129  C  CB  . GLU A 1 17  ? 7.386   -7.800  11.298  1.00 28.83 ? 18  GLU A CB  1 
ATOM   130  C  CG  . GLU A 1 17  ? 8.285   -7.533  12.513  1.00 30.30 ? 18  GLU A CG  1 
ATOM   131  C  CD  . GLU A 1 17  ? 7.859   -8.220  13.801  1.00 32.81 ? 18  GLU A CD  1 
ATOM   132  O  OE1 . GLU A 1 17  ? 7.141   -9.247  13.744  1.00 32.16 ? 18  GLU A OE1 1 
ATOM   133  O  OE2 . GLU A 1 17  ? 8.271   -7.712  14.875  1.00 32.21 ? 18  GLU A OE2 1 
ATOM   134  N  N   . GLU A 1 18  ? 7.558   -8.686  8.147   1.00 26.63 ? 19  GLU A N   1 
ATOM   135  C  CA  . GLU A 1 18  ? 6.955   -9.028  6.869   1.00 28.20 ? 19  GLU A CA  1 
ATOM   136  C  C   . GLU A 1 18  ? 5.518   -9.502  6.961   1.00 26.75 ? 19  GLU A C   1 
ATOM   137  O  O   . GLU A 1 18  ? 5.158   -10.373 7.762   1.00 24.02 ? 19  GLU A O   1 
ATOM   138  C  CB  . GLU A 1 18  ? 7.794   -10.052 6.134   1.00 30.28 ? 19  GLU A CB  1 
ATOM   139  C  CG  . GLU A 1 18  ? 9.145   -9.513  5.735   1.00 33.06 ? 19  GLU A CG  1 
ATOM   140  C  CD  . GLU A 1 18  ? 9.923   -10.533 4.929   1.00 35.08 ? 19  GLU A CD  1 
ATOM   141  O  OE1 . GLU A 1 18  ? 9.474   -11.670 4.811   1.00 35.24 ? 19  GLU A OE1 1 
ATOM   142  O  OE2 . GLU A 1 18  ? 10.969  -10.189 4.391   1.00 41.31 ? 19  GLU A OE2 1 
ATOM   143  N  N   . TYR A 1 19  ? 4.678   -8.908  6.114   1.00 23.75 ? 20  TYR A N   1 
ATOM   144  C  CA  . TYR A 1 19  ? 3.317   -9.379  5.907   1.00 22.18 ? 20  TYR A CA  1 
ATOM   145  C  C   . TYR A 1 19  ? 3.022   -9.421  4.428   1.00 23.73 ? 20  TYR A C   1 
ATOM   146  O  O   . TYR A 1 19  ? 3.475   -8.524  3.690   1.00 23.68 ? 20  TYR A O   1 
ATOM   147  C  CB  . TYR A 1 19  ? 2.297   -8.457  6.553   1.00 22.76 ? 20  TYR A CB  1 
ATOM   148  C  CG  . TYR A 1 19  ? 2.365   -8.357  8.055   1.00 21.18 ? 20  TYR A CG  1 
ATOM   149  C  CD1 . TYR A 1 19  ? 3.276   -7.503  8.656   1.00 21.11 ? 20  TYR A CD1 1 
ATOM   150  C  CD2 . TYR A 1 19  ? 1.532   -9.123  8.872   1.00 21.60 ? 20  TYR A CD2 1 
ATOM   151  C  CE1 . TYR A 1 19  ? 3.352   -7.390  10.016  1.00 21.31 ? 20  TYR A CE1 1 
ATOM   152  C  CE2 . TYR A 1 19  ? 1.601   -9.010  10.252  1.00 20.63 ? 20  TYR A CE2 1 
ATOM   153  C  CZ  . TYR A 1 19  ? 2.557   -8.157  10.809  1.00 21.47 ? 20  TYR A CZ  1 
ATOM   154  O  OH  . TYR A 1 19  ? 2.687   -8.003  12.160  1.00 22.91 ? 20  TYR A OH  1 
ATOM   155  N  N   . SER A 1 20  ? 2.272   -10.440 4.003   1.00 23.86 ? 21  SER A N   1 
ATOM   156  C  CA  . SER A 1 20  ? 1.734   -10.520 2.639   1.00 23.57 ? 21  SER A CA  1 
ATOM   157  C  C   . SER A 1 20  ? 0.367   -9.845  2.652   1.00 21.83 ? 21  SER A C   1 
ATOM   158  O  O   . SER A 1 20  ? -0.437  -10.009 3.582   1.00 20.53 ? 21  SER A O   1 
ATOM   159  C  CB  . SER A 1 20  ? 1.577   -11.975 2.192   1.00 26.52 ? 21  SER A CB  1 
ATOM   160  O  OG  . SER A 1 20  ? 2.861   -12.555 2.052   1.00 26.91 ? 21  SER A OG  1 
ATOM   161  N  N   . ILE A 1 21  ? 0.112   -9.071  1.614   1.00 22.03 ? 22  ILE A N   1 
ATOM   162  C  CA  . ILE A 1 21  ? -1.181  -8.431  1.435   1.00 21.05 ? 22  ILE A CA  1 
ATOM   163  C  C   . ILE A 1 21  ? -2.012  -9.298  0.495   1.00 20.98 ? 22  ILE A C   1 
ATOM   164  O  O   . ILE A 1 21  ? -1.634  -9.507  -0.646  1.00 21.73 ? 22  ILE A O   1 
ATOM   165  C  CB  . ILE A 1 21  ? -1.046  -7.023  0.844   1.00 19.94 ? 22  ILE A CB  1 
ATOM   166  C  CG1 . ILE A 1 21  ? -0.086  -6.185  1.698   1.00 20.30 ? 22  ILE A CG1 1 
ATOM   167  C  CG2 . ILE A 1 21  ? -2.417  -6.363  0.826   1.00 19.02 ? 22  ILE A CG2 1 
ATOM   168  C  CD1 . ILE A 1 21  ? 0.071   -4.739  1.265   1.00 20.55 ? 22  ILE A CD1 1 
ATOM   169  N  N   . ILE A 1 22  ? -3.127  -9.788  1.025   1.00 21.95 ? 23  ILE A N   1 
ATOM   170  C  CA  A ILE A 1 22  ? -3.950  -10.835 0.427   0.50 22.24 ? 23  ILE A CA  1 
ATOM   171  C  CA  B ILE A 1 22  ? -3.918  -10.788 0.323   0.50 21.80 ? 23  ILE A CA  1 
ATOM   172  C  C   . ILE A 1 22  ? -5.322  -10.271 0.106   1.00 21.29 ? 23  ILE A C   1 
ATOM   173  O  O   . ILE A 1 22  ? -5.886  -9.586  0.950   1.00 22.55 ? 23  ILE A O   1 
ATOM   174  C  CB  A ILE A 1 22  ? -4.173  -11.966 1.465   0.50 22.50 ? 23  ILE A CB  1 
ATOM   175  C  CB  B ILE A 1 22  ? -3.959  -12.152 1.063   0.50 22.02 ? 23  ILE A CB  1 
ATOM   176  C  CG1 A ILE A 1 22  ? -2.833  -12.497 1.986   0.50 23.71 ? 23  ILE A CG1 1 
ATOM   177  C  CG1 B ILE A 1 22  ? -4.523  -12.035 2.481   0.50 21.12 ? 23  ILE A CG1 1 
ATOM   178  C  CG2 A ILE A 1 22  ? -4.974  -13.107 0.863   0.50 23.46 ? 23  ILE A CG2 1 
ATOM   179  C  CG2 B ILE A 1 22  ? -2.566  -12.774 1.104   0.50 22.06 ? 23  ILE A CG2 1 
ATOM   180  C  CD1 A ILE A 1 22  ? -1.831  -12.736 0.879   0.50 24.24 ? 23  ILE A CD1 1 
ATOM   181  C  CD1 B ILE A 1 22  ? -4.604  -13.370 3.216   0.50 22.66 ? 23  ILE A CD1 1 
ATOM   182  N  N   . SER A 1 23  ? -5.875  -10.593 -1.064  1.00 21.93 ? 24  SER A N   1 
ATOM   183  C  CA  . SER A 1 23  ? -7.240  -10.199 -1.429  1.00 22.41 ? 24  SER A CA  1 
ATOM   184  C  C   . SER A 1 23  ? -8.197  -11.082 -0.659  1.00 22.82 ? 24  SER A C   1 
ATOM   185  O  O   . SER A 1 23  ? -8.158  -12.308 -0.772  1.00 24.58 ? 24  SER A O   1 
ATOM   186  C  CB  . SER A 1 23  ? -7.506  -10.363 -2.956  1.00 22.14 ? 24  SER A CB  1 
ATOM   187  O  OG  . SER A 1 23  ? -6.526  -9.740  -3.784  1.00 23.33 ? 24  SER A OG  1 
ATOM   188  N  N   . ILE A 1 24  ? -9.052  -10.476 0.140   1.00 21.47 ? 25  ILE A N   1 
ATOM   189  C  CA  . ILE A 1 24  ? -10.072 -11.208 0.844   1.00 23.94 ? 25  ILE A CA  1 
ATOM   190  C  C   . ILE A 1 24  ? -11.372 -10.405 0.890   1.00 23.38 ? 25  ILE A C   1 
ATOM   191  O  O   . ILE A 1 24  ? -11.337 -9.151  0.799   1.00 24.89 ? 25  ILE A O   1 
ATOM   192  C  CB  . ILE A 1 24  ? -9.636  -11.511 2.284   1.00 24.37 ? 25  ILE A CB  1 
ATOM   193  C  CG1 . ILE A 1 24  ? -9.384  -10.221 3.071   1.00 24.65 ? 25  ILE A CG1 1 
ATOM   194  C  CG2 . ILE A 1 24  ? -8.423  -12.422 2.285   1.00 26.01 ? 25  ILE A CG2 1 
ATOM   195  C  CD1 . ILE A 1 24  ? -9.234  -10.434 4.570   1.00 27.24 ? 25  ILE A CD1 1 
ATOM   196  N  N   . PRO A 1 25  ? -12.505 -11.091 1.105   1.00 24.36 ? 26  PRO A N   1 
ATOM   197  C  CA  . PRO A 1 25  ? -12.722 -12.538 1.206   1.00 23.82 ? 26  PRO A CA  1 
ATOM   198  C  C   . PRO A 1 25  ? -13.384 -13.134 -0.034  1.00 25.48 ? 26  PRO A C   1 
ATOM   199  O  O   . PRO A 1 25  ? -13.950 -14.237 0.055   1.00 25.18 ? 26  PRO A O   1 
ATOM   200  C  CB  . PRO A 1 25  ? -13.683 -12.626 2.390   1.00 26.14 ? 26  PRO A CB  1 
ATOM   201  C  CG  . PRO A 1 25  ? -14.550 -11.427 2.209   1.00 25.68 ? 26  PRO A CG  1 
ATOM   202  C  CD  . PRO A 1 25  ? -13.665 -10.351 1.647   1.00 25.10 ? 26  PRO A CD  1 
ATOM   203  N  N   . PHE A 1 26  ? -13.350 -12.427 -1.166  1.00 24.00 ? 27  PHE A N   1 
ATOM   204  C  CA  . PHE A 1 26  ? -14.221 -12.807 -2.302  1.00 25.53 ? 27  PHE A CA  1 
ATOM   205  C  C   . PHE A 1 26  ? -13.480 -13.308 -3.527  1.00 26.17 ? 27  PHE A C   1 
ATOM   206  O  O   . PHE A 1 26  ? -14.092 -13.448 -4.630  1.00 27.49 ? 27  PHE A O   1 
ATOM   207  C  CB  . PHE A 1 26  ? -15.141 -11.631 -2.695  1.00 23.31 ? 27  PHE A CB  1 
ATOM   208  C  CG  . PHE A 1 26  ? -15.949 -11.077 -1.543  1.00 23.02 ? 27  PHE A CG  1 
ATOM   209  C  CD1 . PHE A 1 26  ? -16.871 -11.879 -0.870  1.00 22.22 ? 27  PHE A CD1 1 
ATOM   210  C  CD2 . PHE A 1 26  ? -15.827 -9.734  -1.168  1.00 22.69 ? 27  PHE A CD2 1 
ATOM   211  C  CE1 . PHE A 1 26  ? -17.614 -11.379 0.191   1.00 23.84 ? 27  PHE A CE1 1 
ATOM   212  C  CE2 . PHE A 1 26  ? -16.552 -9.230  -0.111  1.00 23.94 ? 27  PHE A CE2 1 
ATOM   213  C  CZ  . PHE A 1 26  ? -17.463 -10.034 0.567   1.00 22.85 ? 27  PHE A CZ  1 
ATOM   214  N  N   . GLY A 1 27  ? -12.197 -13.611 -3.349  1.00 26.33 ? 28  GLY A N   1 
ATOM   215  C  CA  . GLY A 1 27  ? -11.381 -14.147 -4.439  1.00 28.41 ? 28  GLY A CA  1 
ATOM   216  C  C   . GLY A 1 27  ? -10.218 -13.235 -4.733  1.00 29.20 ? 28  GLY A C   1 
ATOM   217  O  O   . GLY A 1 27  ? -10.099 -12.172 -4.151  1.00 31.90 ? 28  GLY A O   1 
ATOM   218  N  N   . GLY A 1 28  ? -9.364  -13.644 -5.661  1.00 27.02 ? 29  GLY A N   1 
ATOM   219  C  CA  . GLY A 1 28  ? -8.156  -12.888 -5.981  1.00 26.26 ? 29  GLY A CA  1 
ATOM   220  C  C   . GLY A 1 28  ? -6.961  -13.370 -5.170  1.00 25.67 ? 29  GLY A C   1 
ATOM   221  O  O   . GLY A 1 28  ? -7.124  -14.097 -4.201  1.00 26.52 ? 29  GLY A O   1 
ATOM   222  N  N   . GLY A 1 29  ? -5.772  -12.882 -5.540  1.00 27.62 ? 30  GLY A N   1 
ATOM   223  C  CA  . GLY A 1 29  ? -4.534  -13.346 -4.951  1.00 27.18 ? 30  GLY A CA  1 
ATOM   224  C  C   . GLY A 1 29  ? -3.843  -12.248 -4.171  1.00 26.08 ? 30  GLY A C   1 
ATOM   225  O  O   . GLY A 1 29  ? -4.469  -11.309 -3.669  1.00 28.57 ? 30  GLY A O   1 
ATOM   226  N  N   . SER A 1 30  ? -2.530  -12.371 -4.097  1.00 26.59 ? 31  SER A N   1 
ATOM   227  C  CA  . SER A 1 30  ? -1.696  -11.485 -3.308  1.00 24.67 ? 31  SER A CA  1 
ATOM   228  C  C   . SER A 1 30  ? -1.194  -10.318 -4.083  1.00 22.61 ? 31  SER A C   1 
ATOM   229  O  O   . SER A 1 30  ? -1.130  -10.322 -5.307  1.00 22.67 ? 31  SER A O   1 
ATOM   230  C  CB  . SER A 1 30  ? -0.451  -12.252 -2.840  1.00 27.70 ? 31  SER A CB  1 
ATOM   231  O  OG  . SER A 1 30  ? -0.893  -13.354 -2.125  1.00 32.32 ? 31  SER A OG  1 
ATOM   232  N  N   . VAL A 1 31  ? -0.797  -9.297  -3.337  1.00 20.88 ? 32  VAL A N   1 
ATOM   233  C  CA  . VAL A 1 31  ? -0.103  -8.190  -3.913  1.00 20.02 ? 32  VAL A CA  1 
ATOM   234  C  C   . VAL A 1 31  ? 1.364   -8.585  -4.109  1.00 21.59 ? 32  VAL A C   1 
ATOM   235  O  O   . VAL A 1 31  ? 1.948   -9.301  -3.251  1.00 22.01 ? 32  VAL A O   1 
ATOM   236  C  CB  . VAL A 1 31  ? -0.237  -6.966  -2.999  1.00 20.52 ? 32  VAL A CB  1 
ATOM   237  C  CG1 . VAL A 1 31  ? 0.674   -5.861  -3.493  1.00 19.74 ? 32  VAL A CG1 1 
ATOM   238  C  CG2 . VAL A 1 31  ? -1.703  -6.536  -2.960  1.00 18.80 ? 32  VAL A CG2 1 
ATOM   239  N  N   . TYR A 1 32  ? 1.940   -8.176  -5.234  1.00 21.68 ? 33  TYR A N   1 
ATOM   240  C  CA  . TYR A 1 32  ? 3.340   -8.467  -5.550  1.00 23.47 ? 33  TYR A CA  1 
ATOM   241  C  C   . TYR A 1 32  ? 3.927   -7.388  -6.430  1.00 22.25 ? 33  TYR A C   1 
ATOM   242  O  O   . TYR A 1 32  ? 3.211   -6.508  -6.911  1.00 23.96 ? 33  TYR A O   1 
ATOM   243  C  CB  . TYR A 1 32  ? 3.503   -9.881  -6.161  1.00 24.58 ? 33  TYR A CB  1 
ATOM   244  C  CG  . TYR A 1 32  ? 3.060   -10.027 -7.602  1.00 25.38 ? 33  TYR A CG  1 
ATOM   245  C  CD1 . TYR A 1 32  ? 1.714   -10.118 -7.927  1.00 26.63 ? 33  TYR A CD1 1 
ATOM   246  C  CD2 . TYR A 1 32  ? 3.980   -10.136 -8.628  1.00 28.95 ? 33  TYR A CD2 1 
ATOM   247  C  CE1 . TYR A 1 32  ? 1.297   -10.249 -9.235  1.00 26.87 ? 33  TYR A CE1 1 
ATOM   248  C  CE2 . TYR A 1 32  ? 3.574   -10.277 -9.947  1.00 28.73 ? 33  TYR A CE2 1 
ATOM   249  C  CZ  . TYR A 1 32  ? 2.220   -10.338 -10.236 1.00 29.76 ? 33  TYR A CZ  1 
ATOM   250  O  OH  . TYR A 1 32  ? 1.779   -10.484 -11.530 1.00 29.94 ? 33  TYR A OH  1 
ATOM   251  N  N   . LEU A 1 33  ? 5.255   -7.423  -6.567  1.00 21.71 ? 34  LEU A N   1 
ATOM   252  C  CA  . LEU A 1 33  ? 6.051   -6.479  -7.300  1.00 22.97 ? 34  LEU A CA  1 
ATOM   253  C  C   . LEU A 1 33  ? 6.311   -7.032  -8.693  1.00 25.41 ? 34  LEU A C   1 
ATOM   254  O  O   . LEU A 1 33  ? 6.830   -8.143  -8.839  1.00 23.54 ? 34  LEU A O   1 
ATOM   255  C  CB  . LEU A 1 33  ? 7.399   -6.310  -6.582  1.00 23.41 ? 34  LEU A CB  1 
ATOM   256  C  CG  . LEU A 1 33  ? 8.446   -5.408  -7.193  1.00 23.57 ? 34  LEU A CG  1 
ATOM   257  C  CD1 . LEU A 1 33  ? 7.888   -3.992  -7.421  1.00 24.31 ? 34  LEU A CD1 1 
ATOM   258  C  CD2 . LEU A 1 33  ? 9.627   -5.386  -6.242  1.00 26.48 ? 34  LEU A CD2 1 
ATOM   259  N  N   . ALA A 1 34  ? 5.919   -6.288  -9.713  1.00 23.13 ? 35  ALA A N   1 
ATOM   260  C  CA  . ALA A 1 34  ? 6.023   -6.747  -11.096 1.00 25.81 ? 35  ALA A CA  1 
ATOM   261  C  C   . ALA A 1 34  ? 6.767   -5.710  -11.914 1.00 28.10 ? 35  ALA A C   1 
ATOM   262  O  O   . ALA A 1 34  ? 6.748   -4.530  -11.575 1.00 27.74 ? 35  ALA A O   1 
ATOM   263  C  CB  . ALA A 1 34  ? 4.636   -6.971  -11.667 1.00 24.62 ? 35  ALA A CB  1 
ATOM   264  N  N   . ASN A 1 35  ? 7.393   -6.136  -13.017 1.00 27.16 ? 36  ASN A N   1 
ATOM   265  C  CA  . ASN A 1 35  ? 8.048   -5.205  -13.903 1.00 30.06 ? 36  ASN A CA  1 
ATOM   266  C  C   . ASN A 1 35  ? 7.062   -4.890  -15.005 1.00 32.34 ? 36  ASN A C   1 
ATOM   267  O  O   . ASN A 1 35  ? 6.609   -5.798  -15.686 1.00 35.06 ? 36  ASN A O   1 
ATOM   268  C  CB  . ASN A 1 35  ? 9.346   -5.795  -14.506 1.00 31.14 ? 36  ASN A CB  1 
ATOM   269  C  CG  . ASN A 1 35  ? 10.214  -4.742  -15.141 1.00 32.31 ? 36  ASN A CG  1 
ATOM   270  O  OD1 . ASN A 1 35  ? 9.770   -3.996  -16.006 1.00 34.63 ? 36  ASN A OD1 1 
ATOM   271  N  ND2 . ASN A 1 35  ? 11.463  -4.635  -14.674 1.00 36.27 ? 36  ASN A ND2 1 
ATOM   272  N  N   . LEU A 1 36  ? 6.745   -3.619  -15.192 1.00 31.27 ? 37  LEU A N   1 
ATOM   273  C  CA  . LEU A 1 36  ? 5.657   -3.233  -16.073 1.00 37.35 ? 37  LEU A CA  1 
ATOM   274  C  C   . LEU A 1 36  ? 6.067   -2.997  -17.518 1.00 41.00 ? 37  LEU A C   1 
ATOM   275  O  O   . LEU A 1 36  ? 5.218   -3.037  -18.398 1.00 45.68 ? 37  LEU A O   1 
ATOM   276  C  CB  . LEU A 1 36  ? 4.957   -1.972  -15.567 1.00 34.72 ? 37  LEU A CB  1 
ATOM   277  C  CG  . LEU A 1 36  ? 4.295   -2.069  -14.193 1.00 35.48 ? 37  LEU A CG  1 
ATOM   278  C  CD1 . LEU A 1 36  ? 3.535   -0.788  -13.905 1.00 34.93 ? 37  LEU A CD1 1 
ATOM   279  C  CD2 . LEU A 1 36  ? 3.366   -3.263  -14.104 1.00 37.14 ? 37  LEU A CD2 1 
ATOM   280  N  N   . GLY A 1 37  ? 7.331   -2.687  -17.765 1.00 50.01 ? 38  GLY A N   1 
ATOM   281  C  CA  . GLY A 1 37  ? 7.770   -2.409  -19.135 1.00 52.31 ? 38  GLY A CA  1 
ATOM   282  C  C   . GLY A 1 37  ? 9.263   -2.510  -19.271 1.00 56.91 ? 38  GLY A C   1 
ATOM   283  O  O   . GLY A 1 37  ? 9.923   -1.508  -19.568 1.00 60.89 ? 38  GLY A O   1 
ATOM   284  N  N   . ASN A 1 38  ? 9.785   -3.716  -19.024 1.00 56.32 ? 39  ASN A N   1 
ATOM   285  C  CA  . ASN A 1 38  ? 11.232  -3.991  -19.065 1.00 58.22 ? 39  ASN A CA  1 
ATOM   286  C  C   . ASN A 1 38  ? 12.120  -2.891  -18.452 1.00 60.36 ? 39  ASN A C   1 
ATOM   287  O  O   . ASN A 1 38  ? 13.213  -2.624  -18.965 1.00 62.44 ? 39  ASN A O   1 
ATOM   288  C  CB  . ASN A 1 38  ? 11.672  -4.270  -20.513 1.00 59.39 ? 39  ASN A CB  1 
ATOM   289  N  N   . THR A 1 39  ? 11.656  -2.254  -17.367 1.00 58.60 ? 40  THR A N   1 
ATOM   290  C  CA  . THR A 1 39  ? 12.443  -1.217  -16.685 1.00 53.89 ? 40  THR A CA  1 
ATOM   291  C  C   . THR A 1 39  ? 13.561  -1.914  -15.929 1.00 52.09 ? 40  THR A C   1 
ATOM   292  O  O   . THR A 1 39  ? 13.502  -3.114  -15.674 1.00 54.42 ? 40  THR A O   1 
ATOM   293  C  CB  . THR A 1 39  ? 11.594  -0.312  -15.744 1.00 55.13 ? 40  THR A CB  1 
ATOM   294  O  OG1 . THR A 1 39  ? 10.903  -1.096  -14.743 1.00 49.44 ? 40  THR A OG1 1 
ATOM   295  C  CG2 . THR A 1 39  ? 10.589  0.501   -16.554 1.00 53.81 ? 40  THR A CG2 1 
ATOM   296  N  N   . LYS A 1 40  ? 14.606  -1.178  -15.591 1.00 52.76 ? 41  LYS A N   1 
ATOM   297  C  CA  . LYS A 1 40  ? 15.771  -1.810  -14.996 1.00 51.96 ? 41  LYS A CA  1 
ATOM   298  C  C   . LYS A 1 40  ? 15.371  -2.536  -13.710 1.00 47.08 ? 41  LYS A C   1 
ATOM   299  O  O   . LYS A 1 40  ? 15.755  -3.687  -13.502 1.00 46.08 ? 41  LYS A O   1 
ATOM   300  C  CB  . LYS A 1 40  ? 16.865  -0.771  -14.732 1.00 60.60 ? 41  LYS A CB  1 
ATOM   301  C  CG  . LYS A 1 40  ? 18.225  -1.353  -14.363 1.00 64.62 ? 41  LYS A CG  1 
ATOM   302  C  CD  . LYS A 1 40  ? 19.266  -0.242  -14.225 1.00 68.89 ? 41  LYS A CD  1 
ATOM   303  C  CE  . LYS A 1 40  ? 20.424  -0.655  -13.335 1.00 70.60 ? 41  LYS A CE  1 
ATOM   304  N  NZ  . LYS A 1 40  ? 19.965  -0.865  -11.935 1.00 72.50 ? 41  LYS A NZ  1 
ATOM   305  N  N   . CYS A 1 41  ? 14.604  -1.857  -12.853 1.00 37.86 ? 42  CYS A N   1 
ATOM   306  C  CA  . CYS A 1 41  ? 14.076  -2.440  -11.619 1.00 34.32 ? 42  CYS A CA  1 
ATOM   307  C  C   . CYS A 1 41  ? 12.550  -2.518  -11.687 1.00 29.03 ? 42  CYS A C   1 
ATOM   308  O  O   . CYS A 1 41  ? 11.923  -1.611  -12.173 1.00 29.71 ? 42  CYS A O   1 
ATOM   309  C  CB  . CYS A 1 41  ? 14.485  -1.571  -10.423 1.00 36.55 ? 42  CYS A CB  1 
ATOM   310  S  SG  . CYS A 1 41  ? 16.281  -1.653  -10.056 1.00 37.12 ? 42  CYS A SG  1 
ATOM   311  N  N   . PRO A 1 42  ? 11.954  -3.601  -11.204 1.00 28.64 ? 43  PRO A N   1 
ATOM   312  C  CA  . PRO A 1 42  ? 10.478  -3.655  -11.274 1.00 26.29 ? 43  PRO A CA  1 
ATOM   313  C  C   . PRO A 1 42  ? 9.865   -2.562  -10.369 1.00 28.59 ? 43  PRO A C   1 
ATOM   314  O  O   . PRO A 1 42  ? 10.338  -2.399  -9.229  1.00 27.32 ? 43  PRO A O   1 
ATOM   315  C  CB  . PRO A 1 42  ? 10.175  -5.046  -10.771 1.00 29.33 ? 43  PRO A CB  1 
ATOM   316  C  CG  . PRO A 1 42  ? 11.321  -5.395  -9.864  1.00 29.14 ? 43  PRO A CG  1 
ATOM   317  C  CD  . PRO A 1 42  ? 12.523  -4.753  -10.494 1.00 28.70 ? 43  PRO A CD  1 
ATOM   318  N  N   . ASN A 1 43  ? 8.883   -1.784  -10.863 1.00 26.26 ? 44  ASN A N   1 
ATOM   319  C  CA  . ASN A 1 43  ? 8.222   -0.780  -10.026 1.00 26.06 ? 44  ASN A CA  1 
ATOM   320  C  C   . ASN A 1 43  ? 6.697   -0.912  -9.877  1.00 24.55 ? 44  ASN A C   1 
ATOM   321  O  O   . ASN A 1 43  ? 6.067   -0.054  -9.251  1.00 22.29 ? 44  ASN A O   1 
ATOM   322  C  CB  . ASN A 1 43  ? 8.599   0.650   -10.447 1.00 26.13 ? 44  ASN A CB  1 
ATOM   323  C  CG  . ASN A 1 43  ? 7.807   1.159   -11.654 1.00 30.49 ? 44  ASN A CG  1 
ATOM   324  O  OD1 . ASN A 1 43  ? 7.209   0.381   -12.408 1.00 36.17 ? 44  ASN A OD1 1 
ATOM   325  N  ND2 . ASN A 1 43  ? 7.774   2.486   -11.827 1.00 34.46 ? 44  ASN A ND2 1 
ATOM   326  N  N   . GLY A 1 44  ? 6.112   -1.974  -10.422 1.00 24.15 ? 45  GLY A N   1 
ATOM   327  C  CA  . GLY A 1 44  ? 4.668   -2.101  -10.406 1.00 23.10 ? 45  GLY A CA  1 
ATOM   328  C  C   . GLY A 1 44  ? 4.193   -2.769  -9.149  1.00 20.93 ? 45  GLY A C   1 
ATOM   329  O  O   . GLY A 1 44  ? 4.652   -3.873  -8.816  1.00 22.81 ? 45  GLY A O   1 
ATOM   330  N  N   . VAL A 1 45  ? 3.294   -2.099  -8.428  1.00 20.52 ? 46  VAL A N   1 
ATOM   331  C  CA  . VAL A 1 45  ? 2.584   -2.682  -7.302  1.00 19.57 ? 46  VAL A CA  1 
ATOM   332  C  C   . VAL A 1 45  ? 1.249   -3.210  -7.839  1.00 20.48 ? 46  VAL A C   1 
ATOM   333  O  O   . VAL A 1 45  ? 0.389   -2.416  -8.225  1.00 20.59 ? 46  VAL A O   1 
ATOM   334  C  CB  . VAL A 1 45  ? 2.336   -1.651  -6.168  1.00 19.44 ? 46  VAL A CB  1 
ATOM   335  C  CG1 . VAL A 1 45  ? 1.569   -2.304  -5.017  1.00 17.71 ? 46  VAL A CG1 1 
ATOM   336  C  CG2 . VAL A 1 45  ? 3.654   -1.069  -5.637  1.00 19.50 ? 46  VAL A CG2 1 
ATOM   337  N  N   . VAL A 1 46  ? 1.105   -4.535  -7.890  1.00 19.20 ? 47  VAL A N   1 
ATOM   338  C  CA  . VAL A 1 46  ? 0.035   -5.208  -8.629  1.00 20.82 ? 47  VAL A CA  1 
ATOM   339  C  C   . VAL A 1 46  ? -0.546  -6.312  -7.819  1.00 21.64 ? 47  VAL A C   1 
ATOM   340  O  O   . VAL A 1 46  ? 0.054   -6.749  -6.829  1.00 22.69 ? 47  VAL A O   1 
ATOM   341  C  CB  . VAL A 1 46  ? 0.547   -5.730  -9.984  1.00 19.66 ? 47  VAL A CB  1 
ATOM   342  C  CG1 . VAL A 1 46  ? 1.148   -4.562  -10.792 1.00 19.70 ? 47  VAL A CG1 1 
ATOM   343  C  CG2 . VAL A 1 46  ? 1.589   -6.827  -9.780  1.00 22.74 ? 47  VAL A CG2 1 
ATOM   344  N  N   . GLN A 1 47  ? -1.756  -6.726  -8.186  1.00 22.07 ? 48  GLN A N   1 
ATOM   345  C  CA  . GLN A 1 47  ? -2.448  -7.802  -7.534  1.00 22.36 ? 48  GLN A CA  1 
ATOM   346  C  C   . GLN A 1 47  ? -2.461  -8.994  -8.489  1.00 24.58 ? 48  GLN A C   1 
ATOM   347  O  O   . GLN A 1 47  ? -2.611  -8.817  -9.702  1.00 24.99 ? 48  GLN A O   1 
ATOM   348  C  CB  . GLN A 1 47  ? -3.844  -7.332  -7.157  1.00 22.43 ? 48  GLN A CB  1 
ATOM   349  C  CG  . GLN A 1 47  ? -4.738  -8.344  -6.437  1.00 23.13 ? 48  GLN A CG  1 
ATOM   350  C  CD  . GLN A 1 47  ? -5.773  -8.975  -7.344  1.00 24.16 ? 48  GLN A CD  1 
ATOM   351  O  OE1 . GLN A 1 47  ? -5.629  -8.940  -8.568  1.00 27.28 ? 48  GLN A OE1 1 
ATOM   352  N  NE2 . GLN A 1 47  ? -6.821  -9.548  -6.754  1.00 23.43 ? 48  GLN A NE2 1 
ATOM   353  N  N   . ASP A 1 48  ? -2.259  -10.193 -7.954  1.00 24.19 ? 49  ASP A N   1 
ATOM   354  C  CA  . ASP A 1 48  ? -2.330  -11.411 -8.758  1.00 26.78 ? 49  ASP A CA  1 
ATOM   355  C  C   . ASP A 1 48  ? -3.807  -11.831 -8.762  1.00 28.65 ? 49  ASP A C   1 
ATOM   356  O  O   . ASP A 1 48  ? -4.326  -12.231 -7.745  1.00 30.63 ? 49  ASP A O   1 
ATOM   357  C  CB  . ASP A 1 48  ? -1.462  -12.469 -8.087  1.00 29.26 ? 49  ASP A CB  1 
ATOM   358  C  CG  . ASP A 1 48  ? -1.560  -13.839 -8.759  1.00 32.62 ? 49  ASP A CG  1 
ATOM   359  O  OD1 . ASP A 1 48  ? -1.988  -13.922 -9.925  1.00 36.44 ? 49  ASP A OD1 1 
ATOM   360  O  OD2 . ASP A 1 48  ? -1.213  -14.814 -8.084  1.00 36.15 ? 49  ASP A OD2 1 
ATOM   361  N  N   . SER A 1 49  ? -4.501  -11.652 -9.881  1.00 31.86 ? 50  SER A N   1 
ATOM   362  C  CA  . SER A 1 49  ? -5.952  -11.883 -9.934  1.00 37.68 ? 50  SER A CA  1 
ATOM   363  C  C   . SER A 1 49  ? -6.231  -13.382 -9.946  1.00 43.41 ? 50  SER A C   1 
ATOM   364  O  O   . SER A 1 49  ? -7.217  -13.842 -9.369  1.00 46.08 ? 50  SER A O   1 
ATOM   365  C  CB  . SER A 1 49  ? -6.547  -11.191 -11.151 1.00 36.98 ? 50  SER A CB  1 
ATOM   366  O  OG  . SER A 1 49  ? -6.185  -9.796  -11.142 1.00 36.95 ? 50  SER A OG  1 
ATOM   367  N  N   . SER A 1 50  ? -5.374  -14.104 -10.666 1.00 47.71 ? 51  SER A N   1 
ATOM   368  C  CA  . SER A 1 50  ? -5.031  -15.512 -10.399 1.00 54.00 ? 51  SER A CA  1 
ATOM   369  C  C   . SER A 1 50  ? -4.603  -16.205 -11.690 1.00 55.55 ? 51  SER A C   1 
ATOM   370  O  O   . SER A 1 50  ? -3.484  -15.984 -12.164 1.00 59.34 ? 51  SER A O   1 
ATOM   371  C  CB  . SER A 1 50  ? -6.141  -16.286 -9.710  1.00 54.76 ? 51  SER A CB  1 
ATOM   372  O  OG  . SER A 1 50  ? -5.718  -17.605 -9.467  1.00 55.29 ? 51  SER A OG  1 
ATOM   373  N  N   . ASN A 1 55  ? 2.405   -15.748 -7.137  1.00 38.78 ? 56  ASN A N   1 
ATOM   374  C  CA  . ASN A 1 55  ? 2.995   -14.419 -7.177  1.00 38.30 ? 56  ASN A CA  1 
ATOM   375  C  C   . ASN A 1 55  ? 2.693   -13.760 -5.853  1.00 34.97 ? 56  ASN A C   1 
ATOM   376  O  O   . ASN A 1 55  ? 1.535   -13.631 -5.457  1.00 33.87 ? 56  ASN A O   1 
ATOM   377  C  CB  . ASN A 1 55  ? 2.388   -13.585 -8.301  1.00 40.61 ? 56  ASN A CB  1 
ATOM   378  C  CG  . ASN A 1 55  ? 2.803   -14.056 -9.671  1.00 40.83 ? 56  ASN A CG  1 
ATOM   379  O  OD1 . ASN A 1 55  ? 3.982   -14.106 -9.983  1.00 41.71 ? 56  ASN A OD1 1 
ATOM   380  N  ND2 . ASN A 1 55  ? 1.828   -14.346 -10.512 1.00 38.01 ? 56  ASN A ND2 1 
ATOM   381  N  N   . LYS A 1 56  ? 3.731   -13.361 -5.141  1.00 33.05 ? 57  LYS A N   1 
ATOM   382  C  CA  . LYS A 1 56  ? 3.523   -12.783 -3.817  1.00 32.35 ? 57  LYS A CA  1 
ATOM   383  C  C   . LYS A 1 56  ? 4.797   -12.087 -3.395  1.00 30.32 ? 57  LYS A C   1 
ATOM   384  O  O   . LYS A 1 56  ? 5.847   -12.701 -3.463  1.00 27.39 ? 57  LYS A O   1 
ATOM   385  C  CB  . LYS A 1 56  ? 3.174   -13.891 -2.820  1.00 32.03 ? 57  LYS A CB  1 
ATOM   386  C  CG  . LYS A 1 56  ? 2.714   -13.374 -1.459  1.00 34.00 ? 57  LYS A CG  1 
ATOM   387  C  CD  . LYS A 1 56  ? 3.903   -13.182 -0.528  1.00 33.97 ? 57  LYS A CD  1 
ATOM   388  N  N   . THR A 1 57  ? 4.707   -10.815 -3.000  1.00 26.15 ? 58  THR A N   1 
ATOM   389  C  CA  . THR A 1 57  ? 5.869   -10.085 -2.468  1.00 26.02 ? 58  THR A CA  1 
ATOM   390  C  C   . THR A 1 57  ? 5.460   -9.429  -1.165  1.00 25.98 ? 58  THR A C   1 
ATOM   391  O  O   . THR A 1 57  ? 4.660   -8.510  -1.156  1.00 23.80 ? 58  THR A O   1 
ATOM   392  C  CB  . THR A 1 57  ? 6.409   -9.000  -3.412  1.00 26.00 ? 58  THR A CB  1 
ATOM   393  O  OG1 . THR A 1 57  ? 6.510   -9.493  -4.760  1.00 25.50 ? 58  THR A OG1 1 
ATOM   394  C  CG2 . THR A 1 57  ? 7.789   -8.503  -2.929  1.00 25.41 ? 58  THR A CG2 1 
ATOM   395  N  N   . PRO A 1 58  ? 5.987   -9.919  -0.036  1.00 24.48 ? 59  PRO A N   1 
ATOM   396  C  CA  . PRO A 1 58  ? 5.659   -9.319  1.237   1.00 24.42 ? 59  PRO A CA  1 
ATOM   397  C  C   . PRO A 1 58  ? 6.146   -7.865  1.411   1.00 21.83 ? 59  PRO A C   1 
ATOM   398  O  O   . PRO A 1 58  ? 7.061   -7.407  0.732   1.00 23.54 ? 59  PRO A O   1 
ATOM   399  C  CB  . PRO A 1 58  ? 6.350   -10.244 2.270   1.00 26.32 ? 59  PRO A CB  1 
ATOM   400  C  CG  . PRO A 1 58  ? 6.684   -11.493 1.522   1.00 27.44 ? 59  PRO A CG  1 
ATOM   401  C  CD  . PRO A 1 58  ? 6.872   -11.098 0.103   1.00 26.98 ? 59  PRO A CD  1 
ATOM   402  N  N   . VAL A 1 59  ? 5.476   -7.174  2.325   1.00 21.96 ? 60  VAL A N   1 
ATOM   403  C  CA  . VAL A 1 59  ? 5.764   -5.804  2.636   1.00 20.90 ? 60  VAL A CA  1 
ATOM   404  C  C   . VAL A 1 59  ? 6.211   -5.623  4.093   1.00 21.68 ? 60  VAL A C   1 
ATOM   405  O  O   . VAL A 1 59  ? 5.970   -6.486  4.962   1.00 24.19 ? 60  VAL A O   1 
ATOM   406  C  CB  . VAL A 1 59  ? 4.530   -4.880  2.359   1.00 19.91 ? 60  VAL A CB  1 
ATOM   407  C  CG1 . VAL A 1 59  ? 4.179   -4.922  0.867   1.00 20.65 ? 60  VAL A CG1 1 
ATOM   408  C  CG2 . VAL A 1 59  ? 3.350   -5.198  3.262   1.00 19.02 ? 60  VAL A CG2 1 
ATOM   409  N  N   . LEU A 1 60  ? 6.776   -4.447  4.352   1.00 21.47 ? 61  LEU A N   1 
ATOM   410  C  CA  . LEU A 1 60  ? 7.126   -3.976  5.667   1.00 21.84 ? 61  LEU A CA  1 
ATOM   411  C  C   . LEU A 1 60  ? 6.539   -2.568  5.855   1.00 21.81 ? 61  LEU A C   1 
ATOM   412  O  O   . LEU A 1 60  ? 6.530   -1.785  4.906   1.00 20.53 ? 61  LEU A O   1 
ATOM   413  C  CB  . LEU A 1 60  ? 8.647   -3.938  5.771   1.00 24.96 ? 61  LEU A CB  1 
ATOM   414  C  CG  . LEU A 1 60  ? 9.388   -5.273  5.552   1.00 26.23 ? 61  LEU A CG  1 
ATOM   415  C  CD1 . LEU A 1 60  ? 10.658  -5.053  4.740   1.00 30.08 ? 61  LEU A CD1 1 
ATOM   416  C  CD2 . LEU A 1 60  ? 9.730   -5.890  6.913   1.00 27.93 ? 61  LEU A CD2 1 
ATOM   417  N  N   . PHE A 1 61  ? 6.008   -2.306  7.042   1.00 17.90 ? 62  PHE A N   1 
ATOM   418  C  CA  . PHE A 1 61  ? 5.345   -1.066  7.387   1.00 20.04 ? 62  PHE A CA  1 
ATOM   419  C  C   . PHE A 1 61  ? 6.228   -0.295  8.346   1.00 21.00 ? 62  PHE A C   1 
ATOM   420  O  O   . PHE A 1 61  ? 6.798   -0.915  9.269   1.00 20.58 ? 62  PHE A O   1 
ATOM   421  C  CB  . PHE A 1 61  ? 4.033   -1.363  8.102   1.00 19.58 ? 62  PHE A CB  1 
ATOM   422  C  CG  . PHE A 1 61  ? 3.027   -2.069  7.242   1.00 20.27 ? 62  PHE A CG  1 
ATOM   423  C  CD1 . PHE A 1 61  ? 2.332   -1.378  6.264   1.00 20.07 ? 62  PHE A CD1 1 
ATOM   424  C  CD2 . PHE A 1 61  ? 2.809   -3.426  7.381   1.00 20.90 ? 62  PHE A CD2 1 
ATOM   425  C  CE1 . PHE A 1 61  ? 1.431   -2.045  5.445   1.00 20.17 ? 62  PHE A CE1 1 
ATOM   426  C  CE2 . PHE A 1 61  ? 1.913   -4.100  6.568   1.00 22.05 ? 62  PHE A CE2 1 
ATOM   427  C  CZ  . PHE A 1 61  ? 1.197   -3.395  5.609   1.00 21.21 ? 62  PHE A CZ  1 
ATOM   428  N  N   . TYR A 1 62  ? 6.274   1.029   8.179   1.00 20.57 ? 63  TYR A N   1 
ATOM   429  C  CA  . TYR A 1 62  ? 7.063   1.932   9.007   1.00 18.99 ? 63  TYR A CA  1 
ATOM   430  C  C   . TYR A 1 62  ? 6.278   3.177   9.366   1.00 21.48 ? 63  TYR A C   1 
ATOM   431  O  O   . TYR A 1 62  ? 5.678   3.826   8.502   1.00 20.25 ? 63  TYR A O   1 
ATOM   432  C  CB  . TYR A 1 62  ? 8.357   2.328   8.279   1.00 20.60 ? 63  TYR A CB  1 
ATOM   433  C  CG  . TYR A 1 62  ? 9.215   1.154   7.930   1.00 21.98 ? 63  TYR A CG  1 
ATOM   434  C  CD1 . TYR A 1 62  ? 10.073  0.578   8.871   1.00 23.54 ? 63  TYR A CD1 1 
ATOM   435  C  CD2 . TYR A 1 62  ? 9.126   0.558   6.677   1.00 22.93 ? 63  TYR A CD2 1 
ATOM   436  C  CE1 . TYR A 1 62  ? 10.856  -0.518  8.538   1.00 24.44 ? 63  TYR A CE1 1 
ATOM   437  C  CE2 . TYR A 1 62  ? 9.875   -0.541  6.362   1.00 22.83 ? 63  TYR A CE2 1 
ATOM   438  C  CZ  . TYR A 1 62  ? 10.761  -1.065  7.303   1.00 24.82 ? 63  TYR A CZ  1 
ATOM   439  O  OH  . TYR A 1 62  ? 11.504  -2.169  6.960   1.00 25.07 ? 63  TYR A OH  1 
ATOM   440  N  N   . THR A 1 63  ? 6.290   3.539   10.644  1.00 20.13 ? 64  THR A N   1 
ATOM   441  C  CA  . THR A 1 63  ? 5.671   4.773   11.101  1.00 23.06 ? 64  THR A CA  1 
ATOM   442  C  C   . THR A 1 63  ? 6.672   5.717   11.746  1.00 24.20 ? 64  THR A C   1 
ATOM   443  O  O   . THR A 1 63  ? 6.356   6.875   11.922  1.00 26.58 ? 64  THR A O   1 
ATOM   444  C  CB  . THR A 1 63  ? 4.562   4.511   12.120  1.00 25.82 ? 64  THR A CB  1 
ATOM   445  O  OG1 . THR A 1 63  ? 5.133   3.836   13.256  1.00 26.43 ? 64  THR A OG1 1 
ATOM   446  C  CG2 . THR A 1 63  ? 3.389   3.662   11.490  1.00 24.83 ? 64  THR A CG2 1 
ATOM   447  N  N   . MET A 1 64  ? 7.849   5.207   12.112  1.00 27.31 ? 65  MET A N   1 
ATOM   448  C  CA  . MET A 1 64  ? 8.889   5.958   12.828  1.00 32.05 ? 65  MET A CA  1 
ATOM   449  C  C   . MET A 1 64  ? 8.346   6.829   13.967  1.00 30.26 ? 65  MET A C   1 
ATOM   450  O  O   . MET A 1 64  ? 8.646   8.004   14.073  1.00 32.75 ? 65  MET A O   1 
ATOM   451  C  CB  . MET A 1 64  ? 9.714   6.746   11.831  1.00 36.54 ? 65  MET A CB  1 
ATOM   452  C  CG  . MET A 1 64  ? 10.467  5.788   10.906  1.00 40.09 ? 65  MET A CG  1 
ATOM   453  S  SD  . MET A 1 64  ? 10.497  6.378   9.238   1.00 55.46 ? 65  MET A SD  1 
ATOM   454  C  CE  . MET A 1 64  ? 12.162  6.998   9.240   1.00 52.91 ? 65  MET A CE  1 
ATOM   455  N  N   . LYS A 1 65  ? 7.577   6.206   14.832  1.00 28.43 ? 66  LYS A N   1 
ATOM   456  C  CA  . LYS A 1 65  ? 6.917   6.888   15.935  1.00 28.71 ? 66  LYS A CA  1 
ATOM   457  C  C   . LYS A 1 65  ? 7.287   6.163   17.219  1.00 27.16 ? 66  LYS A C   1 
ATOM   458  O  O   . LYS A 1 65  ? 6.843   5.034   17.483  1.00 24.66 ? 66  LYS A O   1 
ATOM   459  C  CB  . LYS A 1 65  ? 5.401   6.853   15.739  1.00 30.25 ? 66  LYS A CB  1 
ATOM   460  C  CG  . LYS A 1 65  ? 4.591   7.641   16.764  1.00 36.64 ? 66  LYS A CG  1 
ATOM   461  C  CD  . LYS A 1 65  ? 3.094   7.358   16.635  1.00 38.45 ? 66  LYS A CD  1 
ATOM   462  C  CE  . LYS A 1 65  ? 2.255   8.287   17.475  1.00 43.04 ? 66  LYS A CE  1 
ATOM   463  N  NZ  . LYS A 1 65  ? 0.999   7.610   17.881  1.00 46.41 ? 66  LYS A NZ  1 
ATOM   464  N  N   . LEU A 1 66  ? 8.067   6.828   18.059  1.00 25.13 ? 67  LEU A N   1 
ATOM   465  C  CA  . LEU A 1 66  ? 8.385   6.253   19.331  1.00 24.66 ? 67  LEU A CA  1 
ATOM   466  C  C   . LEU A 1 66  ? 7.087   6.027   20.119  1.00 25.56 ? 67  LEU A C   1 
ATOM   467  O  O   . LEU A 1 66  ? 6.151   6.844   20.082  1.00 25.11 ? 67  LEU A O   1 
ATOM   468  C  CB  . LEU A 1 66  ? 9.325   7.188   20.080  1.00 25.96 ? 67  LEU A CB  1 
ATOM   469  C  CG  . LEU A 1 66  ? 10.293  6.593   21.083  1.00 26.98 ? 67  LEU A CG  1 
ATOM   470  C  CD1 . LEU A 1 66  ? 11.248  5.616   20.406  1.00 24.30 ? 67  LEU A CD1 1 
ATOM   471  C  CD2 . LEU A 1 66  ? 11.000  7.791   21.732  1.00 24.05 ? 67  LEU A CD2 1 
ATOM   472  N  N   . GLY A 1 67  ? 7.003   4.880   20.762  1.00 24.54 ? 68  GLY A N   1 
ATOM   473  C  CA  . GLY A 1 67  ? 5.884   4.600   21.651  1.00 27.42 ? 68  GLY A CA  1 
ATOM   474  C  C   . GLY A 1 67  ? 4.704   3.955   20.969  1.00 30.02 ? 68  GLY A C   1 
ATOM   475  O  O   . GLY A 1 67  ? 3.706   3.661   21.623  1.00 35.20 ? 68  GLY A O   1 
ATOM   476  N  N   . SER A 1 68  ? 4.828   3.730   19.667  1.00 29.01 ? 69  SER A N   1 
ATOM   477  C  CA  . SER A 1 68  ? 3.841   2.999   18.898  1.00 32.77 ? 69  SER A CA  1 
ATOM   478  C  C   . SER A 1 68  ? 4.475   1.906   17.981  1.00 28.20 ? 69  SER A C   1 
ATOM   479  O  O   . SER A 1 68  ? 4.947   2.155   16.865  1.00 32.10 ? 69  SER A O   1 
ATOM   480  C  CB  . SER A 1 68  ? 2.988   3.996   18.135  1.00 35.38 ? 69  SER A CB  1 
ATOM   481  O  OG  . SER A 1 68  ? 2.316   4.904   19.048  1.00 42.05 ? 69  SER A OG  1 
ATOM   482  N  N   . HIS A 1 69  ? 4.490   0.683   18.512  1.00 23.33 ? 70  HIS A N   1 
ATOM   483  C  CA  . HIS A 1 69  ? 5.028   -0.532  17.870  1.00 23.20 ? 70  HIS A CA  1 
ATOM   484  C  C   . HIS A 1 69  ? 4.158   -1.028  16.732  1.00 20.89 ? 70  HIS A C   1 
ATOM   485  O  O   . HIS A 1 69  ? 4.614   -1.772  15.874  1.00 22.88 ? 70  HIS A O   1 
ATOM   486  C  CB  . HIS A 1 69  ? 5.068   -1.605  18.970  1.00 23.69 ? 70  HIS A CB  1 
ATOM   487  C  CG  . HIS A 1 69  ? 5.815   -2.895  18.632  1.00 24.82 ? 70  HIS A CG  1 
ATOM   488  N  ND1 . HIS A 1 69  ? 5.717   -4.005  19.425  1.00 24.16 ? 70  HIS A ND1 1 
ATOM   489  C  CD2 . HIS A 1 69  ? 6.657   -3.241  17.584  1.00 24.28 ? 70  HIS A CD2 1 
ATOM   490  C  CE1 . HIS A 1 69  ? 6.453   -4.996  18.881  1.00 25.00 ? 70  HIS A CE1 1 
ATOM   491  N  NE2 . HIS A 1 69  ? 7.017   -4.530  17.754  1.00 25.78 ? 70  HIS A NE2 1 
ATOM   492  N  N   . PHE A 1 70  ? 2.882   -0.715  16.803  1.00 21.87 ? 71  PHE A N   1 
ATOM   493  C  CA  . PHE A 1 70  ? 1.904   -1.264  15.865  1.00 21.71 ? 71  PHE A CA  1 
ATOM   494  C  C   . PHE A 1 70  ? 1.442   -0.197  14.891  1.00 21.02 ? 71  PHE A C   1 
ATOM   495  O  O   . PHE A 1 70  ? 1.524   0.978   15.165  1.00 20.16 ? 71  PHE A O   1 
ATOM   496  C  CB  . PHE A 1 70  ? 0.704   -1.816  16.587  1.00 22.72 ? 71  PHE A CB  1 
ATOM   497  C  CG  . PHE A 1 70  ? 1.032   -2.777  17.715  1.00 23.65 ? 71  PHE A CG  1 
ATOM   498  C  CD1 . PHE A 1 70  ? 1.947   -3.806  17.548  1.00 23.95 ? 71  PHE A CD1 1 
ATOM   499  C  CD2 . PHE A 1 70  ? 0.362   -2.670  18.902  1.00 27.14 ? 71  PHE A CD2 1 
ATOM   500  C  CE1 . PHE A 1 70  ? 2.226   -4.664  18.603  1.00 26.29 ? 71  PHE A CE1 1 
ATOM   501  C  CE2 . PHE A 1 70  ? 0.622   -3.545  19.955  1.00 28.02 ? 71  PHE A CE2 1 
ATOM   502  C  CZ  . PHE A 1 70  ? 1.558   -4.531  19.804  1.00 26.82 ? 71  PHE A CZ  1 
ATOM   503  N  N   . VAL A 1 71  ? 0.951   -0.652  13.740  1.00 21.65 ? 72  VAL A N   1 
ATOM   504  C  CA  . VAL A 1 71  ? 0.231   0.209   12.795  1.00 20.70 ? 72  VAL A CA  1 
ATOM   505  C  C   . VAL A 1 71  ? -1.212  0.310   13.220  1.00 20.47 ? 72  VAL A C   1 
ATOM   506  O  O   . VAL A 1 71  ? -1.927  -0.726  13.270  1.00 21.72 ? 72  VAL A O   1 
ATOM   507  C  CB  . VAL A 1 71  ? 0.295   -0.346  11.374  1.00 21.48 ? 72  VAL A CB  1 
ATOM   508  C  CG1 . VAL A 1 71  ? -0.369  0.633   10.406  1.00 21.20 ? 72  VAL A CG1 1 
ATOM   509  C  CG2 . VAL A 1 71  ? 1.750   -0.604  10.947  1.00 22.24 ? 72  VAL A CG2 1 
ATOM   510  N  N   . SER A 1 72  ? -1.652  1.522   13.562  1.00 21.20 ? 73  SER A N   1 
ATOM   511  C  CA  . SER A 1 72  ? -3.033  1.775   13.917  1.00 23.48 ? 73  SER A CA  1 
ATOM   512  C  C   . SER A 1 72  ? -3.887  2.157   12.693  1.00 22.45 ? 73  SER A C   1 
ATOM   513  O  O   . SER A 1 72  ? -3.373  2.617   11.671  1.00 21.11 ? 73  SER A O   1 
ATOM   514  C  CB  . SER A 1 72  ? -3.126  2.877   14.984  1.00 26.11 ? 73  SER A CB  1 
ATOM   515  O  OG  . SER A 1 72  ? -2.316  2.510   16.093  1.00 30.65 ? 73  SER A OG  1 
ATOM   516  N  N   . GLU A 1 73  ? -5.184  1.921   12.807  1.00 23.82 ? 74  GLU A N   1 
ATOM   517  C  CA  . GLU A 1 73  ? -6.110  2.417   11.802  1.00 24.18 ? 74  GLU A CA  1 
ATOM   518  C  C   . GLU A 1 73  ? -5.895  3.914   11.617  1.00 24.43 ? 74  GLU A C   1 
ATOM   519  O  O   . GLU A 1 73  ? -5.823  4.678   12.590  1.00 24.35 ? 74  GLU A O   1 
ATOM   520  C  CB  . GLU A 1 73  ? -7.564  2.141   12.193  1.00 23.87 ? 74  GLU A CB  1 
ATOM   521  C  CG  . GLU A 1 73  ? -7.908  0.658   12.188  1.00 24.62 ? 74  GLU A CG  1 
ATOM   522  C  CD  . GLU A 1 73  ? -9.302  0.369   12.717  1.00 26.88 ? 74  GLU A CD  1 
ATOM   523  O  OE1 . GLU A 1 73  ? -10.088 1.313   12.875  1.00 29.27 ? 74  GLU A OE1 1 
ATOM   524  O  OE2 . GLU A 1 73  ? -9.593  -0.805  12.987  1.00 26.81 ? 74  GLU A OE2 1 
ATOM   525  N  N   . ASN A 1 74  ? -5.810  4.337   10.357  1.00 21.62 ? 75  ASN A N   1 
ATOM   526  C  CA  . ASN A 1 74  ? -5.748  5.747   9.992   1.00 22.88 ? 75  ASN A CA  1 
ATOM   527  C  C   . ASN A 1 74  ? -4.435  6.427   10.401  1.00 21.92 ? 75  ASN A C   1 
ATOM   528  O  O   . ASN A 1 74  ? -4.357  7.640   10.437  1.00 21.00 ? 75  ASN A O   1 
ATOM   529  C  CB  . ASN A 1 74  ? -6.915  6.468   10.604  1.00 24.66 ? 75  ASN A CB  1 
ATOM   530  C  CG  . ASN A 1 74  ? -7.228  7.760   9.940   1.00 29.83 ? 75  ASN A CG  1 
ATOM   531  O  OD1 . ASN A 1 74  ? -7.429  8.783   10.634  1.00 33.91 ? 75  ASN A OD1 1 
ATOM   532  N  ND2 . ASN A 1 74  ? -7.283  7.755   8.611   1.00 26.69 ? 75  ASN A ND2 1 
ATOM   533  N  N   . GLN A 1 75  ? -3.433  5.639   10.739  1.00 19.96 ? 76  GLN A N   1 
ATOM   534  C  CA  . GLN A 1 75  ? -2.093  6.166   11.018  1.00 20.79 ? 76  GLN A CA  1 
ATOM   535  C  C   . GLN A 1 75  ? -1.277  6.272   9.726   1.00 20.39 ? 76  GLN A C   1 
ATOM   536  O  O   . GLN A 1 75  ? -1.245  5.340   8.932   1.00 20.04 ? 76  GLN A O   1 
ATOM   537  C  CB  . GLN A 1 75  ? -1.368  5.245   11.999  1.00 21.95 ? 76  GLN A CB  1 
ATOM   538  C  CG  . GLN A 1 75  ? 0.008   5.765   12.402  1.00 21.96 ? 76  GLN A CG  1 
ATOM   539  C  CD  . GLN A 1 75  ? 0.672   4.911   13.453  1.00 23.68 ? 76  GLN A CD  1 
ATOM   540  O  OE1 . GLN A 1 75  ? 0.244   3.775   13.728  1.00 22.70 ? 76  GLN A OE1 1 
ATOM   541  N  NE2 . GLN A 1 75  ? 1.759   5.448   14.042  1.00 21.29 ? 76  GLN A NE2 1 
ATOM   542  N  N   . ASP A 1 76  ? -0.581  7.386   9.531   1.00 20.91 ? 77  ASP A N   1 
ATOM   543  C  CA  . ASP A 1 76  ? 0.314   7.507   8.379   1.00 21.41 ? 77  ASP A CA  1 
ATOM   544  C  C   . ASP A 1 76  ? 1.388   6.443   8.407   1.00 20.47 ? 77  ASP A C   1 
ATOM   545  O  O   . ASP A 1 76  ? 2.118   6.313   9.390   1.00 19.72 ? 77  ASP A O   1 
ATOM   546  C  CB  . ASP A 1 76  ? 1.003   8.852   8.385   1.00 23.22 ? 77  ASP A CB  1 
ATOM   547  C  CG  . ASP A 1 76  ? 0.036   10.003  8.402   1.00 25.40 ? 77  ASP A CG  1 
ATOM   548  O  OD1 . ASP A 1 76  ? -0.675  10.230  7.400   1.00 26.12 ? 77  ASP A OD1 1 
ATOM   549  O  OD2 . ASP A 1 76  ? 0.006   10.691  9.433   1.00 29.69 ? 77  ASP A OD2 1 
ATOM   550  N  N   . VAL A 1 77  ? 1.554   5.728   7.299   1.00 18.83 ? 78  VAL A N   1 
ATOM   551  C  CA  . VAL A 1 77  ? 2.504   4.645   7.226   1.00 18.92 ? 78  VAL A CA  1 
ATOM   552  C  C   . VAL A 1 77  ? 3.201   4.625   5.859   1.00 19.45 ? 78  VAL A C   1 
ATOM   553  O  O   . VAL A 1 77  ? 2.581   4.924   4.807   1.00 19.94 ? 78  VAL A O   1 
ATOM   554  C  CB  . VAL A 1 77  ? 1.776   3.312   7.557   1.00 21.42 ? 78  VAL A CB  1 
ATOM   555  C  CG1 . VAL A 1 77  ? 0.653   2.983   6.535   1.00 21.25 ? 78  VAL A CG1 1 
ATOM   556  C  CG2 . VAL A 1 77  ? 2.759   2.169   7.695   1.00 23.42 ? 78  VAL A CG2 1 
ATOM   557  N  N   . SER A 1 78  ? 4.499   4.329   5.889   1.00 16.94 ? 79  SER A N   1 
ATOM   558  C  CA  . SER A 1 78  ? 5.315   4.121   4.704   1.00 18.20 ? 79  SER A CA  1 
ATOM   559  C  C   . SER A 1 78  ? 5.529   2.635   4.529   1.00 19.44 ? 79  SER A C   1 
ATOM   560  O  O   . SER A 1 78  ? 5.648   1.882   5.526   1.00 19.10 ? 79  SER A O   1 
ATOM   561  C  CB  . SER A 1 78  ? 6.638   4.878   4.821   1.00 17.93 ? 79  SER A CB  1 
ATOM   562  O  OG  . SER A 1 78  ? 7.460   4.646   3.689   1.00 19.14 ? 79  SER A OG  1 
ATOM   563  N  N   . ILE A 1 79  ? 5.466   2.184   3.266   1.00 19.71 ? 80  ILE A N   1 
ATOM   564  C  CA  . ILE A 1 79  ? 5.407   0.773   2.918   1.00 17.78 ? 80  ILE A CA  1 
ATOM   565  C  C   . ILE A 1 79  ? 6.530   0.435   1.975   1.00 18.90 ? 80  ILE A C   1 
ATOM   566  O  O   . ILE A 1 79  ? 6.787   1.161   1.014   1.00 19.30 ? 80  ILE A O   1 
ATOM   567  C  CB  . ILE A 1 79  ? 4.048   0.359   2.286   1.00 17.62 ? 80  ILE A CB  1 
ATOM   568  C  CG1 . ILE A 1 79  ? 2.877   0.758   3.182   1.00 18.75 ? 80  ILE A CG1 1 
ATOM   569  C  CG2 . ILE A 1 79  ? 4.047   -1.134  1.940   1.00 18.06 ? 80  ILE A CG2 1 
ATOM   570  C  CD1 . ILE A 1 79  ? 1.489   0.602   2.574   1.00 18.39 ? 80  ILE A CD1 1 
ATOM   571  N  N   . LYS A 1 80  ? 7.224   -0.673  2.247   1.00 18.62 ? 81  LYS A N   1 
ATOM   572  C  CA  . LYS A 1 80  ? 8.302   -1.187  1.377   1.00 21.16 ? 81  LYS A CA  1 
ATOM   573  C  C   . LYS A 1 80  ? 8.012   -2.605  1.032   1.00 19.37 ? 81  LYS A C   1 
ATOM   574  O  O   . LYS A 1 80  ? 7.529   -3.322  1.907   1.00 20.93 ? 81  LYS A O   1 
ATOM   575  C  CB  . LYS A 1 80  ? 9.679   -1.267  2.084   1.00 22.73 ? 81  LYS A CB  1 
ATOM   576  C  CG  . LYS A 1 80  ? 10.271  0.040   2.549   1.00 26.24 ? 81  LYS A CG  1 
ATOM   577  C  CD  . LYS A 1 80  ? 11.765  -0.118  2.843   1.00 26.61 ? 81  LYS A CD  1 
ATOM   578  C  CE  . LYS A 1 80  ? 12.370  1.131   3.473   1.00 27.19 ? 81  LYS A CE  1 
ATOM   579  N  NZ  . LYS A 1 80  ? 13.816  0.928   3.778   1.00 26.93 ? 81  LYS A NZ  1 
ATOM   580  N  N   . PHE A 1 81  ? 8.310   -3.038  -0.198  1.00 19.71 ? 82  PHE A N   1 
ATOM   581  C  CA  . PHE A 1 81  ? 8.342   -4.482  -0.467  1.00 21.75 ? 82  PHE A CA  1 
ATOM   582  C  C   . PHE A 1 81  ? 9.637   -5.017  0.195   1.00 25.04 ? 82  PHE A C   1 
ATOM   583  O  O   . PHE A 1 81  ? 10.660  -4.334  0.203   1.00 23.13 ? 82  PHE A O   1 
ATOM   584  C  CB  . PHE A 1 81  ? 8.380   -4.814  -1.951  1.00 21.76 ? 82  PHE A CB  1 
ATOM   585  C  CG  . PHE A 1 81  ? 7.044   -4.811  -2.633  1.00 20.34 ? 82  PHE A CG  1 
ATOM   586  C  CD1 . PHE A 1 81  ? 6.019   -5.611  -2.181  1.00 20.41 ? 82  PHE A CD1 1 
ATOM   587  C  CD2 . PHE A 1 81  ? 6.841   -4.026  -3.757  1.00 20.63 ? 82  PHE A CD2 1 
ATOM   588  C  CE1 . PHE A 1 81  ? 4.784   -5.620  -2.826  1.00 21.02 ? 82  PHE A CE1 1 
ATOM   589  C  CE2 . PHE A 1 81  ? 5.633   -4.047  -4.433  1.00 19.64 ? 82  PHE A CE2 1 
ATOM   590  C  CZ  . PHE A 1 81  ? 4.602   -4.844  -3.968  1.00 19.97 ? 82  PHE A CZ  1 
ATOM   591  N  N   . SER A 1 82  ? 9.568   -6.214  0.750   1.00 27.95 ? 83  SER A N   1 
ATOM   592  C  CA  . SER A 1 82  ? 10.757  -6.896  1.252   1.00 32.46 ? 83  SER A CA  1 
ATOM   593  C  C   . SER A 1 82  ? 11.664  -7.353  0.108   1.00 38.11 ? 83  SER A C   1 
ATOM   594  O  O   . SER A 1 82  ? 11.198  -7.620  -0.992  1.00 42.23 ? 83  SER A O   1 
ATOM   595  C  CB  A SER A 1 82  ? 10.367  -8.078  2.141   0.50 33.00 ? 83  SER A CB  1 
ATOM   596  C  CB  B SER A 1 82  ? 10.314  -8.166  1.950   0.50 33.08 ? 83  SER A CB  1 
ATOM   597  O  OG  A SER A 1 82  ? 11.512  -8.578  2.813   0.50 32.55 ? 83  SER A OG  1 
ATOM   598  O  OG  B SER A 1 82  ? 9.909   -9.090  0.942   0.50 32.19 ? 83  SER A OG  1 
ATOM   599  N  N   . THR A 1 83  ? 12.961  -7.481  0.380   1.00 50.42 ? 84  THR A N   1 
ATOM   600  C  CA  . THR A 1 83  ? 13.888  -8.093  -0.577  1.00 54.38 ? 84  THR A CA  1 
ATOM   601  C  C   . THR A 1 83  ? 13.897  -9.599  -0.435  1.00 53.11 ? 84  THR A C   1 
ATOM   602  O  O   . THR A 1 83  ? 14.007  -10.303 -1.433  1.00 63.27 ? 84  THR A O   1 
ATOM   603  C  CB  . THR A 1 83  ? 15.316  -7.580  -0.384  1.00 59.36 ? 84  THR A CB  1 
ATOM   604  O  OG1 . THR A 1 83  ? 15.304  -6.150  -0.455  1.00 63.67 ? 84  THR A OG1 1 
ATOM   605  C  CG2 . THR A 1 83  ? 16.245  -8.150  -1.474  1.00 59.71 ? 84  THR A CG2 1 
ATOM   606  N  N   . LYS A 1 88  ? 20.511  -6.761  -6.703  1.00 61.37 ? 90  LYS A N   1 
ATOM   607  C  CA  . LYS A 1 88  ? 21.240  -5.945  -5.727  1.00 59.39 ? 90  LYS A CA  1 
ATOM   608  C  C   . LYS A 1 88  ? 21.175  -4.472  -6.133  1.00 53.44 ? 90  LYS A C   1 
ATOM   609  O  O   . LYS A 1 88  ? 21.182  -3.574  -5.282  1.00 50.27 ? 90  LYS A O   1 
ATOM   610  C  CB  . LYS A 1 88  ? 22.704  -6.405  -5.604  1.00 59.47 ? 90  LYS A CB  1 
ATOM   611  N  N   . SER A 1 89  ? 21.098  -4.229  -7.439  1.00 50.63 ? 91  SER A N   1 
ATOM   612  C  CA  . SER A 1 89  ? 20.971  -2.868  -7.979  1.00 51.35 ? 91  SER A CA  1 
ATOM   613  C  C   . SER A 1 89  ? 19.639  -2.184  -7.627  1.00 46.76 ? 91  SER A C   1 
ATOM   614  O  O   . SER A 1 89  ? 19.524  -0.965  -7.733  1.00 51.71 ? 91  SER A O   1 
ATOM   615  C  CB  . SER A 1 89  ? 21.135  -2.895  -9.513  1.00 56.17 ? 91  SER A CB  1 
ATOM   616  O  OG  . SER A 1 89  ? 20.473  -4.019  -10.098 1.00 55.63 ? 91  SER A OG  1 
ATOM   617  N  N   . CYS A 1 90  ? 18.650  -2.971  -7.203  1.00 41.50 ? 92  CYS A N   1 
ATOM   618  C  CA  . CYS A 1 90  ? 17.282  -2.485  -6.948  1.00 39.39 ? 92  CYS A CA  1 
ATOM   619  C  C   . CYS A 1 90  ? 16.960  -2.335  -5.457  1.00 37.32 ? 92  CYS A C   1 
ATOM   620  O  O   . CYS A 1 90  ? 15.801  -2.239  -5.067  1.00 33.24 ? 92  CYS A O   1 
ATOM   621  C  CB  . CYS A 1 90  ? 16.281  -3.444  -7.619  1.00 39.10 ? 92  CYS A CB  1 
ATOM   622  S  SG  . CYS A 1 90  ? 16.540  -3.547  -9.415  1.00 37.93 ? 92  CYS A SG  1 
ATOM   623  N  N   . ILE A 1 91  ? 17.995  -2.273  -4.627  1.00 35.07 ? 93  ILE A N   1 
ATOM   624  C  CA  . ILE A 1 91  ? 17.815  -2.227  -3.191  1.00 35.45 ? 93  ILE A CA  1 
ATOM   625  C  C   . ILE A 1 91  ? 17.055  -0.960  -2.776  1.00 31.60 ? 93  ILE A C   1 
ATOM   626  O  O   . ILE A 1 91  ? 16.286  -1.004  -1.822  1.00 31.52 ? 93  ILE A O   1 
ATOM   627  C  CB  . ILE A 1 91  ? 19.183  -2.354  -2.449  1.00 37.14 ? 93  ILE A CB  1 
ATOM   628  C  CG1 . ILE A 1 91  ? 18.954  -2.665  -0.970  1.00 38.70 ? 93  ILE A CG1 1 
ATOM   629  C  CG2 . ILE A 1 91  ? 20.039  -1.096  -2.656  1.00 37.83 ? 93  ILE A CG2 1 
ATOM   630  C  CD1 . ILE A 1 91  ? 20.180  -3.225  -0.275  1.00 41.99 ? 93  ILE A CD1 1 
ATOM   631  N  N   . ASN A 1 92  ? 17.235  0.134   -3.516  1.00 32.60 ? 94  ASN A N   1 
ATOM   632  C  CA  A ASN A 1 92  ? 16.490  1.362   -3.168  0.50 33.07 ? 94  ASN A CA  1 
ATOM   633  C  CA  B ASN A 1 92  ? 16.574  1.425   -3.322  0.50 32.12 ? 94  ASN A CA  1 
ATOM   634  C  C   . ASN A 1 92  ? 15.230  1.580   -4.040  1.00 31.37 ? 94  ASN A C   1 
ATOM   635  O  O   . ASN A 1 92  ? 14.706  2.687   -4.129  1.00 30.95 ? 94  ASN A O   1 
ATOM   636  C  CB  A ASN A 1 92  ? 17.405  2.604   -3.140  0.50 35.57 ? 94  ASN A CB  1 
ATOM   637  C  CB  B ASN A 1 92  ? 17.489  2.530   -3.879  0.50 32.34 ? 94  ASN A CB  1 
ATOM   638  C  CG  A ASN A 1 92  ? 18.013  2.915   -4.486  0.50 36.02 ? 94  ASN A CG  1 
ATOM   639  C  CG  B ASN A 1 92  ? 18.784  2.640   -3.118  0.50 32.10 ? 94  ASN A CG  1 
ATOM   640  O  OD1 A ASN A 1 92  ? 17.878  2.138   -5.410  0.50 36.82 ? 94  ASN A OD1 1 
ATOM   641  O  OD1 B ASN A 1 92  ? 18.828  2.300   -1.945  0.50 32.98 ? 94  ASN A OD1 1 
ATOM   642  N  ND2 A ASN A 1 92  ? 18.703  4.055   -4.594  0.50 39.20 ? 94  ASN A ND2 1 
ATOM   643  N  ND2 B ASN A 1 92  ? 19.850  3.099   -3.784  0.50 34.11 ? 94  ASN A ND2 1 
ATOM   644  N  N   . GLU A 1 93  ? 14.708  0.500   -4.598  1.00 28.17 ? 95  GLU A N   1 
ATOM   645  C  CA  . GLU A 1 93  ? 13.547  0.584   -5.476  1.00 27.23 ? 95  GLU A CA  1 
ATOM   646  C  C   . GLU A 1 93  ? 12.374  -0.222  -4.963  1.00 23.40 ? 95  GLU A C   1 
ATOM   647  O  O   . GLU A 1 93  ? 11.666  -0.852  -5.756  1.00 25.18 ? 95  GLU A O   1 
ATOM   648  C  CB  . GLU A 1 93  ? 13.932  0.119   -6.887  1.00 28.51 ? 95  GLU A CB  1 
ATOM   649  C  CG  . GLU A 1 93  ? 14.980  0.992   -7.578  1.00 30.56 ? 95  GLU A CG  1 
ATOM   650  C  CD  . GLU A 1 93  ? 14.553  2.453   -7.760  1.00 35.52 ? 95  GLU A CD  1 
ATOM   651  O  OE1 . GLU A 1 93  ? 13.337  2.774   -7.749  1.00 31.58 ? 95  GLU A OE1 1 
ATOM   652  O  OE2 . GLU A 1 93  ? 15.452  3.314   -7.897  1.00 38.83 ? 95  GLU A OE2 1 
ATOM   653  N  N   . THR A 1 94  ? 12.180  -0.241  -3.643  1.00 21.49 ? 96  THR A N   1 
ATOM   654  C  CA  . THR A 1 94  ? 11.098  -1.025  -3.048  1.00 21.83 ? 96  THR A CA  1 
ATOM   655  C  C   . THR A 1 94  ? 10.083  -0.196  -2.266  1.00 20.63 ? 96  THR A C   1 
ATOM   656  O  O   . THR A 1 94  ? 9.123   -0.743  -1.775  1.00 21.69 ? 96  THR A O   1 
ATOM   657  C  CB  . THR A 1 94  ? 11.634  -2.113  -2.105  1.00 24.18 ? 96  THR A CB  1 
ATOM   658  O  OG1 . THR A 1 94  ? 12.279  -1.479  -1.002  1.00 26.82 ? 96  THR A OG1 1 
ATOM   659  C  CG2 . THR A 1 94  ? 12.622  -3.034  -2.860  1.00 26.94 ? 96  THR A CG2 1 
ATOM   660  N  N   . VAL A 1 95  ? 10.292  1.108   -2.168  1.00 21.18 ? 97  VAL A N   1 
ATOM   661  C  CA  . VAL A 1 95  ? 9.467   1.956   -1.327  1.00 20.37 ? 97  VAL A CA  1 
ATOM   662  C  C   . VAL A 1 95  ? 8.262   2.404   -2.120  1.00 19.91 ? 97  VAL A C   1 
ATOM   663  O  O   . VAL A 1 95  ? 8.429   3.024   -3.166  1.00 21.04 ? 97  VAL A O   1 
ATOM   664  C  CB  . VAL A 1 95  ? 10.206  3.195   -0.848  1.00 21.14 ? 97  VAL A CB  1 
ATOM   665  C  CG1 . VAL A 1 95  ? 9.313   3.986   0.127   1.00 19.34 ? 97  VAL A CG1 1 
ATOM   666  C  CG2 . VAL A 1 95  ? 11.539  2.800   -0.185  1.00 20.57 ? 97  VAL A CG2 1 
ATOM   667  N  N   . TRP A 1 96  ? 7.077   2.115   -1.593  1.00 18.85 ? 98  TRP A N   1 
ATOM   668  C  CA  . TRP A 1 96  ? 5.841   2.456   -2.250  1.00 18.53 ? 98  TRP A CA  1 
ATOM   669  C  C   . TRP A 1 96  ? 5.659   3.938   -2.277  1.00 18.82 ? 98  TRP A C   1 
ATOM   670  O  O   . TRP A 1 96  ? 6.032   4.673   -1.334  1.00 17.62 ? 98  TRP A O   1 
ATOM   671  C  CB  . TRP A 1 96  ? 4.627   1.880   -1.524  1.00 18.22 ? 98  TRP A CB  1 
ATOM   672  C  CG  . TRP A 1 96  ? 4.407   0.391   -1.635  1.00 17.16 ? 98  TRP A CG  1 
ATOM   673  C  CD1 . TRP A 1 96  ? 5.353   -0.595  -1.838  1.00 17.78 ? 98  TRP A CD1 1 
ATOM   674  C  CD2 . TRP A 1 96  ? 3.161   -0.307  -1.467  1.00 17.72 ? 98  TRP A CD2 1 
ATOM   675  N  NE1 . TRP A 1 96  ? 4.773   -1.821  -1.822  1.00 17.82 ? 98  TRP A NE1 1 
ATOM   676  C  CE2 . TRP A 1 96  ? 3.454   -1.713  -1.610  1.00 16.89 ? 98  TRP A CE2 1 
ATOM   677  C  CE3 . TRP A 1 96  ? 1.869   0.077   -1.249  1.00 16.23 ? 98  TRP A CE3 1 
ATOM   678  C  CZ2 . TRP A 1 96  ? 2.476   -2.671  -1.549  1.00 17.83 ? 98  TRP A CZ2 1 
ATOM   679  C  CZ3 . TRP A 1 96  ? 0.893   -0.884  -1.155  1.00 17.64 ? 98  TRP A CZ3 1 
ATOM   680  C  CH2 . TRP A 1 96  ? 1.187   -2.250  -1.315  1.00 16.45 ? 98  TRP A CH2 1 
ATOM   681  N  N   . LYS A 1 97  ? 5.003   4.395   -3.338  1.00 18.38 ? 99  LYS A N   1 
ATOM   682  C  CA  . LYS A 1 97  ? 4.572   5.795   -3.432  1.00 18.39 ? 99  LYS A CA  1 
ATOM   683  C  C   . LYS A 1 97  ? 3.404   5.862   -4.411  1.00 18.00 ? 99  LYS A C   1 
ATOM   684  O  O   . LYS A 1 97  ? 3.123   4.903   -5.123  1.00 20.40 ? 99  LYS A O   1 
ATOM   685  C  CB  . LYS A 1 97  ? 5.675   6.705   -3.974  1.00 18.78 ? 99  LYS A CB  1 
ATOM   686  C  CG  . LYS A 1 97  ? 6.258   6.356   -5.351  1.00 20.02 ? 99  LYS A CG  1 
ATOM   687  C  CD  . LYS A 1 97  ? 7.038   7.547   -5.877  1.00 23.04 ? 99  LYS A CD  1 
ATOM   688  C  CE  . LYS A 1 97  ? 7.708   7.282   -7.215  1.00 25.77 ? 99  LYS A CE  1 
ATOM   689  N  NZ  . LYS A 1 97  ? 8.548   8.434   -7.636  1.00 26.88 ? 99  LYS A NZ  1 
ATOM   690  N  N   . VAL A 1 98  ? 2.779   7.031   -4.491  1.00 18.23 ? 100 VAL A N   1 
ATOM   691  C  CA  . VAL A 1 98  ? 1.720   7.255   -5.490  1.00 18.43 ? 100 VAL A CA  1 
ATOM   692  C  C   . VAL A 1 98  ? 2.196   8.235   -6.553  1.00 17.67 ? 100 VAL A C   1 
ATOM   693  O  O   . VAL A 1 98  ? 2.994   9.124   -6.266  1.00 17.62 ? 100 VAL A O   1 
ATOM   694  C  CB  . VAL A 1 98  ? 0.389   7.684   -4.872  1.00 18.78 ? 100 VAL A CB  1 
ATOM   695  C  CG1 . VAL A 1 98  ? -0.093  6.661   -3.827  1.00 19.63 ? 100 VAL A CG1 1 
ATOM   696  C  CG2 . VAL A 1 98  ? 0.439   9.097   -4.281  1.00 18.52 ? 100 VAL A CG2 1 
ATOM   697  N  N   . ALA A 1 99  ? 1.722   8.055   -7.785  1.00 18.25 ? 101 ALA A N   1 
ATOM   698  C  CA  . ALA A 1 99  ? 2.207   8.883   -8.920  1.00 18.81 ? 101 ALA A CA  1 
ATOM   699  C  C   . ALA A 1 99  ? 1.194   8.876   -10.046 1.00 19.00 ? 101 ALA A C   1 
ATOM   700  O  O   . ALA A 1 99  ? 0.681   7.815   -10.404 1.00 20.09 ? 101 ALA A O   1 
ATOM   701  C  CB  . ALA A 1 99  ? 3.539   8.346   -9.428  1.00 20.24 ? 101 ALA A CB  1 
ATOM   702  N  N   . TYR A 1 100 ? 0.918   10.065  -10.584 1.00 20.99 ? 102 TYR A N   1 
ATOM   703  C  CA  . TYR A 1 100 ? 0.004   10.213  -11.721 1.00 19.62 ? 102 TYR A CA  1 
ATOM   704  C  C   . TYR A 1 100 ? 0.534   9.569   -12.971 1.00 20.31 ? 102 TYR A C   1 
ATOM   705  O  O   . TYR A 1 100 ? 1.735   9.698   -13.308 1.00 21.04 ? 102 TYR A O   1 
ATOM   706  C  CB  . TYR A 1 100 ? -0.215  11.697  -12.042 1.00 20.69 ? 102 TYR A CB  1 
ATOM   707  C  CG  . TYR A 1 100 ? -1.277  12.358  -11.213 1.00 20.90 ? 102 TYR A CG  1 
ATOM   708  C  CD1 . TYR A 1 100 ? -2.627  12.031  -11.376 1.00 21.67 ? 102 TYR A CD1 1 
ATOM   709  C  CD2 . TYR A 1 100 ? -0.950  13.275  -10.247 1.00 22.29 ? 102 TYR A CD2 1 
ATOM   710  C  CE1 . TYR A 1 100 ? -3.593  12.645  -10.611 1.00 23.76 ? 102 TYR A CE1 1 
ATOM   711  C  CE2 . TYR A 1 100 ? -1.918  13.899  -9.485  1.00 22.06 ? 102 TYR A CE2 1 
ATOM   712  C  CZ  . TYR A 1 100 ? -3.226  13.586  -9.666  1.00 23.58 ? 102 TYR A CZ  1 
ATOM   713  O  OH  . TYR A 1 100 ? -4.163  14.208  -8.863  1.00 28.78 ? 102 TYR A OH  1 
ATOM   714  N  N   . SER A 1 101 ? -0.370  8.898   -13.672 1.00 21.14 ? 103 SER A N   1 
ATOM   715  C  CA  . SER A 1 101 ? -0.183  8.529   -15.066 1.00 21.05 ? 103 SER A CA  1 
ATOM   716  C  C   . SER A 1 101 ? -1.465  8.991   -15.806 1.00 21.77 ? 103 SER A C   1 
ATOM   717  O  O   . SER A 1 101 ? -2.450  9.354   -15.185 1.00 22.49 ? 103 SER A O   1 
ATOM   718  C  CB  . SER A 1 101 ? -0.032  7.016   -15.244 1.00 22.00 ? 103 SER A CB  1 
ATOM   719  O  OG  . SER A 1 101 ? 1.220   6.563   -14.766 1.00 24.05 ? 103 SER A OG  1 
ATOM   720  N  N   . ILE A 1 102 ? -1.452  8.891   -17.127 1.00 24.11 ? 104 ILE A N   1 
ATOM   721  C  CA  . ILE A 1 102 ? -2.618  9.220   -17.944 1.00 25.01 ? 104 ILE A CA  1 
ATOM   722  C  C   . ILE A 1 102 ? -3.033  7.936   -18.612 1.00 24.37 ? 104 ILE A C   1 
ATOM   723  O  O   . ILE A 1 102 ? -2.207  7.308   -19.242 1.00 25.60 ? 104 ILE A O   1 
ATOM   724  C  CB  . ILE A 1 102 ? -2.261  10.274  -19.013 1.00 27.99 ? 104 ILE A CB  1 
ATOM   725  C  CG1 . ILE A 1 102 ? -1.783  11.564  -18.338 1.00 28.90 ? 104 ILE A CG1 1 
ATOM   726  C  CG2 . ILE A 1 102 ? -3.472  10.528  -19.921 1.00 25.01 ? 104 ILE A CG2 1 
ATOM   727  C  CD1 . ILE A 1 102 ? -1.096  12.531  -19.281 1.00 30.32 ? 104 ILE A CD1 1 
ATOM   728  N  N   . VAL A 1 103 ? -4.288  7.544   -18.468 1.00 24.79 ? 105 VAL A N   1 
ATOM   729  C  CA  . VAL A 1 103 ? -4.745  6.216   -18.864 1.00 28.03 ? 105 VAL A CA  1 
ATOM   730  C  C   . VAL A 1 103 ? -6.144  6.176   -19.464 1.00 28.34 ? 105 VAL A C   1 
ATOM   731  O  O   . VAL A 1 103 ? -6.948  7.106   -19.311 1.00 28.33 ? 105 VAL A O   1 
ATOM   732  C  CB  . VAL A 1 103 ? -4.766  5.276   -17.642 1.00 30.59 ? 105 VAL A CB  1 
ATOM   733  C  CG1 . VAL A 1 103 ? -3.398  5.310   -16.958 1.00 28.26 ? 105 VAL A CG1 1 
ATOM   734  C  CG2 . VAL A 1 103 ? -5.854  5.698   -16.676 1.00 30.47 ? 105 VAL A CG2 1 
ATOM   735  N  N   . GLY A 1 104 ? -6.428  5.062   -20.128 1.00 30.45 ? 106 GLY A N   1 
ATOM   736  C  CA  . GLY A 1 104 ? -7.772  4.755   -20.598 1.00 32.18 ? 106 GLY A CA  1 
ATOM   737  C  C   . GLY A 1 104 ? -8.133  5.482   -21.883 1.00 33.77 ? 106 GLY A C   1 
ATOM   738  O  O   . GLY A 1 104 ? -7.373  6.326   -22.386 1.00 31.11 ? 106 GLY A O   1 
ATOM   739  N  N   . PRO A 1 105 ? -9.313  5.169   -22.419 1.00 37.89 ? 107 PRO A N   1 
ATOM   740  C  CA  . PRO A 1 105 ? -9.702  5.772   -23.705 1.00 40.02 ? 107 PRO A CA  1 
ATOM   741  C  C   . PRO A 1 105 ? -9.937  7.297   -23.615 1.00 35.25 ? 107 PRO A C   1 
ATOM   742  O  O   . PRO A 1 105 ? -9.775  8.017   -24.605 1.00 34.43 ? 107 PRO A O   1 
ATOM   743  C  CB  . PRO A 1 105 ? -11.003 5.041   -24.064 1.00 40.93 ? 107 PRO A CB  1 
ATOM   744  C  CG  . PRO A 1 105 ? -11.061 3.836   -23.181 1.00 42.15 ? 107 PRO A CG  1 
ATOM   745  C  CD  . PRO A 1 105 ? -10.271 4.148   -21.947 1.00 38.87 ? 107 PRO A CD  1 
ATOM   746  N  N   . THR A 1 106 ? -10.295 7.770   -22.427 1.00 33.08 ? 108 THR A N   1 
ATOM   747  C  CA  . THR A 1 106 ? -10.469 9.193   -22.196 1.00 33.11 ? 108 THR A CA  1 
ATOM   748  C  C   . THR A 1 106 ? -9.163  9.929   -21.823 1.00 30.69 ? 108 THR A C   1 
ATOM   749  O  O   . THR A 1 106 ? -9.202  11.134  -21.596 1.00 31.79 ? 108 THR A O   1 
ATOM   750  C  CB  . THR A 1 106 ? -11.532 9.449   -21.100 1.00 34.75 ? 108 THR A CB  1 
ATOM   751  O  OG1 . THR A 1 106 ? -11.086 8.897   -19.858 1.00 34.84 ? 108 THR A OG1 1 
ATOM   752  C  CG2 . THR A 1 106 ? -12.897 8.785   -21.477 1.00 36.00 ? 108 THR A CG2 1 
ATOM   753  N  N   . HIS A 1 107 ? -8.023  9.233   -21.775 1.00 28.64 ? 109 HIS A N   1 
ATOM   754  C  CA  . HIS A 1 107 ? -6.739  9.845   -21.425 1.00 29.65 ? 109 HIS A CA  1 
ATOM   755  C  C   . HIS A 1 107 ? -6.869  10.667  -20.151 1.00 26.69 ? 109 HIS A C   1 
ATOM   756  O  O   . HIS A 1 107 ? -6.572  11.845  -20.161 1.00 25.16 ? 109 HIS A O   1 
ATOM   757  C  CB  . HIS A 1 107 ? -6.229  10.731  -22.574 1.00 32.08 ? 109 HIS A CB  1 
ATOM   758  C  CG  . HIS A 1 107 ? -6.303  10.069  -23.935 1.00 35.43 ? 109 HIS A CG  1 
ATOM   759  N  ND1 . HIS A 1 107 ? -5.573  8.976   -24.249 1.00 36.45 ? 109 HIS A ND1 1 
ATOM   760  C  CD2 . HIS A 1 107 ? -7.054  10.385  -25.075 1.00 38.40 ? 109 HIS A CD2 1 
ATOM   761  C  CE1 . HIS A 1 107 ? -5.847  8.601   -25.527 1.00 39.03 ? 109 HIS A CE1 1 
ATOM   762  N  NE2 . HIS A 1 107 ? -6.754  9.461   -26.029 1.00 37.62 ? 109 HIS A NE2 1 
ATOM   763  N  N   . SER A 1 108 ? -7.346  10.039  -19.072 1.00 26.99 ? 110 SER A N   1 
ATOM   764  C  CA  . SER A 1 108 ? -7.619  10.728  -17.815 1.00 26.07 ? 110 SER A CA  1 
ATOM   765  C  C   . SER A 1 108 ? -6.528  10.409  -16.797 1.00 24.32 ? 110 SER A C   1 
ATOM   766  O  O   . SER A 1 108 ? -6.004  9.312   -16.777 1.00 23.61 ? 110 SER A O   1 
ATOM   767  C  CB  . SER A 1 108 ? -8.946  10.290  -17.218 1.00 28.32 ? 110 SER A CB  1 
ATOM   768  O  OG  . SER A 1 108 ? -9.986  10.468  -18.134 1.00 32.96 ? 110 SER A OG  1 
ATOM   769  N  N   . PRO A 1 109 ? -6.192  11.376  -15.967 1.00 24.30 ? 111 PRO A N   1 
ATOM   770  C  CA  . PRO A 1 109 ? -5.133  11.109  -14.980 1.00 22.36 ? 111 PRO A CA  1 
ATOM   771  C  C   . PRO A 1 109 ? -5.604  10.147  -13.906 1.00 20.50 ? 111 PRO A C   1 
ATOM   772  O  O   . PRO A 1 109 ? -6.762  10.158  -13.494 1.00 19.44 ? 111 PRO A O   1 
ATOM   773  C  CB  . PRO A 1 109 ? -4.807  12.492  -14.401 1.00 25.68 ? 111 PRO A CB  1 
ATOM   774  C  CG  . PRO A 1 109 ? -5.387  13.486  -15.349 1.00 25.10 ? 111 PRO A CG  1 
ATOM   775  C  CD  . PRO A 1 109 ? -6.545  12.802  -16.043 1.00 23.60 ? 111 PRO A CD  1 
ATOM   776  N  N   . LEU A 1 110 ? -4.699  9.260   -13.499 1.00 20.32 ? 112 LEU A N   1 
ATOM   777  C  CA  . LEU A 1 110 ? -4.969  8.300   -12.440 1.00 20.78 ? 112 LEU A CA  1 
ATOM   778  C  C   . LEU A 1 110 ? -3.662  8.093   -11.683 1.00 18.93 ? 112 LEU A C   1 
ATOM   779  O  O   . LEU A 1 110 ? -2.603  7.948   -12.290 1.00 19.75 ? 112 LEU A O   1 
ATOM   780  C  CB  . LEU A 1 110 ? -5.460  6.970   -12.991 1.00 21.96 ? 112 LEU A CB  1 
ATOM   781  C  CG  . LEU A 1 110 ? -5.854  5.893   -11.955 1.00 22.50 ? 112 LEU A CG  1 
ATOM   782  C  CD1 . LEU A 1 110 ? -6.945  6.387   -11.003 1.00 22.80 ? 112 LEU A CD1 1 
ATOM   783  C  CD2 . LEU A 1 110 ? -6.341  4.616   -12.653 1.00 22.42 ? 112 LEU A CD2 1 
ATOM   784  N  N   . ARG A 1 111 ? -3.719  8.151   -10.365 1.00 19.05 ? 113 ARG A N   1 
ATOM   785  C  CA  . ARG A 1 111 ? -2.512  7.926   -9.574  1.00 18.17 ? 113 ARG A CA  1 
ATOM   786  C  C   . ARG A 1 111 ? -2.377  6.443   -9.314  1.00 18.76 ? 113 ARG A C   1 
ATOM   787  O  O   . ARG A 1 111 ? -3.311  5.845   -8.811  1.00 20.16 ? 113 ARG A O   1 
ATOM   788  C  CB  . ARG A 1 111 ? -2.582  8.677   -8.245  1.00 19.79 ? 113 ARG A CB  1 
ATOM   789  C  CG  . ARG A 1 111 ? -2.524  10.165  -8.382  1.00 21.68 ? 113 ARG A CG  1 
ATOM   790  C  CD  . ARG A 1 111 ? -3.006  10.878  -7.136  1.00 20.47 ? 113 ARG A CD  1 
ATOM   791  N  NE  . ARG A 1 111 ? -4.427  10.668  -6.906  1.00 20.07 ? 113 ARG A NE  1 
ATOM   792  C  CZ  . ARG A 1 111 ? -5.054  11.151  -5.845  1.00 20.74 ? 113 ARG A CZ  1 
ATOM   793  N  NH1 . ARG A 1 111 ? -4.346  11.758  -4.895  1.00 20.59 ? 113 ARG A NH1 1 
ATOM   794  N  NH2 . ARG A 1 111 ? -6.343  10.937  -5.671  1.00 19.97 ? 113 ARG A NH2 1 
ATOM   795  N  N   . PHE A 1 112 ? -1.247  5.843   -9.689  1.00 17.61 ? 114 PHE A N   1 
ATOM   796  C  CA  . PHE A 1 112 ? -0.964  4.436   -9.447  1.00 17.48 ? 114 PHE A CA  1 
ATOM   797  C  C   . PHE A 1 112 ? -0.054  4.326   -8.226  1.00 17.72 ? 114 PHE A C   1 
ATOM   798  O  O   . PHE A 1 112 ? 0.655   5.275   -7.905  1.00 18.54 ? 114 PHE A O   1 
ATOM   799  C  CB  . PHE A 1 112 ? -0.247  3.796   -10.621 1.00 19.76 ? 114 PHE A CB  1 
ATOM   800  C  CG  . PHE A 1 112 ? -1.142  3.497   -11.781 1.00 20.47 ? 114 PHE A CG  1 
ATOM   801  C  CD1 . PHE A 1 112 ? -2.150  2.574   -11.668 1.00 21.22 ? 114 PHE A CD1 1 
ATOM   802  C  CD2 . PHE A 1 112 ? -0.975  4.160   -12.977 1.00 23.71 ? 114 PHE A CD2 1 
ATOM   803  C  CE1 . PHE A 1 112 ? -2.988  2.297   -12.744 1.00 21.93 ? 114 PHE A CE1 1 
ATOM   804  C  CE2 . PHE A 1 112 ? -1.817  3.887   -14.072 1.00 24.67 ? 114 PHE A CE2 1 
ATOM   805  C  CZ  . PHE A 1 112 ? -2.814  2.951   -13.940 1.00 23.01 ? 114 PHE A CZ  1 
ATOM   806  N  N   . VAL A 1 113 ? -0.113  3.171   -7.562  1.00 18.87 ? 115 VAL A N   1 
ATOM   807  C  CA  . VAL A 1 113 ? 0.873   2.826   -6.522  1.00 17.73 ? 115 VAL A CA  1 
ATOM   808  C  C   . VAL A 1 113 ? 2.037   2.131   -7.216  1.00 17.31 ? 115 VAL A C   1 
ATOM   809  O  O   . VAL A 1 113 ? 1.834   1.146   -7.931  1.00 18.78 ? 115 VAL A O   1 
ATOM   810  C  CB  . VAL A 1 113 ? 0.270   1.910   -5.456  1.00 18.09 ? 115 VAL A CB  1 
ATOM   811  C  CG1 . VAL A 1 113 ? 1.320   1.621   -4.375  1.00 17.21 ? 115 VAL A CG1 1 
ATOM   812  C  CG2 . VAL A 1 113 ? -1.024  2.528   -4.875  1.00 17.46 ? 115 VAL A CG2 1 
ATOM   813  N  N   . ILE A 1 114 ? 3.237   2.673   -7.041  1.00 19.08 ? 116 ILE A N   1 
ATOM   814  C  CA  . ILE A 1 114 ? 4.470   2.123   -7.634  1.00 19.91 ? 116 ILE A CA  1 
ATOM   815  C  C   . ILE A 1 114 ? 5.576   2.175   -6.600  1.00 20.28 ? 116 ILE A C   1 
ATOM   816  O  O   . ILE A 1 114 ? 5.440   2.844   -5.580  1.00 19.17 ? 116 ILE A O   1 
ATOM   817  C  CB  . ILE A 1 114 ? 4.909   2.917   -8.889  1.00 21.35 ? 116 ILE A CB  1 
ATOM   818  C  CG1 . ILE A 1 114 ? 5.061   4.405   -8.624  1.00 22.12 ? 116 ILE A CG1 1 
ATOM   819  C  CG2 . ILE A 1 114 ? 3.922   2.660   -10.048 1.00 22.27 ? 116 ILE A CG2 1 
ATOM   820  C  CD1 . ILE A 1 114 ? 5.653   5.167   -9.800  1.00 23.65 ? 116 ILE A CD1 1 
ATOM   821  N  N   . THR A 1 115 ? 6.677   1.488   -6.856  1.00 20.82 ? 117 THR A N   1 
ATOM   822  C  CA  . THR A 1 115 ? 7.868   1.712   -6.027  1.00 20.70 ? 117 THR A CA  1 
ATOM   823  C  C   . THR A 1 115 ? 8.699   2.863   -6.578  1.00 21.81 ? 117 THR A C   1 
ATOM   824  O  O   . THR A 1 115 ? 8.366   3.444   -7.624  1.00 22.09 ? 117 THR A O   1 
ATOM   825  C  CB  . THR A 1 115 ? 8.722   0.433   -5.871  1.00 21.00 ? 117 THR A CB  1 
ATOM   826  O  OG1 . THR A 1 115 ? 9.284   0.047   -7.135  1.00 21.86 ? 117 THR A OG1 1 
ATOM   827  C  CG2 . THR A 1 115 ? 7.918   -0.718  -5.288  1.00 19.66 ? 117 THR A CG2 1 
ATOM   828  N  N   . GLY A 1 116 ? 9.794   3.199   -5.881  1.00 21.09 ? 118 GLY A N   1 
ATOM   829  C  CA  . GLY A 1 116 ? 10.654  4.313   -6.275  1.00 21.79 ? 118 GLY A CA  1 
ATOM   830  C  C   . GLY A 1 116 ? 10.554  5.506   -5.362  1.00 22.33 ? 118 GLY A C   1 
ATOM   831  O  O   . GLY A 1 116 ? 11.145  6.550   -5.637  1.00 23.89 ? 118 GLY A O   1 
ATOM   832  N  N   . GLY A 1 117 ? 9.846   5.362   -4.243  1.00 21.14 ? 119 GLY A N   1 
ATOM   833  C  CA  . GLY A 1 117 ? 9.863   6.383   -3.218  1.00 20.63 ? 119 GLY A CA  1 
ATOM   834  C  C   . GLY A 1 117 ? 11.245  6.460   -2.577  1.00 22.10 ? 119 GLY A C   1 
ATOM   835  O  O   . GLY A 1 117 ? 11.988  5.485   -2.593  1.00 24.02 ? 119 GLY A O   1 
ATOM   836  N  N   . THR A 1 118 ? 11.573  7.608   -2.015  1.00 22.90 ? 120 THR A N   1 
ATOM   837  C  CA  . THR A 1 118 ? 12.790  7.754   -1.186  1.00 24.41 ? 120 THR A CA  1 
ATOM   838  C  C   . THR A 1 118 ? 12.324  7.685   0.251   1.00 22.54 ? 120 THR A C   1 
ATOM   839  O  O   . THR A 1 118 ? 11.609  8.542   0.703   1.00 23.87 ? 120 THR A O   1 
ATOM   840  C  CB  . THR A 1 118 ? 13.509  9.090   -1.429  1.00 25.73 ? 120 THR A CB  1 
ATOM   841  O  OG1 . THR A 1 118 ? 13.880  9.160   -2.811  1.00 25.50 ? 120 THR A OG1 1 
ATOM   842  C  CG2 . THR A 1 118 ? 14.773  9.204   -0.495  1.00 26.45 ? 120 THR A CG2 1 
ATOM   843  N  N   . PHE A 1 119 ? 12.703  6.623   0.939   1.00 24.25 ? 121 PHE A N   1 
ATOM   844  C  CA  . PHE A 1 119 ? 12.249  6.405   2.320   1.00 22.87 ? 121 PHE A CA  1 
ATOM   845  C  C   . PHE A 1 119 ? 12.710  7.556   3.195   1.00 23.21 ? 121 PHE A C   1 
ATOM   846  O  O   . PHE A 1 119 ? 13.833  8.010   3.076   1.00 22.53 ? 121 PHE A O   1 
ATOM   847  C  CB  . PHE A 1 119 ? 12.773  5.067   2.849   1.00 23.87 ? 121 PHE A CB  1 
ATOM   848  C  CG  . PHE A 1 119 ? 12.197  4.696   4.173   1.00 23.74 ? 121 PHE A CG  1 
ATOM   849  C  CD1 . PHE A 1 119 ? 10.883  4.267   4.275   1.00 23.82 ? 121 PHE A CD1 1 
ATOM   850  C  CD2 . PHE A 1 119 ? 12.933  4.839   5.322   1.00 25.86 ? 121 PHE A CD2 1 
ATOM   851  C  CE1 . PHE A 1 119 ? 10.337  3.953   5.492   1.00 25.27 ? 121 PHE A CE1 1 
ATOM   852  C  CE2 . PHE A 1 119 ? 12.391  4.518   6.554   1.00 28.58 ? 121 PHE A CE2 1 
ATOM   853  C  CZ  . PHE A 1 119 ? 11.093  4.064   6.644   1.00 27.80 ? 121 PHE A CZ  1 
ATOM   854  N  N   . GLY A 1 120 ? 11.832  8.067   4.031   1.00 21.70 ? 122 GLY A N   1 
ATOM   855  C  CA  . GLY A 1 120 ? 12.191  9.142   4.930   1.00 22.41 ? 122 GLY A CA  1 
ATOM   856  C  C   . GLY A 1 120 ? 11.143  9.479   5.946   1.00 22.47 ? 122 GLY A C   1 
ATOM   857  O  O   . GLY A 1 120 ? 10.033  8.927   5.944   1.00 20.61 ? 122 GLY A O   1 
ATOM   858  N  N   . PHE A 1 121 ? 11.504  10.370  6.858   1.00 22.02 ? 123 PHE A N   1 
ATOM   859  C  CA  . PHE A 1 121 ? 10.551  10.905  7.791   1.00 23.25 ? 123 PHE A CA  1 
ATOM   860  C  C   . PHE A 1 121 ? 9.561   11.774  7.037   1.00 25.20 ? 123 PHE A C   1 
ATOM   861  O  O   . PHE A 1 121 ? 9.916   12.383  6.019   1.00 26.13 ? 123 PHE A O   1 
ATOM   862  C  CB  . PHE A 1 121 ? 11.226  11.752  8.860   1.00 24.67 ? 123 PHE A CB  1 
ATOM   863  C  CG  . PHE A 1 121 ? 12.130  10.970  9.773   1.00 28.03 ? 123 PHE A CG  1 
ATOM   864  C  CD1 . PHE A 1 121 ? 11.623  10.351  10.911  1.00 31.13 ? 123 PHE A CD1 1 
ATOM   865  C  CD2 . PHE A 1 121 ? 13.494  10.886  9.509   1.00 29.72 ? 123 PHE A CD2 1 
ATOM   866  C  CE1 . PHE A 1 121 ? 12.464  9.654   11.766  1.00 31.56 ? 123 PHE A CE1 1 
ATOM   867  C  CE2 . PHE A 1 121 ? 14.338  10.181  10.355  1.00 30.84 ? 123 PHE A CE2 1 
ATOM   868  C  CZ  . PHE A 1 121 ? 13.816  9.554   11.478  1.00 30.98 ? 123 PHE A CZ  1 
ATOM   869  N  N   . PRO A 1 122 ? 8.330   11.856  7.534   1.00 26.14 ? 124 PRO A N   1 
ATOM   870  C  CA  . PRO A 1 122 ? 7.274   12.541  6.790   1.00 25.55 ? 124 PRO A CA  1 
ATOM   871  C  C   . PRO A 1 122 ? 7.436   14.056  6.718   1.00 26.65 ? 124 PRO A C   1 
ATOM   872  O  O   . PRO A 1 122 ? 7.734   14.707  7.721   1.00 24.87 ? 124 PRO A O   1 
ATOM   873  C  CB  . PRO A 1 122 ? 6.012   12.177  7.557   1.00 27.60 ? 124 PRO A CB  1 
ATOM   874  C  CG  . PRO A 1 122 ? 6.478   11.724  8.899   1.00 27.83 ? 124 PRO A CG  1 
ATOM   875  C  CD  . PRO A 1 122 ? 7.784   11.080  8.665   1.00 28.81 ? 124 PRO A CD  1 
ATOM   876  N  N   . GLY A 1 123 ? 7.216   14.596  5.537   1.00 24.64 ? 125 GLY A N   1 
ATOM   877  C  CA  . GLY A 1 123 ? 7.311   16.024  5.317   1.00 25.87 ? 125 GLY A CA  1 
ATOM   878  C  C   . GLY A 1 123 ? 6.933   16.385  3.907   1.00 27.35 ? 125 GLY A C   1 
ATOM   879  O  O   . GLY A 1 123 ? 6.632   15.493  3.092   1.00 24.61 ? 125 GLY A O   1 
ATOM   880  N  N   . PRO A 1 124 ? 6.955   17.695  3.591   1.00 29.50 ? 126 PRO A N   1 
ATOM   881  C  CA  . PRO A 1 124 ? 6.476   18.183  2.287   1.00 30.27 ? 126 PRO A CA  1 
ATOM   882  C  C   . PRO A 1 124 ? 7.230   17.589  1.121   1.00 29.74 ? 126 PRO A C   1 
ATOM   883  O  O   . PRO A 1 124 ? 6.656   17.416  0.046   1.00 33.37 ? 126 PRO A O   1 
ATOM   884  C  CB  . PRO A 1 124 ? 6.721   19.697  2.355   1.00 29.04 ? 126 PRO A CB  1 
ATOM   885  C  CG  . PRO A 1 124 ? 6.685   20.015  3.800   1.00 30.89 ? 126 PRO A CG  1 
ATOM   886  C  CD  . PRO A 1 124 ? 7.318   18.807  4.487   1.00 31.19 ? 126 PRO A CD  1 
ATOM   887  N  N   . ASN A 1 125 ? 8.486   17.251  1.347   1.00 29.16 ? 127 ASN A N   1 
ATOM   888  C  CA  . ASN A 1 125 ? 9.331   16.628  0.344   1.00 30.59 ? 127 ASN A CA  1 
ATOM   889  C  C   . ASN A 1 125 ? 8.949   15.195  -0.042  1.00 27.89 ? 127 ASN A C   1 
ATOM   890  O  O   . ASN A 1 125 ? 9.440   14.687  -1.022  1.00 26.26 ? 127 ASN A O   1 
ATOM   891  C  CB  . ASN A 1 125 ? 10.805  16.648  0.832   1.00 33.81 ? 127 ASN A CB  1 
ATOM   892  C  CG  . ASN A 1 125 ? 10.988  15.978  2.202   1.00 34.73 ? 127 ASN A CG  1 
ATOM   893  O  OD1 . ASN A 1 125 ? 10.358  16.378  3.203   1.00 33.55 ? 127 ASN A OD1 1 
ATOM   894  N  ND2 . ASN A 1 125 ? 11.852  14.946  2.254   1.00 36.32 ? 127 ASN A ND2 1 
ATOM   895  N  N   . ASN A 1 126 ? 8.099   14.521  0.718   1.00 24.81 ? 128 ASN A N   1 
ATOM   896  C  CA  . ASN A 1 126 ? 7.808   13.129  0.376   1.00 23.18 ? 128 ASN A CA  1 
ATOM   897  C  C   . ASN A 1 126 ? 6.370   12.753  0.564   1.00 21.66 ? 128 ASN A C   1 
ATOM   898  O  O   . ASN A 1 126 ? 6.052   11.634  0.948   1.00 20.63 ? 128 ASN A O   1 
ATOM   899  C  CB  . ASN A 1 126 ? 8.737   12.147  1.126   1.00 22.76 ? 128 ASN A CB  1 
ATOM   900  C  CG  . ASN A 1 126 ? 8.706   12.305  2.636   1.00 22.26 ? 128 ASN A CG  1 
ATOM   901  O  OD1 . ASN A 1 126 ? 7.704   12.710  3.230   1.00 21.05 ? 128 ASN A OD1 1 
ATOM   902  N  ND2 . ASN A 1 126 ? 9.833   11.948  3.274   1.00 22.55 ? 128 ASN A ND2 1 
ATOM   903  N  N   . ILE A 1 127 ? 5.481   13.685  0.251   1.00 21.74 ? 129 ILE A N   1 
ATOM   904  C  CA  . ILE A 1 127 ? 4.062   13.432  0.397   1.00 21.00 ? 129 ILE A CA  1 
ATOM   905  C  C   . ILE A 1 127 ? 3.577   12.201  -0.312  1.00 19.60 ? 129 ILE A C   1 
ATOM   906  O  O   . ILE A 1 127 ? 2.575   11.604  0.088   1.00 20.78 ? 129 ILE A O   1 
ATOM   907  C  CB  . ILE A 1 127 ? 3.189   14.622  -0.072  1.00 22.19 ? 129 ILE A CB  1 
ATOM   908  C  CG1 . ILE A 1 127 ? 3.410   14.948  -1.566  1.00 23.44 ? 129 ILE A CG1 1 
ATOM   909  C  CG2 . ILE A 1 127 ? 3.444   15.811  0.829   1.00 22.39 ? 129 ILE A CG2 1 
ATOM   910  C  CD1 . ILE A 1 127 ? 2.492   16.087  -2.053  1.00 22.23 ? 129 ILE A CD1 1 
ATOM   911  N  N   . GLU A 1 128 ? 4.267   11.822  -1.367  1.00 20.24 ? 130 GLU A N   1 
ATOM   912  C  CA  . GLU A 1 128 ? 3.845   10.695  -2.175  1.00 19.29 ? 130 GLU A CA  1 
ATOM   913  C  C   . GLU A 1 128 ? 4.002   9.311   -1.492  1.00 19.51 ? 130 GLU A C   1 
ATOM   914  O  O   . GLU A 1 128 ? 3.469   8.318   -1.981  1.00 17.30 ? 130 GLU A O   1 
ATOM   915  C  CB  . GLU A 1 128 ? 4.578   10.723  -3.517  1.00 20.76 ? 130 GLU A CB  1 
ATOM   916  C  CG  . GLU A 1 128 ? 6.075   10.531  -3.454  1.00 21.01 ? 130 GLU A CG  1 
ATOM   917  C  CD  . GLU A 1 128 ? 6.870   11.806  -3.379  1.00 24.33 ? 130 GLU A CD  1 
ATOM   918  O  OE1 . GLU A 1 128 ? 6.431   12.814  -2.722  1.00 24.18 ? 130 GLU A OE1 1 
ATOM   919  O  OE2 . GLU A 1 128 ? 7.971   11.767  -3.990  1.00 26.72 ? 130 GLU A OE2 1 
ATOM   920  N  N   . ASN A 1 129 ? 4.704   9.275   -0.361  1.00 18.10 ? 131 ASN A N   1 
ATOM   921  C  CA  . ASN A 1 129 ? 5.077   8.032   0.304   1.00 18.75 ? 131 ASN A CA  1 
ATOM   922  C  C   . ASN A 1 129 ? 4.022   7.491   1.275   1.00 19.04 ? 131 ASN A C   1 
ATOM   923  O  O   . ASN A 1 129 ? 4.111   6.312   1.684   1.00 18.49 ? 131 ASN A O   1 
ATOM   924  C  CB  . ASN A 1 129 ? 6.341   8.216   1.143   1.00 18.00 ? 131 ASN A CB  1 
ATOM   925  C  CG  . ASN A 1 129 ? 7.603   8.485   0.322   1.00 21.39 ? 131 ASN A CG  1 
ATOM   926  O  OD1 . ASN A 1 129 ? 7.574   8.720   -0.895  1.00 21.07 ? 131 ASN A OD1 1 
ATOM   927  N  ND2 . ASN A 1 129 ? 8.741   8.446   1.010   1.00 20.82 ? 131 ASN A ND2 1 
ATOM   928  N  N   . TRP A 1 130 ? 3.080   8.350   1.691   1.00 17.83 ? 132 TRP A N   1 
ATOM   929  C  CA  . TRP A 1 130 ? 2.286   8.103   2.890   1.00 18.67 ? 132 TRP A CA  1 
ATOM   930  C  C   . TRP A 1 130 ? 0.948   7.490   2.599   1.00 19.19 ? 132 TRP A C   1 
ATOM   931  O  O   . TRP A 1 130 ? 0.176   8.015   1.792   1.00 20.98 ? 132 TRP A O   1 
ATOM   932  C  CB  . TRP A 1 130 ? 2.178   9.364   3.765   1.00 19.34 ? 132 TRP A CB  1 
ATOM   933  C  CG  . TRP A 1 130 ? 3.583   9.802   4.053   1.00 19.89 ? 132 TRP A CG  1 
ATOM   934  C  CD1 . TRP A 1 130 ? 4.311   10.761  3.391   1.00 20.07 ? 132 TRP A CD1 1 
ATOM   935  C  CD2 . TRP A 1 130 ? 4.519   9.152   4.954   1.00 20.98 ? 132 TRP A CD2 1 
ATOM   936  N  NE1 . TRP A 1 130 ? 5.603   10.799  3.829   1.00 21.46 ? 132 TRP A NE1 1 
ATOM   937  C  CE2 . TRP A 1 130 ? 5.795   9.833   4.776   1.00 21.22 ? 132 TRP A CE2 1 
ATOM   938  C  CE3 . TRP A 1 130 ? 4.420   8.129   5.876   1.00 20.25 ? 132 TRP A CE3 1 
ATOM   939  C  CZ2 . TRP A 1 130 ? 6.912   9.495   5.497   1.00 20.14 ? 132 TRP A CZ2 1 
ATOM   940  C  CZ3 . TRP A 1 130 ? 5.561   7.787   6.612   1.00 21.01 ? 132 TRP A CZ3 1 
ATOM   941  C  CH2 . TRP A 1 130 ? 6.776   8.441   6.418   1.00 20.76 ? 132 TRP A CH2 1 
ATOM   942  N  N   . PHE A 1 131 ? 0.665   6.382   3.283   1.00 16.87 ? 133 PHE A N   1 
ATOM   943  C  CA  . PHE A 1 131 ? -0.589  5.607   3.111   1.00 16.74 ? 133 PHE A CA  1 
ATOM   944  C  C   . PHE A 1 131 ? -1.265  5.507   4.449   1.00 17.43 ? 133 PHE A C   1 
ATOM   945  O  O   . PHE A 1 131 ? -0.630  5.833   5.483   1.00 19.42 ? 133 PHE A O   1 
ATOM   946  C  CB  . PHE A 1 131 ? -0.289  4.183   2.560   1.00 16.86 ? 133 PHE A CB  1 
ATOM   947  C  CG  . PHE A 1 131 ? 0.290   4.186   1.177   1.00 15.99 ? 133 PHE A CG  1 
ATOM   948  C  CD1 . PHE A 1 131 ? 1.629   4.317   0.990   1.00 16.77 ? 133 PHE A CD1 1 
ATOM   949  C  CD2 . PHE A 1 131 ? -0.515  4.092   0.080   1.00 16.69 ? 133 PHE A CD2 1 
ATOM   950  C  CE1 . PHE A 1 131 ? 2.194   4.354   -0.272  1.00 18.00 ? 133 PHE A CE1 1 
ATOM   951  C  CE2 . PHE A 1 131 ? 0.026   4.161   -1.202  1.00 17.36 ? 133 PHE A CE2 1 
ATOM   952  C  CZ  . PHE A 1 131 ? 1.372   4.289   -1.380  1.00 16.95 ? 133 PHE A CZ  1 
ATOM   953  N  N   . LYS A 1 132 ? -2.523  5.094   4.423   1.00 17.01 ? 134 LYS A N   1 
ATOM   954  C  CA  . LYS A 1 132 ? -3.336  4.758   5.614   1.00 19.18 ? 134 LYS A CA  1 
ATOM   955  C  C   . LYS A 1 132 ? -4.078  3.452   5.395   1.00 19.18 ? 134 LYS A C   1 
ATOM   956  O  O   . LYS A 1 132 ? -4.419  3.095   4.253   1.00 18.46 ? 134 LYS A O   1 
ATOM   957  C  CB  . LYS A 1 132 ? -4.328  5.882   5.926   1.00 22.70 ? 134 LYS A CB  1 
ATOM   958  C  CG  . LYS A 1 132 ? -3.631  7.101   6.515   1.00 25.84 ? 134 LYS A CG  1 
ATOM   959  C  CD  . LYS A 1 132 ? -4.642  8.140   6.870   1.00 28.97 ? 134 LYS A CD  1 
ATOM   960  C  CE  . LYS A 1 132 ? -4.043  9.341   7.571   1.00 31.01 ? 134 LYS A CE  1 
ATOM   961  N  NZ  . LYS A 1 132 ? -5.180  10.278  7.536   1.00 33.27 ? 134 LYS A NZ  1 
ATOM   962  N  N   . ILE A 1 133 ? -4.334  2.735   6.499   1.00 19.36 ? 135 ILE A N   1 
ATOM   963  C  CA  . ILE A 1 133 ? -5.089  1.497   6.468   1.00 18.16 ? 135 ILE A CA  1 
ATOM   964  C  C   . ILE A 1 133 ? -6.339  1.790   7.254   1.00 19.71 ? 135 ILE A C   1 
ATOM   965  O  O   . ILE A 1 133 ? -6.252  2.300   8.386   1.00 18.84 ? 135 ILE A O   1 
ATOM   966  C  CB  . ILE A 1 133 ? -4.319  0.324   7.115   1.00 18.50 ? 135 ILE A CB  1 
ATOM   967  C  CG1 . ILE A 1 133 ? -2.959  0.194   6.402   1.00 19.30 ? 135 ILE A CG1 1 
ATOM   968  C  CG2 . ILE A 1 133 ? -5.139  -0.977  7.035   1.00 16.52 ? 135 ILE A CG2 1 
ATOM   969  C  CD1 . ILE A 1 133 ? -2.015  -0.887  6.913   1.00 20.98 ? 135 ILE A CD1 1 
ATOM   970  N  N   . GLU A 1 134 ? -7.498  1.467   6.678   1.00 18.30 ? 136 GLU A N   1 
ATOM   971  C  CA  . GLU A 1 134 ? -8.775  1.679   7.363   1.00 19.87 ? 136 GLU A CA  1 
ATOM   972  C  C   . GLU A 1 134 ? -9.577  0.378   7.383   1.00 20.63 ? 136 GLU A C   1 
ATOM   973  O  O   . GLU A 1 134 ? -9.465  -0.426  6.471   1.00 18.03 ? 136 GLU A O   1 
ATOM   974  C  CB  . GLU A 1 134 ? -9.611  2.731   6.641   1.00 23.06 ? 136 GLU A CB  1 
ATOM   975  C  CG  . GLU A 1 134 ? -8.845  3.967   6.195   1.00 25.75 ? 136 GLU A CG  1 
ATOM   976  C  CD  . GLU A 1 134 ? -8.485  4.925   7.321   1.00 28.83 ? 136 GLU A CD  1 
ATOM   977  O  OE1 . GLU A 1 134 ? -8.930  4.737   8.475   1.00 25.95 ? 136 GLU A OE1 1 
ATOM   978  O  OE2 . GLU A 1 134 ? -7.735  5.890   7.027   1.00 28.30 ? 136 GLU A OE2 1 
ATOM   979  N  N   . LYS A 1 135 ? -10.403 0.192   8.407   1.00 22.30 ? 137 LYS A N   1 
ATOM   980  C  CA  . LYS A 1 135 ? -11.247 -0.991  8.485   1.00 25.85 ? 137 LYS A CA  1 
ATOM   981  C  C   . LYS A 1 135 ? -12.250 -0.875  7.350   1.00 24.60 ? 137 LYS A C   1 
ATOM   982  O  O   . LYS A 1 135 ? -12.668 0.213   6.996   1.00 22.98 ? 137 LYS A O   1 
ATOM   983  C  CB  . LYS A 1 135 ? -11.971 -1.076  9.842   1.00 31.85 ? 137 LYS A CB  1 
ATOM   984  C  CG  . LYS A 1 135 ? -12.266 -2.519  10.248  1.00 39.04 ? 137 LYS A CG  1 
ATOM   985  C  CD  . LYS A 1 135 ? -12.767 -2.656  11.689  1.00 43.35 ? 137 LYS A CD  1 
ATOM   986  C  CE  . LYS A 1 135 ? -12.334 -4.004  12.275  1.00 48.30 ? 137 LYS A CE  1 
ATOM   987  N  NZ  . LYS A 1 135 ? -12.723 -5.207  11.442  1.00 52.56 ? 137 LYS A NZ  1 
ATOM   988  N  N   . TYR A 1 136 ? -12.572 -2.001  6.738   1.00 23.15 ? 138 TYR A N   1 
ATOM   989  C  CA  . TYR A 1 136 ? -13.514 -2.027  5.620   1.00 21.83 ? 138 TYR A CA  1 
ATOM   990  C  C   . TYR A 1 136 ? -14.392 -3.269  5.750   1.00 21.84 ? 138 TYR A C   1 
ATOM   991  O  O   . TYR A 1 136 ? -13.905 -4.402  5.719   1.00 24.78 ? 138 TYR A O   1 
ATOM   992  C  CB  . TYR A 1 136 ? -12.710 -2.052  4.338   1.00 22.74 ? 138 TYR A CB  1 
ATOM   993  C  CG  . TYR A 1 136 ? -13.528 -2.054  3.079   1.00 22.38 ? 138 TYR A CG  1 
ATOM   994  C  CD1 . TYR A 1 136 ? -14.164 -0.910  2.640   1.00 24.50 ? 138 TYR A CD1 1 
ATOM   995  C  CD2 . TYR A 1 136 ? -13.669 -3.212  2.335   1.00 24.72 ? 138 TYR A CD2 1 
ATOM   996  C  CE1 . TYR A 1 136 ? -14.931 -0.928  1.483   1.00 24.79 ? 138 TYR A CE1 1 
ATOM   997  C  CE2 . TYR A 1 136 ? -14.446 -3.244  1.177   1.00 24.45 ? 138 TYR A CE2 1 
ATOM   998  C  CZ  . TYR A 1 136 ? -15.041 -2.081  0.745   1.00 24.04 ? 138 TYR A CZ  1 
ATOM   999  O  OH  . TYR A 1 136 ? -15.812 -2.100  -0.402  1.00 28.79 ? 138 TYR A OH  1 
ATOM   1000 N  N   . GLU A 1 137 ? -15.690 -3.058  5.902   1.00 23.55 ? 139 GLU A N   1 
ATOM   1001 C  CA  . GLU A 1 137 ? -16.589 -4.141  6.242   1.00 22.84 ? 139 GLU A CA  1 
ATOM   1002 C  C   . GLU A 1 137 ? -16.882 -5.035  5.039   1.00 22.16 ? 139 GLU A C   1 
ATOM   1003 O  O   . GLU A 1 137 ? -17.342 -4.558  4.010   1.00 21.00 ? 139 GLU A O   1 
ATOM   1004 C  CB  . GLU A 1 137 ? -17.898 -3.605  6.795   1.00 25.80 ? 139 GLU A CB  1 
ATOM   1005 C  CG  . GLU A 1 137 ? -18.860 -4.720  7.220   1.00 28.95 ? 139 GLU A CG  1 
ATOM   1006 C  CD  . GLU A 1 137 ? -18.332 -5.587  8.375   1.00 31.63 ? 139 GLU A CD  1 
ATOM   1007 O  OE1 . GLU A 1 137 ? -18.478 -6.837  8.367   1.00 30.39 ? 139 GLU A OE1 1 
ATOM   1008 O  OE2 . GLU A 1 137 ? -17.762 -5.020  9.318   1.00 37.88 ? 139 GLU A OE2 1 
ATOM   1009 N  N   . THR A 1 138 ? -16.621 -6.328  5.208   1.00 20.88 ? 140 THR A N   1 
ATOM   1010 C  CA  . THR A 1 138 ? -16.924 -7.345  4.222   1.00 19.99 ? 140 THR A CA  1 
ATOM   1011 C  C   . THR A 1 138 ? -17.762 -8.528  4.757   1.00 22.07 ? 140 THR A C   1 
ATOM   1012 O  O   . THR A 1 138 ? -18.119 -9.451  3.990   1.00 19.58 ? 140 THR A O   1 
ATOM   1013 C  CB  . THR A 1 138 ? -15.644 -7.976  3.695   1.00 21.59 ? 140 THR A CB  1 
ATOM   1014 O  OG1 . THR A 1 138 ? -14.912 -8.639  4.762   1.00 20.28 ? 140 THR A OG1 1 
ATOM   1015 C  CG2 . THR A 1 138 ? -14.775 -6.920  3.017   1.00 18.49 ? 140 THR A CG2 1 
ATOM   1016 N  N   . GLY A 1 139 ? -18.008 -8.529  6.057   1.00 20.51 ? 141 GLY A N   1 
ATOM   1017 C  CA  . GLY A 1 139 ? -18.566 -9.699  6.732   1.00 21.85 ? 141 GLY A CA  1 
ATOM   1018 C  C   . GLY A 1 139 ? -17.506 -10.685 7.215   1.00 24.63 ? 141 GLY A C   1 
ATOM   1019 O  O   . GLY A 1 139 ? -17.830 -11.575 7.980   1.00 24.66 ? 141 GLY A O   1 
ATOM   1020 N  N   . ARG A 1 140 ? -16.276 -10.584 6.706   1.00 24.88 ? 142 ARG A N   1 
ATOM   1021 C  CA  . ARG A 1 140 ? -15.160 -11.405 7.167   1.00 27.89 ? 142 ARG A CA  1 
ATOM   1022 C  C   . ARG A 1 140 ? -14.274 -10.564 8.099   1.00 26.81 ? 142 ARG A C   1 
ATOM   1023 O  O   . ARG A 1 140 ? -13.898 -9.466  7.750   1.00 23.32 ? 142 ARG A O   1 
ATOM   1024 C  CB  . ARG A 1 140 ? -14.323 -11.865 5.987   1.00 32.24 ? 142 ARG A CB  1 
ATOM   1025 C  CG  . ARG A 1 140 ? -13.130 -12.714 6.380   1.00 37.67 ? 142 ARG A CG  1 
ATOM   1026 C  CD  . ARG A 1 140 ? -13.557 -14.163 6.489   1.00 41.34 ? 142 ARG A CD  1 
ATOM   1027 N  NE  . ARG A 1 140 ? -13.392 -14.816 5.195   1.00 45.28 ? 142 ARG A NE  1 
ATOM   1028 C  CZ  . ARG A 1 140 ? -14.161 -15.776 4.709   1.00 47.83 ? 142 ARG A CZ  1 
ATOM   1029 N  NH1 . ARG A 1 140 ? -15.205 -16.246 5.392   1.00 49.79 ? 142 ARG A NH1 1 
ATOM   1030 N  NH2 . ARG A 1 140 ? -13.880 -16.256 3.508   1.00 50.84 ? 142 ARG A NH2 1 
ATOM   1031 N  N   . PRO A 1 141 ? -13.916 -11.097 9.280   1.00 28.37 ? 143 PRO A N   1 
ATOM   1032 C  CA  . PRO A 1 141 ? -13.017 -10.339 10.156  1.00 26.67 ? 143 PRO A CA  1 
ATOM   1033 C  C   . PRO A 1 141 ? -11.680 -10.008 9.506   1.00 23.28 ? 143 PRO A C   1 
ATOM   1034 O  O   . PRO A 1 141 ? -11.172 -10.800 8.718   1.00 22.95 ? 143 PRO A O   1 
ATOM   1035 C  CB  . PRO A 1 141 ? -12.775 -11.321 11.332  1.00 28.09 ? 143 PRO A CB  1 
ATOM   1036 C  CG  . PRO A 1 141 ? -13.978 -12.198 11.350  1.00 30.41 ? 143 PRO A CG  1 
ATOM   1037 C  CD  . PRO A 1 141 ? -14.327 -12.381 9.889   1.00 29.68 ? 143 PRO A CD  1 
ATOM   1038 N  N   . HIS A 1 142 ? -11.097 -8.878  9.886   1.00 22.11 ? 144 HIS A N   1 
ATOM   1039 C  CA  . HIS A 1 142 ? -9.724  -8.504  9.537   1.00 21.39 ? 144 HIS A CA  1 
ATOM   1040 C  C   . HIS A 1 142 ? -9.553  -8.090  8.103   1.00 19.38 ? 144 HIS A C   1 
ATOM   1041 O  O   . HIS A 1 142 ? -8.447  -8.213  7.540   1.00 19.83 ? 144 HIS A O   1 
ATOM   1042 C  CB  . HIS A 1 142 ? -8.739  -9.623  9.879   1.00 22.43 ? 144 HIS A CB  1 
ATOM   1043 C  CG  . HIS A 1 142 ? -8.944  -10.213 11.252  1.00 25.07 ? 144 HIS A CG  1 
ATOM   1044 N  ND1 . HIS A 1 142 ? -9.249  -9.451  12.336  1.00 24.94 ? 144 HIS A ND1 1 
ATOM   1045 C  CD2 . HIS A 1 142 ? -8.880  -11.532 11.697  1.00 26.59 ? 144 HIS A CD2 1 
ATOM   1046 C  CE1 . HIS A 1 142 ? -9.409  -10.269 13.416  1.00 24.64 ? 144 HIS A CE1 1 
ATOM   1047 N  NE2 . HIS A 1 142 ? -9.166  -11.526 13.030  1.00 27.23 ? 144 HIS A NE2 1 
ATOM   1048 N  N   . SER A 1 143 ? -10.645 -7.613  7.493   1.00 20.92 ? 145 SER A N   1 
ATOM   1049 C  CA  . SER A 1 143 ? -10.543 -6.982  6.174   1.00 18.52 ? 145 SER A CA  1 
ATOM   1050 C  C   . SER A 1 143 ? -10.399 -5.466  6.297   1.00 16.80 ? 145 SER A C   1 
ATOM   1051 O  O   . SER A 1 143 ? -11.089 -4.818  7.096   1.00 18.00 ? 145 SER A O   1 
ATOM   1052 C  CB  . SER A 1 143 ? -11.736 -7.353  5.283   1.00 19.31 ? 145 SER A CB  1 
ATOM   1053 O  OG  . SER A 1 143 ? -12.939 -7.038  5.909   1.00 21.03 ? 145 SER A OG  1 
ATOM   1054 N  N   . TYR A 1 144 ? -9.503  -4.902  5.465   1.00 17.39 ? 146 TYR A N   1 
ATOM   1055 C  CA  . TYR A 1 144 ? -9.172  -3.479  5.463   1.00 17.84 ? 146 TYR A CA  1 
ATOM   1056 C  C   . TYR A 1 144 ? -9.057  -2.965  4.042   1.00 17.71 ? 146 TYR A C   1 
ATOM   1057 O  O   . TYR A 1 144 ? -8.976  -3.768  3.103   1.00 18.42 ? 146 TYR A O   1 
ATOM   1058 C  CB  . TYR A 1 144 ? -7.791  -3.292  6.118   1.00 17.74 ? 146 TYR A CB  1 
ATOM   1059 C  CG  . TYR A 1 144 ? -7.834  -3.653  7.592   1.00 18.81 ? 146 TYR A CG  1 
ATOM   1060 C  CD1 . TYR A 1 144 ? -7.590  -4.943  8.011   1.00 19.25 ? 146 TYR A CD1 1 
ATOM   1061 C  CD2 . TYR A 1 144 ? -8.129  -2.694  8.556   1.00 19.52 ? 146 TYR A CD2 1 
ATOM   1062 C  CE1 . TYR A 1 144 ? -7.613  -5.294  9.360   1.00 18.99 ? 146 TYR A CE1 1 
ATOM   1063 C  CE2 . TYR A 1 144 ? -8.198  -3.023  9.904   1.00 19.25 ? 146 TYR A CE2 1 
ATOM   1064 C  CZ  . TYR A 1 144 ? -7.944  -4.333  10.305  1.00 21.26 ? 146 TYR A CZ  1 
ATOM   1065 O  OH  . TYR A 1 144 ? -8.011  -4.669  11.659  1.00 20.89 ? 146 TYR A OH  1 
ATOM   1066 N  N   . LYS A 1 145 ? -9.022  -1.632  3.913   1.00 17.27 ? 147 LYS A N   1 
ATOM   1067 C  CA  . LYS A 1 145 ? -8.668  -0.971  2.664   1.00 16.81 ? 147 LYS A CA  1 
ATOM   1068 C  C   . LYS A 1 145 ? -7.470  -0.097  2.889   1.00 17.63 ? 147 LYS A C   1 
ATOM   1069 O  O   . LYS A 1 145 ? -7.274  0.463   3.998   1.00 17.79 ? 147 LYS A O   1 
ATOM   1070 C  CB  . LYS A 1 145 ? -9.839  -0.123  2.142   1.00 17.49 ? 147 LYS A CB  1 
ATOM   1071 C  CG  . LYS A 1 145 ? -10.240 1.039   3.064   1.00 18.50 ? 147 LYS A CG  1 
ATOM   1072 C  CD  . LYS A 1 145 ? -11.339 1.934   2.486   1.00 19.71 ? 147 LYS A CD  1 
ATOM   1073 C  CE  . LYS A 1 145 ? -11.741 3.083   3.408   1.00 20.03 ? 147 LYS A CE  1 
ATOM   1074 N  NZ  . LYS A 1 145 ? -12.947 3.814   2.882   1.00 18.90 ? 147 LYS A NZ  1 
ATOM   1075 N  N   . LEU A 1 146 ? -6.654  0.025   1.854   1.00 16.72 ? 148 LEU A N   1 
ATOM   1076 C  CA  . LEU A 1 146 ? -5.624  1.009   1.806   1.00 17.11 ? 148 LEU A CA  1 
ATOM   1077 C  C   . LEU A 1 146 ? -6.201  2.310   1.292   1.00 18.27 ? 148 LEU A C   1 
ATOM   1078 O  O   . LEU A 1 146 ? -7.182  2.318   0.528   1.00 17.01 ? 148 LEU A O   1 
ATOM   1079 C  CB  . LEU A 1 146 ? -4.455  0.601   0.915   1.00 17.84 ? 148 LEU A CB  1 
ATOM   1080 C  CG  . LEU A 1 146 ? -3.722  -0.666  1.372   1.00 18.85 ? 148 LEU A CG  1 
ATOM   1081 C  CD1 . LEU A 1 146 ? -2.773  -1.284  0.369   1.00 19.23 ? 148 LEU A CD1 1 
ATOM   1082 C  CD2 . LEU A 1 146 ? -3.027  -0.383  2.687   1.00 22.84 ? 148 LEU A CD2 1 
ATOM   1083 N  N   . ARG A 1 147 ? -5.552  3.398   1.697   1.00 19.38 ? 149 ARG A N   1 
ATOM   1084 C  CA  . ARG A 1 147 ? -6.053  4.743   1.404   1.00 19.28 ? 149 ARG A CA  1 
ATOM   1085 C  C   . ARG A 1 147 ? -4.916  5.734   1.275   1.00 19.79 ? 149 ARG A C   1 
ATOM   1086 O  O   . ARG A 1 147 ? -3.869  5.606   1.921   1.00 19.41 ? 149 ARG A O   1 
ATOM   1087 C  CB  . ARG A 1 147 ? -7.073  5.171   2.480   1.00 19.49 ? 149 ARG A CB  1 
ATOM   1088 C  CG  . ARG A 1 147 ? -7.588  6.614   2.410   1.00 19.93 ? 149 ARG A CG  1 
ATOM   1089 C  CD  . ARG A 1 147 ? -8.672  6.837   3.456   1.00 20.47 ? 149 ARG A CD  1 
ATOM   1090 N  NE  . ARG A 1 147 ? -9.231  8.177   3.480   1.00 21.86 ? 149 ARG A NE  1 
ATOM   1091 C  CZ  . ARG A 1 147 ? -10.087 8.672   2.589   1.00 23.83 ? 149 ARG A CZ  1 
ATOM   1092 N  NH1 . ARG A 1 147 ? -10.521 7.937   1.567   1.00 23.14 ? 149 ARG A NH1 1 
ATOM   1093 N  NH2 . ARG A 1 147 ? -10.530 9.934   2.724   1.00 24.72 ? 149 ARG A NH2 1 
ATOM   1094 N  N   . TYR A 1 148 ? -5.109  6.732   0.397   1.00 18.97 ? 150 TYR A N   1 
ATOM   1095 C  CA  . TYR A 1 148 ? -4.192  7.854   0.305   1.00 18.21 ? 150 TYR A CA  1 
ATOM   1096 C  C   . TYR A 1 148 ? -4.903  9.097   0.810   1.00 18.39 ? 150 TYR A C   1 
ATOM   1097 O  O   . TYR A 1 148 ? -5.882  9.618   0.171   1.00 17.73 ? 150 TYR A O   1 
ATOM   1098 C  CB  . TYR A 1 148 ? -3.672  8.108   -1.110  1.00 18.12 ? 150 TYR A CB  1 
ATOM   1099 C  CG  . TYR A 1 148 ? -2.620  9.207   -1.159  1.00 17.84 ? 150 TYR A CG  1 
ATOM   1100 C  CD1 . TYR A 1 148 ? -1.314  8.984   -0.727  1.00 17.12 ? 150 TYR A CD1 1 
ATOM   1101 C  CD2 . TYR A 1 148 ? -2.935  10.479  -1.643  1.00 17.64 ? 150 TYR A CD2 1 
ATOM   1102 C  CE1 . TYR A 1 148 ? -0.370  9.980   -0.751  1.00 16.88 ? 150 TYR A CE1 1 
ATOM   1103 C  CE2 . TYR A 1 148 ? -2.006  11.484  -1.666  1.00 18.67 ? 150 TYR A CE2 1 
ATOM   1104 C  CZ  . TYR A 1 148 ? -0.703  11.233  -1.246  1.00 17.50 ? 150 TYR A CZ  1 
ATOM   1105 O  OH  . TYR A 1 148 ? 0.233   12.238  -1.255  1.00 17.52 ? 150 TYR A OH  1 
ATOM   1106 N  N   . CYS A 1 149 ? -4.437  9.562   1.968   1.00 19.25 ? 151 CYS A N   1 
ATOM   1107 C  CA  . CYS A 1 149 ? -4.936  10.801  2.588   1.00 19.99 ? 151 CYS A CA  1 
ATOM   1108 C  C   . CYS A 1 149 ? -3.998  11.228  3.716   1.00 19.36 ? 151 CYS A C   1 
ATOM   1109 O  O   . CYS A 1 149 ? -4.298  11.036  4.903   1.00 21.26 ? 151 CYS A O   1 
ATOM   1110 C  CB  . CYS A 1 149 ? -6.350  10.588  3.108   1.00 21.30 ? 151 CYS A CB  1 
ATOM   1111 S  SG  . CYS A 1 149 ? -7.324  12.083  3.441   1.00 22.52 ? 151 CYS A SG  1 
ATOM   1112 N  N   . PRO A 1 150 ? -2.868  11.765  3.368   1.00 19.28 ? 152 PRO A N   1 
ATOM   1113 C  CA  . PRO A 1 150 ? -1.877  12.038  4.420   1.00 21.62 ? 152 PRO A CA  1 
ATOM   1114 C  C   . PRO A 1 150 ? -2.341  13.064  5.452   1.00 23.40 ? 152 PRO A C   1 
ATOM   1115 O  O   . PRO A 1 150 ? -3.114  13.981  5.112   1.00 23.13 ? 152 PRO A O   1 
ATOM   1116 C  CB  . PRO A 1 150 ? -0.688  12.534  3.637   1.00 21.99 ? 152 PRO A CB  1 
ATOM   1117 C  CG  . PRO A 1 150 ? -0.848  11.919  2.267   1.00 20.03 ? 152 PRO A CG  1 
ATOM   1118 C  CD  . PRO A 1 150 ? -2.297  11.924  2.023   1.00 20.41 ? 152 PRO A CD  1 
ATOM   1119 N  N   . SER A 1 151 ? -1.920  12.892  6.708   1.00 25.56 ? 153 SER A N   1 
ATOM   1120 C  CA  . SER A 1 151 ? -2.234  13.892  7.759   1.00 25.49 ? 153 SER A CA  1 
ATOM   1121 C  C   . SER A 1 151 ? -1.811  15.283  7.313   1.00 26.06 ? 153 SER A C   1 
ATOM   1122 O  O   . SER A 1 151 ? -0.728  15.459  6.739   1.00 23.05 ? 153 SER A O   1 
ATOM   1123 C  CB  . SER A 1 151 ? -1.552  13.549  9.083   1.00 28.81 ? 153 SER A CB  1 
ATOM   1124 O  OG  . SER A 1 151 ? -2.100  12.369  9.645   1.00 25.89 ? 153 SER A OG  1 
ATOM   1125 N  N   . GLN A 1 152 ? -2.675  16.275  7.530   1.00 26.71 ? 154 GLN A N   1 
ATOM   1126 C  CA  . GLN A 1 152 ? -2.377  17.639  7.067   1.00 28.45 ? 154 GLN A CA  1 
ATOM   1127 C  C   . GLN A 1 152 ? -0.996  18.168  7.472   1.00 28.22 ? 154 GLN A C   1 
ATOM   1128 O  O   . GLN A 1 152 ? -0.333  18.860  6.674   1.00 28.58 ? 154 GLN A O   1 
ATOM   1129 C  CB  . GLN A 1 152 ? -3.465  18.627  7.526   1.00 29.48 ? 154 GLN A CB  1 
ATOM   1130 C  CG  . GLN A 1 152 ? -3.326  20.014  6.865   1.00 30.79 ? 154 GLN A CG  1 
ATOM   1131 C  CD  . GLN A 1 152 ? -3.597  19.994  5.369   1.00 31.14 ? 154 GLN A CD  1 
ATOM   1132 O  OE1 . GLN A 1 152 ? -4.728  19.858  4.955   1.00 34.26 ? 154 GLN A OE1 1 
ATOM   1133 N  NE2 . GLN A 1 152 ? -2.562  20.136  4.564   1.00 31.66 ? 154 GLN A NE2 1 
ATOM   1134 N  N   . TYR A 1 153 ? -0.520  17.811  8.670   1.00 29.81 ? 155 TYR A N   1 
ATOM   1135 C  CA  . TYR A 1 153 ? 0.743   18.363  9.179   1.00 31.93 ? 155 TYR A CA  1 
ATOM   1136 C  C   . TYR A 1 153 ? 1.927   18.016  8.301   1.00 31.10 ? 155 TYR A C   1 
ATOM   1137 O  O   . TYR A 1 153 ? 2.930   18.710  8.323   1.00 30.42 ? 155 TYR A O   1 
ATOM   1138 C  CB  . TYR A 1 153 ? 1.028   17.915  10.624  1.00 33.90 ? 155 TYR A CB  1 
ATOM   1139 C  CG  . TYR A 1 153 ? 1.737   16.584  10.719  1.00 32.85 ? 155 TYR A CG  1 
ATOM   1140 C  CD1 . TYR A 1 153 ? 3.119   16.500  10.574  1.00 34.16 ? 155 TYR A CD1 1 
ATOM   1141 C  CD2 . TYR A 1 153 ? 1.027   15.415  10.916  1.00 33.58 ? 155 TYR A CD2 1 
ATOM   1142 C  CE1 . TYR A 1 153 ? 3.780   15.279  10.626  1.00 33.97 ? 155 TYR A CE1 1 
ATOM   1143 C  CE2 . TYR A 1 153 ? 1.675   14.188  10.976  1.00 34.68 ? 155 TYR A CE2 1 
ATOM   1144 C  CZ  . TYR A 1 153 ? 3.050   14.130  10.841  1.00 34.81 ? 155 TYR A CZ  1 
ATOM   1145 O  OH  . TYR A 1 153 ? 3.683   12.922  10.905  1.00 36.07 ? 155 TYR A OH  1 
ATOM   1146 N  N   . ILE A 1 154 ? 1.814   16.941  7.522   1.00 26.43 ? 156 ILE A N   1 
ATOM   1147 C  CA  . ILE A 1 154 ? 2.890   16.498  6.646   1.00 27.90 ? 156 ILE A CA  1 
ATOM   1148 C  C   . ILE A 1 154 ? 3.154   17.517  5.525   1.00 27.40 ? 156 ILE A C   1 
ATOM   1149 O  O   . ILE A 1 154 ? 4.285   17.672  5.071   1.00 28.20 ? 156 ILE A O   1 
ATOM   1150 C  CB  . ILE A 1 154 ? 2.586   15.076  6.077   1.00 26.91 ? 156 ILE A CB  1 
ATOM   1151 C  CG1 . ILE A 1 154 ? 2.498   14.066  7.231   1.00 26.58 ? 156 ILE A CG1 1 
ATOM   1152 C  CG2 . ILE A 1 154 ? 3.591   14.651  5.023   1.00 26.12 ? 156 ILE A CG2 1 
ATOM   1153 C  CD1 . ILE A 1 154 ? 1.989   12.702  6.816   1.00 25.56 ? 156 ILE A CD1 1 
ATOM   1154 N  N   . CYS A 1 155 ? 2.114   18.220  5.096   1.00 28.99 ? 157 CYS A N   1 
ATOM   1155 C  CA  . CYS A 1 155 ? 2.268   19.301  4.123   1.00 31.17 ? 157 CYS A CA  1 
ATOM   1156 C  C   . CYS A 1 155 ? 1.197   20.344  4.409   1.00 30.94 ? 157 CYS A C   1 
ATOM   1157 O  O   . CYS A 1 155 ? 0.073   20.264  3.907   1.00 30.15 ? 157 CYS A O   1 
ATOM   1158 C  CB  . CYS A 1 155 ? 2.141   18.739  2.718   1.00 32.26 ? 157 CYS A CB  1 
ATOM   1159 S  SG  . CYS A 1 155 ? 2.216   19.928  1.363   1.00 33.19 ? 157 CYS A SG  1 
ATOM   1160 N  N   . PRO A 1 156 ? 1.511   21.308  5.281   1.00 35.63 ? 158 PRO A N   1 
ATOM   1161 C  CA  . PRO A 1 156 ? 0.387   22.152  5.711   1.00 35.09 ? 158 PRO A CA  1 
ATOM   1162 C  C   . PRO A 1 156 ? -0.286  22.937  4.576   1.00 33.83 ? 158 PRO A C   1 
ATOM   1163 O  O   . PRO A 1 156 ? -1.448  23.276  4.704   1.00 36.85 ? 158 PRO A O   1 
ATOM   1164 C  CB  . PRO A 1 156 ? 1.023   23.089  6.754   1.00 36.49 ? 158 PRO A CB  1 
ATOM   1165 C  CG  . PRO A 1 156 ? 2.217   22.329  7.256   1.00 37.06 ? 158 PRO A CG  1 
ATOM   1166 C  CD  . PRO A 1 156 ? 2.736   21.569  6.058   1.00 35.34 ? 158 PRO A CD  1 
ATOM   1167 N  N   . THR A 1 157 ? 0.425   23.199  3.491   1.00 33.59 ? 159 THR A N   1 
ATOM   1168 C  CA  . THR A 1 157 ? -0.144  23.939  2.363   1.00 37.08 ? 159 THR A CA  1 
ATOM   1169 C  C   . THR A 1 157 ? -0.771  23.039  1.281   1.00 37.46 ? 159 THR A C   1 
ATOM   1170 O  O   . THR A 1 157 ? -1.259  23.535  0.256   1.00 37.48 ? 159 THR A O   1 
ATOM   1171 C  CB  . THR A 1 157 ? 0.917   24.857  1.717   1.00 36.61 ? 159 THR A CB  1 
ATOM   1172 O  OG1 . THR A 1 157 ? 1.914   24.070  1.077   1.00 39.04 ? 159 THR A OG1 1 
ATOM   1173 C  CG2 . THR A 1 157 ? 1.589   25.749  2.785   1.00 38.00 ? 159 THR A CG2 1 
ATOM   1174 N  N   . CYS A 1 158 ? -0.779  21.720  1.516   1.00 35.26 ? 160 CYS A N   1 
ATOM   1175 C  CA  . CYS A 1 158 ? -1.367  20.763  0.572   1.00 31.90 ? 160 CYS A CA  1 
ATOM   1176 C  C   . CYS A 1 158 ? -2.836  20.697  0.791   1.00 29.42 ? 160 CYS A C   1 
ATOM   1177 O  O   . CYS A 1 158 ? -3.295  20.725  1.933   1.00 32.24 ? 160 CYS A O   1 
ATOM   1178 C  CB  . CYS A 1 158 ? -0.782  19.346  0.785   1.00 32.27 ? 160 CYS A CB  1 
ATOM   1179 S  SG  . CYS A 1 158 ? 0.829   19.136  0.027   1.00 32.06 ? 160 CYS A SG  1 
ATOM   1180 N  N   . GLN A 1 159 ? -3.579  20.630  -0.302  1.00 28.66 ? 161 GLN A N   1 
ATOM   1181 C  CA  . GLN A 1 159 ? -4.983  20.279  -0.247  1.00 29.82 ? 161 GLN A CA  1 
ATOM   1182 C  C   . GLN A 1 159 ? -5.098  18.922  -0.936  1.00 26.34 ? 161 GLN A C   1 
ATOM   1183 O  O   . GLN A 1 159 ? -5.204  18.797  -2.169  1.00 27.28 ? 161 GLN A O   1 
ATOM   1184 C  CB  . GLN A 1 159 ? -5.852  21.351  -0.895  1.00 33.20 ? 161 GLN A CB  1 
ATOM   1185 C  CG  . GLN A 1 159 ? -5.910  22.651  -0.056  1.00 37.44 ? 161 GLN A CG  1 
ATOM   1186 C  CD  . GLN A 1 159 ? -6.805  22.539  1.197   1.00 39.88 ? 161 GLN A CD  1 
ATOM   1187 O  OE1 . GLN A 1 159 ? -7.363  21.481  1.492   1.00 45.99 ? 161 GLN A OE1 1 
ATOM   1188 N  NE2 . GLN A 1 159 ? -6.954  23.641  1.917   1.00 43.64 ? 161 GLN A NE2 1 
ATOM   1189 N  N   . PHE A 1 160 ? -5.021  17.871  -0.131  1.00 26.34 ? 162 PHE A N   1 
ATOM   1190 C  CA  . PHE A 1 160 ? -4.947  16.519  -0.696  1.00 23.42 ? 162 PHE A CA  1 
ATOM   1191 C  C   . PHE A 1 160 ? -6.237  16.089  -1.334  1.00 21.45 ? 162 PHE A C   1 
ATOM   1192 O  O   . PHE A 1 160 ? -7.330  16.322  -0.804  1.00 21.48 ? 162 PHE A O   1 
ATOM   1193 C  CB  . PHE A 1 160 ? -4.568  15.483  0.387   1.00 23.79 ? 162 PHE A CB  1 
ATOM   1194 C  CG  . PHE A 1 160 ? -3.146  15.619  0.867   1.00 24.04 ? 162 PHE A CG  1 
ATOM   1195 C  CD1 . PHE A 1 160 ? -2.083  15.224  0.070   1.00 25.02 ? 162 PHE A CD1 1 
ATOM   1196 C  CD2 . PHE A 1 160 ? -2.887  16.132  2.113   1.00 24.96 ? 162 PHE A CD2 1 
ATOM   1197 C  CE1 . PHE A 1 160 ? -0.770  15.349  0.523   1.00 24.78 ? 162 PHE A CE1 1 
ATOM   1198 C  CE2 . PHE A 1 160 ? -1.598  16.245  2.577   1.00 26.62 ? 162 PHE A CE2 1 
ATOM   1199 C  CZ  . PHE A 1 160 ? -0.542  15.862  1.778   1.00 25.99 ? 162 PHE A CZ  1 
ATOM   1200 N  N   . ASP A 1 161 ? -6.096  15.379  -2.453  1.00 20.34 ? 163 ASP A N   1 
ATOM   1201 C  CA  . ASP A 1 161 ? -7.189  14.769  -3.120  1.00 21.46 ? 163 ASP A CA  1 
ATOM   1202 C  C   . ASP A 1 161 ? -7.237  13.336  -2.585  1.00 21.89 ? 163 ASP A C   1 
ATOM   1203 O  O   . ASP A 1 161 ? -6.654  12.431  -3.153  1.00 21.81 ? 163 ASP A O   1 
ATOM   1204 C  CB  . ASP A 1 161 ? -6.960  14.777  -4.642  1.00 23.58 ? 163 ASP A CB  1 
ATOM   1205 C  CG  . ASP A 1 161 ? -8.115  14.191  -5.418  1.00 24.60 ? 163 ASP A CG  1 
ATOM   1206 O  OD1 . ASP A 1 161 ? -9.161  13.900  -4.820  1.00 25.51 ? 163 ASP A OD1 1 
ATOM   1207 O  OD2 . ASP A 1 161 ? -7.972  14.034  -6.663  1.00 29.01 ? 163 ASP A OD2 1 
ATOM   1208 N  N   . CYS A 1 162 ? -7.930  13.141  -1.487  1.00 22.66 ? 164 CYS A N   1 
ATOM   1209 C  CA  . CYS A 1 162 ? -7.881  11.844  -0.823  1.00 22.62 ? 164 CYS A CA  1 
ATOM   1210 C  C   . CYS A 1 162 ? -8.661  10.790  -1.596  1.00 21.37 ? 164 CYS A C   1 
ATOM   1211 O  O   . CYS A 1 162 ? -9.715  11.077  -2.165  1.00 21.78 ? 164 CYS A O   1 
ATOM   1212 C  CB  . CYS A 1 162 ? -8.411  11.972  0.591   1.00 23.08 ? 164 CYS A CB  1 
ATOM   1213 S  SG  . CYS A 1 162 ? -7.373  13.046  1.601   1.00 24.69 ? 164 CYS A SG  1 
ATOM   1214 N  N   . ALA A 1 163 ? -8.155  9.556   -1.609  1.00 20.00 ? 165 ALA A N   1 
ATOM   1215 C  CA  . ALA A 1 163 ? -8.809  8.485   -2.365  1.00 18.56 ? 165 ALA A CA  1 
ATOM   1216 C  C   . ALA A 1 163 ? -8.448  7.137   -1.754  1.00 18.18 ? 165 ALA A C   1 
ATOM   1217 O  O   . ALA A 1 163 ? -7.312  6.924   -1.368  1.00 16.35 ? 165 ALA A O   1 
ATOM   1218 C  CB  . ALA A 1 163 ? -8.399  8.518   -3.831  1.00 20.24 ? 165 ALA A CB  1 
ATOM   1219 N  N   . ASP A 1 164 ? -9.418  6.236   -1.719  1.00 16.86 ? 166 ASP A N   1 
ATOM   1220 C  CA  . ASP A 1 164 ? -9.168  4.865   -1.378  1.00 17.49 ? 166 ASP A CA  1 
ATOM   1221 C  C   . ASP A 1 164 ? -8.453  4.154   -2.509  1.00 18.33 ? 166 ASP A C   1 
ATOM   1222 O  O   . ASP A 1 164 ? -8.583  4.505   -3.716  1.00 17.88 ? 166 ASP A O   1 
ATOM   1223 C  CB  . ASP A 1 164 ? -10.454 4.142   -1.072  1.00 18.84 ? 166 ASP A CB  1 
ATOM   1224 C  CG  . ASP A 1 164 ? -11.146 4.672   0.184   1.00 19.32 ? 166 ASP A CG  1 
ATOM   1225 O  OD1 . ASP A 1 164 ? -10.448 5.168   1.092   1.00 21.29 ? 166 ASP A OD1 1 
ATOM   1226 O  OD2 . ASP A 1 164 ? -12.377 4.472   0.286   1.00 21.78 ? 166 ASP A OD2 1 
ATOM   1227 N  N   . VAL A 1 165 ? -7.700  3.128   -2.126  1.00 17.01 ? 167 VAL A N   1 
ATOM   1228 C  CA  . VAL A 1 165 ? -6.931  2.336   -3.063  1.00 17.35 ? 167 VAL A CA  1 
ATOM   1229 C  C   . VAL A 1 165 ? -7.784  1.182   -3.548  1.00 17.11 ? 167 VAL A C   1 
ATOM   1230 O  O   . VAL A 1 165 ? -8.365  0.403   -2.755  1.00 16.25 ? 167 VAL A O   1 
ATOM   1231 C  CB  . VAL A 1 165 ? -5.621  1.783   -2.445  1.00 18.39 ? 167 VAL A CB  1 
ATOM   1232 C  CG1 . VAL A 1 165 ? -4.890  0.850   -3.417  1.00 17.89 ? 167 VAL A CG1 1 
ATOM   1233 C  CG2 . VAL A 1 165 ? -4.695  2.945   -2.052  1.00 18.30 ? 167 VAL A CG2 1 
ATOM   1234 N  N   . GLY A 1 166 ? -7.853  1.069   -4.870  1.00 17.76 ? 168 GLY A N   1 
ATOM   1235 C  CA  . GLY A 1 166 ? -8.463  -0.092  -5.511  1.00 16.99 ? 168 GLY A CA  1 
ATOM   1236 C  C   . GLY A 1 166 ? -7.549  -0.664  -6.564  1.00 17.74 ? 168 GLY A C   1 
ATOM   1237 O  O   . GLY A 1 166 ? -6.339  -0.444  -6.519  1.00 16.85 ? 168 GLY A O   1 
ATOM   1238 N  N   . LEU A 1 167 ? -8.151  -1.414  -7.506  1.00 16.90 ? 169 LEU A N   1 
ATOM   1239 C  CA  . LEU A 1 167 ? -7.455  -2.028  -8.599  1.00 18.39 ? 169 LEU A CA  1 
ATOM   1240 C  C   . LEU A 1 167 ? -7.982  -1.503  -9.965  1.00 18.75 ? 169 LEU A C   1 
ATOM   1241 O  O   . LEU A 1 167 ? -9.168  -1.215  -10.118 1.00 18.95 ? 169 LEU A O   1 
ATOM   1242 C  CB  . LEU A 1 167 ? -7.598  -3.535  -8.565  1.00 18.94 ? 169 LEU A CB  1 
ATOM   1243 C  CG  . LEU A 1 167 ? -7.009  -4.228  -7.342  1.00 19.34 ? 169 LEU A CG  1 
ATOM   1244 C  CD1 . LEU A 1 167 ? -7.247  -5.729  -7.495  1.00 18.81 ? 169 LEU A CD1 1 
ATOM   1245 C  CD2 . LEU A 1 167 ? -5.530  -3.903  -7.190  1.00 17.85 ? 169 LEU A CD2 1 
ATOM   1246 N  N   . TYR A 1 168 ? -7.047  -1.316  -10.883 1.00 17.87 ? 170 TYR A N   1 
ATOM   1247 C  CA  . TYR A 1 168 ? -7.363  -0.839  -12.227 1.00 19.48 ? 170 TYR A CA  1 
ATOM   1248 C  C   . TYR A 1 168 ? -6.475  -1.621  -13.193 1.00 20.13 ? 170 TYR A C   1 
ATOM   1249 O  O   . TYR A 1 168 ? -5.234  -1.641  -13.067 1.00 19.31 ? 170 TYR A O   1 
ATOM   1250 C  CB  . TYR A 1 168 ? -7.130  0.649   -12.318 1.00 19.68 ? 170 TYR A CB  1 
ATOM   1251 C  CG  . TYR A 1 168 ? -7.381  1.242   -13.698 1.00 20.68 ? 170 TYR A CG  1 
ATOM   1252 C  CD1 . TYR A 1 168 ? -8.649  1.654   -14.077 1.00 23.02 ? 170 TYR A CD1 1 
ATOM   1253 C  CD2 . TYR A 1 168 ? -6.344  1.387   -14.617 1.00 21.91 ? 170 TYR A CD2 1 
ATOM   1254 C  CE1 . TYR A 1 168 ? -8.873  2.189   -15.352 1.00 23.77 ? 170 TYR A CE1 1 
ATOM   1255 C  CE2 . TYR A 1 168 ? -6.565  1.918   -15.876 1.00 23.44 ? 170 TYR A CE2 1 
ATOM   1256 C  CZ  . TYR A 1 168 ? -7.845  2.303   -16.230 1.00 23.48 ? 170 TYR A CZ  1 
ATOM   1257 O  OH  . TYR A 1 168 ? -8.035  2.838   -17.477 1.00 25.70 ? 170 TYR A OH  1 
ATOM   1258 N  N   . GLU A 1 169 ? -7.113  -2.279  -14.148 1.00 21.19 ? 171 GLU A N   1 
ATOM   1259 C  CA  . GLU A 1 169 ? -6.396  -3.053  -15.125 1.00 23.28 ? 171 GLU A CA  1 
ATOM   1260 C  C   . GLU A 1 169 ? -5.714  -2.168  -16.157 1.00 22.39 ? 171 GLU A C   1 
ATOM   1261 O  O   . GLU A 1 169 ? -6.349  -1.386  -16.862 1.00 20.04 ? 171 GLU A O   1 
ATOM   1262 C  CB  . GLU A 1 169 ? -7.342  -4.051  -15.804 1.00 26.83 ? 171 GLU A CB  1 
ATOM   1263 C  CG  . GLU A 1 169 ? -6.589  -5.145  -16.553 1.00 32.02 ? 171 GLU A CG  1 
ATOM   1264 C  CD  . GLU A 1 169 ? -6.014  -6.227  -15.631 1.00 37.52 ? 171 GLU A CD  1 
ATOM   1265 O  OE1 . GLU A 1 169 ? -6.555  -6.499  -14.512 1.00 34.17 ? 171 GLU A OE1 1 
ATOM   1266 O  OE2 . GLU A 1 169 ? -5.009  -6.831  -16.060 1.00 44.03 ? 171 GLU A OE2 1 
ATOM   1267 N  N   . ASN A 1 170 ? -4.398  -2.280  -16.223 1.00 21.80 ? 172 ASN A N   1 
ATOM   1268 C  CA  . ASN A 1 170 ? -3.568  -1.452  -17.074 1.00 24.66 ? 172 ASN A CA  1 
ATOM   1269 C  C   . ASN A 1 170 ? -2.206  -2.147  -17.293 1.00 26.76 ? 172 ASN A C   1 
ATOM   1270 O  O   . ASN A 1 170 ? -1.687  -2.828  -16.395 1.00 28.23 ? 172 ASN A O   1 
ATOM   1271 C  CB  . ASN A 1 170 ? -3.402  -0.074  -16.397 1.00 24.74 ? 172 ASN A CB  1 
ATOM   1272 C  CG  . ASN A 1 170 ? -2.503  0.864   -17.157 1.00 28.70 ? 172 ASN A CG  1 
ATOM   1273 O  OD1 . ASN A 1 170 ? -1.380  1.183   -16.712 1.00 28.76 ? 172 ASN A OD1 1 
ATOM   1274 N  ND2 . ASN A 1 170 ? -3.004  1.364   -18.282 1.00 27.46 ? 172 ASN A ND2 1 
ATOM   1275 N  N   . LYS A 1 171 ? -1.625  -1.955  -18.469 1.00 31.42 ? 173 LYS A N   1 
ATOM   1276 C  CA  . LYS A 1 171 ? -0.309  -2.526  -18.828 1.00 32.68 ? 173 LYS A CA  1 
ATOM   1277 C  C   . LYS A 1 171 ? -0.242  -4.040  -18.609 1.00 34.16 ? 173 LYS A C   1 
ATOM   1278 O  O   . LYS A 1 171 ? 0.813   -4.589  -18.291 1.00 37.00 ? 173 LYS A O   1 
ATOM   1279 C  CB  . LYS A 1 171 ? 0.828   -1.769  -18.121 1.00 34.24 ? 173 LYS A CB  1 
ATOM   1280 C  CG  . LYS A 1 171 ? 1.018   -0.374  -18.708 1.00 34.02 ? 173 LYS A CG  1 
ATOM   1281 C  CD  . LYS A 1 171 ? 2.212   0.386   -18.138 1.00 35.75 ? 173 LYS A CD  1 
ATOM   1282 C  CE  . LYS A 1 171 ? 2.313   1.776   -18.748 1.00 36.94 ? 173 LYS A CE  1 
ATOM   1283 N  N   . GLY A 1 172 ? -1.391  -4.691  -18.789 1.00 32.55 ? 174 GLY A N   1 
ATOM   1284 C  CA  . GLY A 1 172 ? -1.590  -6.098  -18.523 1.00 29.93 ? 174 GLY A CA  1 
ATOM   1285 C  C   . GLY A 1 172 ? -1.626  -6.569  -17.089 1.00 30.12 ? 174 GLY A C   1 
ATOM   1286 O  O   . GLY A 1 172 ? -1.477  -7.769  -16.839 1.00 29.14 ? 174 GLY A O   1 
ATOM   1287 N  N   . TYR A 1 173 ? -1.786  -5.658  -16.130 1.00 26.42 ? 175 TYR A N   1 
ATOM   1288 C  CA  . TYR A 1 173 ? -1.796  -6.042  -14.723 1.00 25.80 ? 175 TYR A CA  1 
ATOM   1289 C  C   . TYR A 1 173 ? -2.963  -5.383  -14.024 1.00 21.79 ? 175 TYR A C   1 
ATOM   1290 O  O   . TYR A 1 173 ? -3.411  -4.315  -14.418 1.00 20.35 ? 175 TYR A O   1 
ATOM   1291 C  CB  . TYR A 1 173 ? -0.510  -5.609  -14.010 1.00 29.53 ? 175 TYR A CB  1 
ATOM   1292 C  CG  . TYR A 1 173 ? 0.734   -6.408  -14.395 1.00 31.37 ? 175 TYR A CG  1 
ATOM   1293 C  CD1 . TYR A 1 173 ? 1.029   -7.622  -13.778 1.00 33.09 ? 175 TYR A CD1 1 
ATOM   1294 C  CD2 . TYR A 1 173 ? 1.586   -5.943  -15.376 1.00 37.03 ? 175 TYR A CD2 1 
ATOM   1295 C  CE1 . TYR A 1 173 ? 2.142   -8.351  -14.145 1.00 37.26 ? 175 TYR A CE1 1 
ATOM   1296 C  CE2 . TYR A 1 173 ? 2.710   -6.656  -15.754 1.00 35.86 ? 175 TYR A CE2 1 
ATOM   1297 C  CZ  . TYR A 1 173 ? 2.986   -7.852  -15.137 1.00 38.17 ? 175 TYR A CZ  1 
ATOM   1298 O  OH  . TYR A 1 173 ? 4.104   -8.548  -15.536 1.00 42.28 ? 175 TYR A OH  1 
ATOM   1299 N  N   . ALA A 1 174 ? -3.372  -6.013  -12.949 1.00 21.91 ? 176 ALA A N   1 
ATOM   1300 C  CA  . ALA A 1 174 ? -4.264  -5.427  -11.971 1.00 21.00 ? 176 ALA A CA  1 
ATOM   1301 C  C   . ALA A 1 174 ? -3.441  -4.515  -11.028 1.00 22.62 ? 176 ALA A C   1 
ATOM   1302 O  O   . ALA A 1 174 ? -2.879  -4.988  -10.033 1.00 22.50 ? 176 ALA A O   1 
ATOM   1303 C  CB  . ALA A 1 174 ? -4.973  -6.539  -11.214 1.00 20.63 ? 176 ALA A CB  1 
ATOM   1304 N  N   . ARG A 1 175 ? -3.386  -3.225  -11.346 1.00 19.34 ? 177 ARG A N   1 
ATOM   1305 C  CA  . ARG A 1 175 ? -2.520  -2.290  -10.682 1.00 20.05 ? 177 ARG A CA  1 
ATOM   1306 C  C   . ARG A 1 175 ? -3.245  -1.651  -9.499  1.00 21.08 ? 177 ARG A C   1 
ATOM   1307 O  O   . ARG A 1 175 ? -4.415  -1.265  -9.617  1.00 18.74 ? 177 ARG A O   1 
ATOM   1308 C  CB  . ARG A 1 175 ? -2.092  -1.196  -11.633 1.00 22.15 ? 177 ARG A CB  1 
ATOM   1309 C  CG  . ARG A 1 175 ? -1.284  -1.691  -12.818 1.00 22.49 ? 177 ARG A CG  1 
ATOM   1310 C  CD  . ARG A 1 175 ? -0.699  -0.570  -13.603 1.00 24.70 ? 177 ARG A CD  1 
ATOM   1311 N  NE  . ARG A 1 175 ? 0.314   0.162   -12.847 1.00 23.76 ? 177 ARG A NE  1 
ATOM   1312 C  CZ  . ARG A 1 175 ? 0.977   1.193   -13.321 1.00 25.26 ? 177 ARG A CZ  1 
ATOM   1313 N  NH1 . ARG A 1 175 ? 0.757   1.633   -14.576 1.00 25.99 ? 177 ARG A NH1 1 
ATOM   1314 N  NH2 . ARG A 1 175 ? 1.865   1.802   -12.557 1.00 24.20 ? 177 ARG A NH2 1 
ATOM   1315 N  N   . LEU A 1 176 ? -2.546  -1.508  -8.375  1.00 19.29 ? 178 LEU A N   1 
ATOM   1316 C  CA  . LEU A 1 176 ? -3.120  -0.742  -7.261  1.00 17.60 ? 178 LEU A CA  1 
ATOM   1317 C  C   . LEU A 1 176 ? -3.172  0.709   -7.682  1.00 17.37 ? 178 LEU A C   1 
ATOM   1318 O  O   . LEU A 1 176 ? -2.194  1.245   -8.212  1.00 17.79 ? 178 LEU A O   1 
ATOM   1319 C  CB  . LEU A 1 176 ? -2.331  -0.912  -5.948  1.00 18.72 ? 178 LEU A CB  1 
ATOM   1320 C  CG  . LEU A 1 176 ? -2.738  -2.126  -5.126  1.00 17.99 ? 178 LEU A CG  1 
ATOM   1321 C  CD1 . LEU A 1 176 ? -2.363  -3.407  -5.881  1.00 17.43 ? 178 LEU A CD1 1 
ATOM   1322 C  CD2 . LEU A 1 176 ? -2.111  -2.100  -3.714  1.00 16.53 ? 178 LEU A CD2 1 
ATOM   1323 N  N   . ALA A 1 177 ? -4.325  1.333   -7.476  1.00 17.50 ? 179 ALA A N   1 
ATOM   1324 C  CA  . ALA A 1 177 ? -4.578  2.661   -7.999  1.00 17.99 ? 179 ALA A CA  1 
ATOM   1325 C  C   . ALA A 1 177 ? -5.501  3.440   -7.084  1.00 17.00 ? 179 ALA A C   1 
ATOM   1326 O  O   . ALA A 1 177 ? -6.408  2.879   -6.425  1.00 17.64 ? 179 ALA A O   1 
ATOM   1327 C  CB  . ALA A 1 177 ? -5.166  2.589   -9.413  1.00 17.28 ? 179 ALA A CB  1 
ATOM   1328 N  N   . LEU A 1 178 ? -5.304  4.750   -7.086  1.00 18.37 ? 180 LEU A N   1 
ATOM   1329 C  CA  A LEU A 1 178 ? -6.177  5.649   -6.344  0.50 17.67 ? 180 LEU A CA  1 
ATOM   1330 C  CA  B LEU A 1 178 ? -6.180  5.652   -6.344  0.50 18.21 ? 180 LEU A CA  1 
ATOM   1331 C  C   . LEU A 1 178 ? -7.419  5.993   -7.172  1.00 19.15 ? 180 LEU A C   1 
ATOM   1332 O  O   . LEU A 1 178 ? -7.604  7.148   -7.587  1.00 19.17 ? 180 LEU A O   1 
ATOM   1333 C  CB  A LEU A 1 178 ? -5.409  6.911   -5.940  0.50 16.57 ? 180 LEU A CB  1 
ATOM   1334 C  CB  B LEU A 1 178 ? -5.429  6.928   -5.948  0.50 17.81 ? 180 LEU A CB  1 
ATOM   1335 C  CG  A LEU A 1 178 ? -4.233  6.644   -4.995  0.50 16.27 ? 180 LEU A CG  1 
ATOM   1336 C  CG  B LEU A 1 178 ? -4.517  6.842   -4.721  0.50 18.28 ? 180 LEU A CG  1 
ATOM   1337 C  CD1 A LEU A 1 178 ? -3.540  7.908   -4.546  0.50 15.63 ? 180 LEU A CD1 1 
ATOM   1338 C  CD1 B LEU A 1 178 ? -3.551  5.658   -4.814  0.50 18.51 ? 180 LEU A CD1 1 
ATOM   1339 C  CD2 A LEU A 1 178 ? -4.752  5.870   -3.786  0.50 15.73 ? 180 LEU A CD2 1 
ATOM   1340 C  CD2 B LEU A 1 178 ? -3.799  8.166   -4.496  0.50 17.86 ? 180 LEU A CD2 1 
ATOM   1341 N  N   . ASN A 1 179 ? -8.272  4.988   -7.381  1.00 19.66 ? 181 ASN A N   1 
ATOM   1342 C  CA  . ASN A 1 179 ? -9.510  5.123   -8.138  1.00 20.46 ? 181 ASN A CA  1 
ATOM   1343 C  C   . ASN A 1 179 ? -10.717 5.304   -7.192  1.00 19.82 ? 181 ASN A C   1 
ATOM   1344 O  O   . ASN A 1 179 ? -11.878 5.406   -7.619  1.00 19.84 ? 181 ASN A O   1 
ATOM   1345 C  CB  . ASN A 1 179 ? -9.692  3.928   -9.089  1.00 19.58 ? 181 ASN A CB  1 
ATOM   1346 C  CG  . ASN A 1 179 ? -9.784  2.592   -8.354  1.00 21.33 ? 181 ASN A CG  1 
ATOM   1347 O  OD1 . ASN A 1 179 ? -9.708  2.539   -7.117  1.00 18.67 ? 181 ASN A OD1 1 
ATOM   1348 N  ND2 . ASN A 1 179 ? -9.931  1.500   -9.111  1.00 20.10 ? 181 ASN A ND2 1 
ATOM   1349 N  N   . ASN A 1 180 ? -10.438 5.312   -5.897  1.00 20.07 ? 182 ASN A N   1 
ATOM   1350 C  CA  . ASN A 1 180 ? -11.464 5.492   -4.861  1.00 19.75 ? 182 ASN A CA  1 
ATOM   1351 C  C   . ASN A 1 180 ? -12.527 4.396   -4.883  1.00 20.10 ? 182 ASN A C   1 
ATOM   1352 O  O   . ASN A 1 180 ? -13.679 4.610   -4.453  1.00 19.69 ? 182 ASN A O   1 
ATOM   1353 C  CB  . ASN A 1 180 ? -12.090 6.899   -4.961  1.00 21.13 ? 182 ASN A CB  1 
ATOM   1354 C  CG  . ASN A 1 180 ? -12.689 7.370   -3.637  1.00 24.33 ? 182 ASN A CG  1 
ATOM   1355 O  OD1 . ASN A 1 180 ? -12.130 7.156   -2.555  1.00 21.20 ? 182 ASN A OD1 1 
ATOM   1356 N  ND2 . ASN A 1 180 ? -13.848 8.016   -3.722  1.00 23.78 ? 182 ASN A ND2 1 
ATOM   1357 N  N   . LYS A 1 181 ? -12.135 3.199   -5.327  1.00 17.86 ? 183 LYS A N   1 
ATOM   1358 C  CA  . LYS A 1 181 ? -13.012 2.039   -5.408  1.00 17.77 ? 183 LYS A CA  1 
ATOM   1359 C  C   . LYS A 1 181 ? -12.369 0.950   -4.533  1.00 19.53 ? 183 LYS A C   1 
ATOM   1360 O  O   . LYS A 1 181 ? -11.645 0.139   -5.027  1.00 19.29 ? 183 LYS A O   1 
ATOM   1361 C  CB  . LYS A 1 181 ? -13.168 1.586   -6.873  1.00 19.23 ? 183 LYS A CB  1 
ATOM   1362 C  CG  . LYS A 1 181 ? -13.921 2.637   -7.722  1.00 19.74 ? 183 LYS A CG  1 
ATOM   1363 C  CD  . LYS A 1 181 ? -14.018 2.255   -9.187  1.00 22.19 ? 183 LYS A CD  1 
ATOM   1364 C  CE  . LYS A 1 181 ? -14.824 3.324   -9.954  1.00 24.18 ? 183 LYS A CE  1 
ATOM   1365 N  NZ  . LYS A 1 181 ? -14.762 2.938   -11.375 1.00 29.51 ? 183 LYS A NZ  1 
ATOM   1366 N  N   . PRO A 1 182 ? -12.613 1.000   -3.204  1.00 19.29 ? 184 PRO A N   1 
ATOM   1367 C  CA  . PRO A 1 182 ? -11.770 0.213   -2.322  1.00 20.16 ? 184 PRO A CA  1 
ATOM   1368 C  C   . PRO A 1 182 ? -11.767 -1.246  -2.620  1.00 19.16 ? 184 PRO A C   1 
ATOM   1369 O  O   . PRO A 1 182 ? -12.827 -1.875  -2.793  1.00 19.69 ? 184 PRO A O   1 
ATOM   1370 C  CB  . PRO A 1 182 ? -12.342 0.492   -0.918  1.00 19.87 ? 184 PRO A CB  1 
ATOM   1371 C  CG  . PRO A 1 182 ? -13.617 1.232   -1.099  1.00 19.96 ? 184 PRO A CG  1 
ATOM   1372 C  CD  . PRO A 1 182 ? -13.556 1.855   -2.475  1.00 19.76 ? 184 PRO A CD  1 
ATOM   1373 N  N   . TYR A 1 183 ? -10.582 -1.837  -2.620  1.00 18.12 ? 185 TYR A N   1 
ATOM   1374 C  CA  . TYR A 1 183 ? -10.458 -3.264  -2.800  1.00 18.85 ? 185 TYR A CA  1 
ATOM   1375 C  C   . TYR A 1 183 ? -10.019 -3.893  -1.473  1.00 20.06 ? 185 TYR A C   1 
ATOM   1376 O  O   . TYR A 1 183 ? -8.962  -3.542  -0.966  1.00 20.30 ? 185 TYR A O   1 
ATOM   1377 C  CB  . TYR A 1 183 ? -9.459  -3.565  -3.879  1.00 20.68 ? 185 TYR A CB  1 
ATOM   1378 C  CG  . TYR A 1 183 ? -9.483  -5.000  -4.347  1.00 21.73 ? 185 TYR A CG  1 
ATOM   1379 C  CD1 . TYR A 1 183 ? -10.421 -5.425  -5.284  1.00 23.78 ? 185 TYR A CD1 1 
ATOM   1380 C  CD2 . TYR A 1 183 ? -8.541  -5.914  -3.888  1.00 22.16 ? 185 TYR A CD2 1 
ATOM   1381 C  CE1 . TYR A 1 183 ? -10.434 -6.721  -5.737  1.00 23.54 ? 185 TYR A CE1 1 
ATOM   1382 C  CE2 . TYR A 1 183 ? -8.534  -7.219  -4.351  1.00 23.72 ? 185 TYR A CE2 1 
ATOM   1383 C  CZ  . TYR A 1 183 ? -9.501  -7.616  -5.267  1.00 23.63 ? 185 TYR A CZ  1 
ATOM   1384 O  OH  . TYR A 1 183 ? -9.529  -8.887  -5.751  1.00 26.27 ? 185 TYR A OH  1 
ATOM   1385 N  N   . PRO A 1 184 ? -10.831 -4.811  -0.919  1.00 19.40 ? 186 PRO A N   1 
ATOM   1386 C  CA  . PRO A 1 184 ? -10.495 -5.263  0.441   1.00 19.63 ? 186 PRO A CA  1 
ATOM   1387 C  C   . PRO A 1 184 ? -9.299  -6.214  0.497   1.00 18.84 ? 186 PRO A C   1 
ATOM   1388 O  O   . PRO A 1 184 ? -9.145  -7.115  -0.372  1.00 17.58 ? 186 PRO A O   1 
ATOM   1389 C  CB  . PRO A 1 184 ? -11.758 -5.935  0.929   1.00 19.82 ? 186 PRO A CB  1 
ATOM   1390 C  CG  . PRO A 1 184 ? -12.516 -6.307  -0.305  1.00 21.10 ? 186 PRO A CG  1 
ATOM   1391 C  CD  . PRO A 1 184 ? -12.130 -5.336  -1.383  1.00 20.96 ? 186 PRO A CD  1 
ATOM   1392 N  N   . PHE A 1 185 ? -8.447  -5.979  1.503   1.00 19.22 ? 187 PHE A N   1 
ATOM   1393 C  CA  . PHE A 1 185 ? -7.257  -6.776  1.734   1.00 19.44 ? 187 PHE A CA  1 
ATOM   1394 C  C   . PHE A 1 185 ? -7.159  -7.238  3.180   1.00 19.96 ? 187 PHE A C   1 
ATOM   1395 O  O   . PHE A 1 185 ? -7.695  -6.628  4.095   1.00 18.51 ? 187 PHE A O   1 
ATOM   1396 C  CB  . PHE A 1 185 ? -5.957  -5.998  1.455   1.00 20.18 ? 187 PHE A CB  1 
ATOM   1397 C  CG  . PHE A 1 185 ? -5.719  -5.640  -0.009  1.00 19.72 ? 187 PHE A CG  1 
ATOM   1398 C  CD1 . PHE A 1 185 ? -5.473  -6.606  -0.962  1.00 19.68 ? 187 PHE A CD1 1 
ATOM   1399 C  CD2 . PHE A 1 185 ? -5.716  -4.319  -0.406  1.00 20.17 ? 187 PHE A CD2 1 
ATOM   1400 C  CE1 . PHE A 1 185 ? -5.235  -6.277  -2.284  1.00 20.12 ? 187 PHE A CE1 1 
ATOM   1401 C  CE2 . PHE A 1 185 ? -5.491  -3.963  -1.724  1.00 20.87 ? 187 PHE A CE2 1 
ATOM   1402 C  CZ  . PHE A 1 185 ? -5.244  -4.941  -2.680  1.00 20.57 ? 187 PHE A CZ  1 
ATOM   1403 N  N   . GLY A 1 186 ? -6.393  -8.297  3.372   1.00 19.86 ? 188 GLY A N   1 
ATOM   1404 C  CA  . GLY A 1 186 ? -5.932  -8.665  4.715   1.00 20.64 ? 188 GLY A CA  1 
ATOM   1405 C  C   . GLY A 1 186 ? -4.443  -8.849  4.710   1.00 19.17 ? 188 GLY A C   1 
ATOM   1406 O  O   . GLY A 1 186 ? -3.816  -8.853  3.667   1.00 20.35 ? 188 GLY A O   1 
ATOM   1407 N  N   . PHE A 1 187 ? -3.889  -9.029  5.910   1.00 20.11 ? 189 PHE A N   1 
ATOM   1408 C  CA  . PHE A 1 187 ? -2.456  -9.071  6.128   1.00 20.80 ? 189 PHE A CA  1 
ATOM   1409 C  C   . PHE A 1 187 ? -2.115  -10.402 6.771   1.00 20.72 ? 189 PHE A C   1 
ATOM   1410 O  O   . PHE A 1 187 ? -2.643  -10.730 7.826   1.00 22.38 ? 189 PHE A O   1 
ATOM   1411 C  CB  . PHE A 1 187 ? -2.085  -7.922  7.057   1.00 22.60 ? 189 PHE A CB  1 
ATOM   1412 C  CG  . PHE A 1 187 ? -2.506  -6.589  6.516   1.00 19.95 ? 189 PHE A CG  1 
ATOM   1413 C  CD1 . PHE A 1 187 ? -1.857  -6.080  5.421   1.00 21.39 ? 189 PHE A CD1 1 
ATOM   1414 C  CD2 . PHE A 1 187 ? -3.573  -5.901  7.048   1.00 20.20 ? 189 PHE A CD2 1 
ATOM   1415 C  CE1 . PHE A 1 187 ? -2.246  -4.873  4.865   1.00 21.09 ? 189 PHE A CE1 1 
ATOM   1416 C  CE2 . PHE A 1 187 ? -4.003  -4.698  6.482   1.00 21.45 ? 189 PHE A CE2 1 
ATOM   1417 C  CZ  . PHE A 1 187 ? -3.333  -4.186  5.394   1.00 21.37 ? 189 PHE A CZ  1 
ATOM   1418 N  N   . SER A 1 188 ? -1.284  -11.166 6.094   1.00 23.65 ? 190 SER A N   1 
ATOM   1419 C  CA  . SER A 1 188 ? -0.896  -12.495 6.566   1.00 25.19 ? 190 SER A CA  1 
ATOM   1420 C  C   . SER A 1 188 ? 0.588   -12.463 6.990   1.00 24.94 ? 190 SER A C   1 
ATOM   1421 O  O   . SER A 1 188 ? 1.467   -12.255 6.169   1.00 25.88 ? 190 SER A O   1 
ATOM   1422 C  CB  . SER A 1 188 ? -1.104  -13.497 5.448   1.00 28.03 ? 190 SER A CB  1 
ATOM   1423 O  OG  . SER A 1 188 ? -0.664  -14.793 5.843   1.00 30.18 ? 190 SER A OG  1 
ATOM   1424 N  N   . LYS A 1 189 ? 0.865   -12.679 8.260   1.00 25.85 ? 191 LYS A N   1 
ATOM   1425 C  CA  . LYS A 1 189 ? 2.251   -12.538 8.755   1.00 24.98 ? 191 LYS A CA  1 
ATOM   1426 C  C   . LYS A 1 189 ? 3.099   -13.665 8.177   1.00 27.17 ? 191 LYS A C   1 
ATOM   1427 O  O   . LYS A 1 189 ? 2.662   -14.803 8.176   1.00 30.09 ? 191 LYS A O   1 
ATOM   1428 C  CB  . LYS A 1 189 ? 2.274   -12.545 10.274  1.00 24.47 ? 191 LYS A CB  1 
ATOM   1429 C  CG  . LYS A 1 189 ? 3.580   -12.067 10.861  1.00 24.87 ? 191 LYS A CG  1 
ATOM   1430 C  CD  . LYS A 1 189 ? 3.461   -11.794 12.354  1.00 25.49 ? 191 LYS A CD  1 
ATOM   1431 C  CE  . LYS A 1 189 ? 4.643   -10.969 12.868  1.00 27.22 ? 191 LYS A CE  1 
ATOM   1432 N  NZ  . LYS A 1 189 ? 5.967   -11.460 12.395  1.00 26.01 ? 191 LYS A NZ  1 
ATOM   1433 N  N   . VAL A 1 190 ? 4.260   -13.332 7.623   1.00 25.39 ? 192 VAL A N   1 
ATOM   1434 C  CA  . VAL A 1 190 ? 5.114   -14.309 6.992   1.00 28.16 ? 192 VAL A CA  1 
ATOM   1435 C  C   . VAL A 1 190 ? 5.820   -15.195 8.040   1.00 31.96 ? 192 VAL A C   1 
ATOM   1436 O  O   . VAL A 1 190 ? 5.831   -16.394 7.899   1.00 32.36 ? 192 VAL A O   1 
ATOM   1437 C  CB  . VAL A 1 190 ? 6.192   -13.684 6.110   1.00 28.65 ? 192 VAL A CB  1 
ATOM   1438 C  CG1 . VAL A 1 190 ? 7.080   -14.801 5.510   1.00 31.38 ? 192 VAL A CG1 1 
ATOM   1439 C  CG2 . VAL A 1 190 ? 5.553   -12.856 5.003   1.00 28.03 ? 192 VAL A CG2 1 
ATOM   1440 N  N   . ASN A 1 191 ? 6.419   -14.580 9.045   1.00 34.00 ? 193 ASN A N   1 
ATOM   1441 C  CA  . ASN A 1 191 ? 7.176   -15.313 10.078  1.00 39.74 ? 193 ASN A CA  1 
ATOM   1442 C  C   . ASN A 1 191 ? 6.462   -15.205 11.400  1.00 41.08 ? 193 ASN A C   1 
ATOM   1443 O  O   . ASN A 1 191 ? 6.489   -14.159 12.043  1.00 44.11 ? 193 ASN A O   1 
ATOM   1444 C  CB  . ASN A 1 191 ? 8.573   -14.730 10.225  1.00 38.77 ? 193 ASN A CB  1 
ATOM   1445 C  CG  . ASN A 1 191 ? 9.316   -14.675 8.917   1.00 39.29 ? 193 ASN A CG  1 
ATOM   1446 O  OD1 . ASN A 1 191 ? 9.810   -13.630 8.524   1.00 44.40 ? 193 ASN A OD1 1 
ATOM   1447 N  ND2 . ASN A 1 191 ? 9.373   -15.797 8.216   1.00 39.40 ? 193 ASN A ND2 1 
ATOM   1448 N  N   . LYS A 1 192 ? 5.782   -16.276 11.785  1.00 46.18 ? 194 LYS A N   1 
ATOM   1449 C  CA  . LYS A 1 192 ? 5.110   -16.347 13.082  1.00 53.10 ? 194 LYS A CA  1 
ATOM   1450 C  C   . LYS A 1 192 ? 6.067   -17.069 14.036  1.00 58.84 ? 194 LYS A C   1 
ATOM   1451 O  O   . LYS A 1 192 ? 6.544   -18.165 13.736  1.00 59.10 ? 194 LYS A O   1 
ATOM   1452 C  CB  . LYS A 1 192 ? 3.765   -17.073 12.944  1.00 52.88 ? 194 LYS A CB  1 
ATOM   1453 C  CG  . LYS A 1 192 ? 2.863   -16.447 11.880  1.00 52.43 ? 194 LYS A CG  1 
ATOM   1454 C  CD  . LYS A 1 192 ? 1.545   -17.180 11.694  1.00 51.41 ? 194 LYS A CD  1 
ATOM   1455 C  CE  . LYS A 1 192 ? 0.907   -16.807 10.362  1.00 52.03 ? 194 LYS A CE  1 
ATOM   1456 N  NZ  . LYS A 1 192 ? -0.531  -17.161 10.335  1.00 48.76 ? 194 LYS A NZ  1 
ATOM   1457 N  N   . ASN A 1 193 ? 6.378   -16.425 15.159  1.00 64.88 ? 195 ASN A N   1 
ATOM   1458 C  CA  . ASN A 1 193 ? 7.484   -16.852 16.020  1.00 72.56 ? 195 ASN A CA  1 
ATOM   1459 C  C   . ASN A 1 193 ? 7.136   -16.697 17.500  1.00 74.79 ? 195 ASN A C   1 
ATOM   1460 O  O   . ASN A 1 193 ? 6.212   -17.347 17.996  1.00 78.12 ? 195 ASN A O   1 
ATOM   1461 C  CB  . ASN A 1 193 ? 8.753   -16.052 15.688  1.00 70.26 ? 195 ASN A CB  1 
HETATM 1462 CL CL  . CL  B 2 .   ? 8.887   2.551   21.172  1.00 23.08 ? 201 CL  A CL  1 
HETATM 1463 CL CL  . CL  C 2 .   ? 9.152   2.324   12.051  1.00 33.62 ? 202 CL  A CL  1 
HETATM 1464 CL CL  . CL  D 2 .   ? 2.734   12.527  -9.473  1.00 32.32 ? 203 CL  A CL  1 
HETATM 1465 O  O   . HOH E 3 .   ? 6.701   15.044  -3.393  1.00 45.59 ? 301 HOH A O   1 
HETATM 1466 O  O   . HOH E 3 .   ? 0.372   2.775   16.181  1.00 27.14 ? 302 HOH A O   1 
HETATM 1467 O  O   . HOH E 3 .   ? 8.028   -1.499  -13.598 1.00 28.27 ? 303 HOH A O   1 
HETATM 1468 O  O   . HOH E 3 .   ? -8.395  -2.849  13.340  1.00 21.46 ? 304 HOH A O   1 
HETATM 1469 O  O   . HOH E 3 .   ? -6.434  -8.690  -13.544 1.00 41.38 ? 305 HOH A O   1 
HETATM 1470 O  O   . HOH E 3 .   ? -17.239 -8.408  9.727   1.00 40.23 ? 306 HOH A O   1 
HETATM 1471 O  O   . HOH E 3 .   ? 4.520   -3.874  21.581  1.00 41.58 ? 307 HOH A O   1 
HETATM 1472 O  O   . HOH E 3 .   ? -6.469  13.324  -9.167  1.00 48.15 ? 308 HOH A O   1 
HETATM 1473 O  O   . HOH E 3 .   ? -4.522  11.721  9.511   1.00 38.80 ? 309 HOH A O   1 
HETATM 1474 O  O   . HOH E 3 .   ? -2.081  -8.410  -12.155 1.00 32.30 ? 310 HOH A O   1 
HETATM 1475 O  O   . HOH E 3 .   ? 5.841   4.456   1.490   1.00 17.76 ? 311 HOH A O   1 
HETATM 1476 O  O   . HOH E 3 .   ? 13.889  0.481   -1.369  1.00 27.12 ? 312 HOH A O   1 
HETATM 1477 O  O   . HOH E 3 .   ? -0.502  -11.242 -12.418 1.00 42.47 ? 313 HOH A O   1 
HETATM 1478 O  O   . HOH E 3 .   ? -1.041  -14.539 -5.542  1.00 28.90 ? 314 HOH A O   1 
HETATM 1479 O  O   . HOH E 3 .   ? -12.438 8.546   -0.413  1.00 26.68 ? 315 HOH A O   1 
HETATM 1480 O  O   . HOH E 3 .   ? -11.055 -14.697 4.110   1.00 32.97 ? 316 HOH A O   1 
HETATM 1481 O  O   . HOH E 3 .   ? 3.309   3.269   15.207  1.00 29.25 ? 317 HOH A O   1 
HETATM 1482 O  O   . HOH E 3 .   ? -14.331 5.217   -1.237  1.00 30.13 ? 318 HOH A O   1 
HETATM 1483 O  O   . HOH E 3 .   ? 2.026   10.931  11.087  1.00 42.10 ? 319 HOH A O   1 
HETATM 1484 O  O   . HOH E 3 .   ? 8.546   -5.088  15.088  1.00 28.67 ? 320 HOH A O   1 
HETATM 1485 O  O   . HOH E 3 .   ? -0.590  8.710   5.284   1.00 22.22 ? 321 HOH A O   1 
HETATM 1486 O  O   . HOH E 3 .   ? -10.568 -8.113  -2.322  1.00 25.15 ? 322 HOH A O   1 
HETATM 1487 O  O   . HOH E 3 .   ? -4.174  9.876   11.780  1.00 37.27 ? 323 HOH A O   1 
HETATM 1488 O  O   . HOH E 3 .   ? -6.188  -14.125 -1.752  1.00 41.47 ? 324 HOH A O   1 
HETATM 1489 O  O   . HOH E 3 .   ? -5.348  15.355  5.185   1.00 43.55 ? 325 HOH A O   1 
HETATM 1490 O  O   . HOH E 3 .   ? 1.052   -9.381  13.709  1.00 25.11 ? 326 HOH A O   1 
HETATM 1491 O  O   . HOH E 3 .   ? 6.792   -10.371 16.102  1.00 33.65 ? 327 HOH A O   1 
HETATM 1492 O  O   . HOH E 3 .   ? -2.327  -0.896  -20.780 1.00 34.59 ? 328 HOH A O   1 
HETATM 1493 O  O   . HOH E 3 .   ? 4.382   -7.323  20.753  1.00 33.83 ? 329 HOH A O   1 
HETATM 1494 O  O   . HOH E 3 .   ? 0.130   -13.598 13.024  1.00 30.77 ? 330 HOH A O   1 
HETATM 1495 O  O   . HOH E 3 .   ? 5.634   -4.353  9.116   1.00 20.45 ? 331 HOH A O   1 
HETATM 1496 O  O   . HOH E 3 .   ? 3.243   8.001   11.099  1.00 33.65 ? 332 HOH A O   1 
HETATM 1497 O  O   . HOH E 3 .   ? -11.044 13.578  -2.968  1.00 36.52 ? 333 HOH A O   1 
HETATM 1498 O  O   . HOH E 3 .   ? 3.386   7.068   20.174  1.00 42.68 ? 334 HOH A O   1 
HETATM 1499 O  O   . HOH E 3 .   ? -15.313 -7.200  7.754   1.00 21.13 ? 335 HOH A O   1 
HETATM 1500 O  O   . HOH E 3 .   ? -7.680  -3.657  16.850  1.00 29.78 ? 336 HOH A O   1 
HETATM 1501 O  O   . HOH E 3 .   ? 3.323   20.570  10.211  1.00 33.55 ? 337 HOH A O   1 
HETATM 1502 O  O   . HOH E 3 .   ? -0.110  5.251   17.247  1.00 44.75 ? 338 HOH A O   1 
HETATM 1503 O  O   . HOH E 3 .   ? 12.426  -2.985  -7.644  1.00 25.07 ? 339 HOH A O   1 
HETATM 1504 O  O   . HOH E 3 .   ? 9.727   9.689   -2.186  1.00 19.93 ? 340 HOH A O   1 
HETATM 1505 O  O   . HOH E 3 .   ? -10.868 6.215   -19.759 1.00 33.88 ? 341 HOH A O   1 
HETATM 1506 O  O   . HOH E 3 .   ? 6.732   -11.603 9.590   1.00 25.85 ? 342 HOH A O   1 
HETATM 1507 O  O   . HOH E 3 .   ? 1.959   -8.894  -0.570  1.00 21.97 ? 343 HOH A O   1 
HETATM 1508 O  O   . HOH E 3 .   ? -13.159 -5.548  8.692   1.00 27.05 ? 344 HOH A O   1 
HETATM 1509 O  O   . HOH E 3 .   ? 7.849   -7.426  17.541  1.00 37.38 ? 345 HOH A O   1 
HETATM 1510 O  O   . HOH E 3 .   ? 13.092  -3.409  0.974   1.00 32.13 ? 346 HOH A O   1 
HETATM 1511 O  O   . HOH E 3 .   ? -2.115  8.575   3.140   1.00 20.33 ? 347 HOH A O   1 
HETATM 1512 O  O   . HOH E 3 .   ? 8.593   -11.186 -5.178  1.00 31.39 ? 348 HOH A O   1 
HETATM 1513 O  O   . HOH E 3 .   ? 13.883  -1.236  5.420   1.00 30.10 ? 349 HOH A O   1 
HETATM 1514 O  O   . HOH E 3 .   ? 4.548   11.161  -7.182  1.00 25.12 ? 350 HOH A O   1 
HETATM 1515 O  O   . HOH E 3 .   ? 12.175  9.156   -4.932  1.00 35.50 ? 351 HOH A O   1 
HETATM 1516 O  O   . HOH E 3 .   ? 2.103   6.318   -12.178 1.00 24.13 ? 352 HOH A O   1 
HETATM 1517 O  O   . HOH E 3 .   ? -7.775  -10.072 18.066  1.00 34.91 ? 353 HOH A O   1 
HETATM 1518 O  O   . HOH E 3 .   ? 10.796  14.944  5.725   1.00 42.34 ? 354 HOH A O   1 
HETATM 1519 O  O   . HOH E 3 .   ? -11.033 -1.232  -7.300  1.00 23.54 ? 355 HOH A O   1 
HETATM 1520 O  O   . HOH E 3 .   ? 3.377   3.825   -13.580 1.00 33.37 ? 356 HOH A O   1 
HETATM 1521 O  O   . HOH E 3 .   ? -9.106  8.756   -13.341 1.00 37.38 ? 357 HOH A O   1 
HETATM 1522 O  O   . HOH E 3 .   ? 1.344   -8.411  17.121  1.00 39.36 ? 358 HOH A O   1 
HETATM 1523 O  O   . HOH E 3 .   ? 9.468   4.361   -9.960  1.00 27.31 ? 359 HOH A O   1 
HETATM 1524 O  O   . HOH E 3 .   ? -7.537  -1.103  -0.616  1.00 16.15 ? 360 HOH A O   1 
HETATM 1525 O  O   . HOH E 3 .   ? 1.061   -0.394  -10.069 1.00 19.76 ? 361 HOH A O   1 
HETATM 1526 O  O   . HOH E 3 .   ? -10.646 2.339   10.111  1.00 31.49 ? 362 HOH A O   1 
HETATM 1527 O  O   . HOH E 3 .   ? -11.887 -1.204  -10.567 1.00 26.16 ? 363 HOH A O   1 
HETATM 1528 O  O   A HOH E 3 .   ? -16.780 -0.128  -2.072  0.50 26.21 ? 364 HOH A O   1 
HETATM 1529 O  O   B HOH E 3 .   ? -16.019 -1.116  -4.434  0.50 57.66 ? 364 HOH A O   1 
HETATM 1530 O  O   . HOH E 3 .   ? -3.206  -14.826 -1.765  1.00 38.31 ? 365 HOH A O   1 
HETATM 1531 O  O   . HOH E 3 .   ? 6.990   -10.261 -10.611 1.00 44.89 ? 366 HOH A O   1 
HETATM 1532 O  O   . HOH E 3 .   ? -8.587  10.430  -7.214  1.00 33.31 ? 367 HOH A O   1 
HETATM 1533 O  O   . HOH E 3 .   ? 6.006   9.613   20.019  1.00 31.52 ? 368 HOH A O   1 
HETATM 1534 O  O   . HOH E 3 .   ? 12.184  11.075  1.684   1.00 25.07 ? 369 HOH A O   1 
HETATM 1535 O  O   . HOH E 3 .   ? -11.382 -10.639 -2.223  1.00 27.26 ? 370 HOH A O   1 
HETATM 1536 O  O   . HOH E 3 .   ? 3.760   8.665   -14.910 0.50 26.43 ? 371 HOH A O   1 
HETATM 1537 O  O   . HOH E 3 .   ? -5.823  0.542   -18.801 1.00 32.87 ? 372 HOH A O   1 
HETATM 1538 O  O   . HOH E 3 .   ? -4.534  6.814   13.845  1.00 29.63 ? 373 HOH A O   1 
HETATM 1539 O  O   . HOH E 3 .   ? -9.809  -6.709  12.358  1.00 25.08 ? 374 HOH A O   1 
HETATM 1540 O  O   . HOH E 3 .   ? -4.518  22.765  3.425   1.00 48.89 ? 375 HOH A O   1 
HETATM 1541 O  O   . HOH E 3 .   ? 7.393   3.118   14.761  1.00 33.24 ? 376 HOH A O   1 
HETATM 1542 O  O   . HOH E 3 .   ? -6.004  9.127   -8.790  1.00 17.15 ? 377 HOH A O   1 
HETATM 1543 O  O   . HOH E 3 .   ? 9.585   9.919   -5.473  1.00 32.39 ? 378 HOH A O   1 
HETATM 1544 O  O   . HOH E 3 .   ? 11.912  2.866   -3.744  1.00 23.97 ? 379 HOH A O   1 
HETATM 1545 O  O   . HOH E 3 .   ? -2.722  2.931   8.859   1.00 19.90 ? 380 HOH A O   1 
HETATM 1546 O  O   . HOH E 3 .   ? -8.777  -16.144 -3.166  1.00 40.46 ? 381 HOH A O   1 
HETATM 1547 O  O   . HOH E 3 .   ? -9.076  -13.818 14.700  1.00 40.99 ? 382 HOH A O   1 
HETATM 1548 O  O   . HOH E 3 .   ? 3.895   11.188  -12.222 1.00 35.81 ? 383 HOH A O   1 
HETATM 1549 O  O   . HOH E 3 .   ? 16.109  6.576   2.160   1.00 30.89 ? 384 HOH A O   1 
HETATM 1550 O  O   . HOH E 3 .   ? -5.675  -8.603  8.153   1.00 18.74 ? 385 HOH A O   1 
HETATM 1551 O  O   . HOH E 3 .   ? 13.350  -0.747  11.216  1.00 42.88 ? 386 HOH A O   1 
HETATM 1552 O  O   . HOH E 3 .   ? -10.281 -14.146 -1.259  1.00 28.74 ? 387 HOH A O   1 
HETATM 1553 O  O   . HOH E 3 .   ? 18.170  -8.231  -7.403  1.00 55.58 ? 388 HOH A O   1 
HETATM 1554 O  O   . HOH E 3 .   ? 12.240  4.656   -9.606  1.00 37.19 ? 389 HOH A O   1 
HETATM 1555 O  O   . HOH E 3 .   ? -4.610  7.076   -22.239 1.00 48.57 ? 390 HOH A O   1 
HETATM 1556 O  O   . HOH E 3 .   ? 1.914   3.944   -15.847 1.00 33.59 ? 391 HOH A O   1 
HETATM 1557 O  O   . HOH E 3 .   ? 6.691   10.294  -8.829  0.50 21.66 ? 392 HOH A O   1 
HETATM 1558 O  O   . HOH E 3 .   ? -3.909  15.826  -6.485  1.00 38.71 ? 393 HOH A O   1 
HETATM 1559 O  O   . HOH E 3 .   ? -2.382  -15.708 7.979   1.00 29.90 ? 394 HOH A O   1 
HETATM 1560 O  O   . HOH E 3 .   ? -5.597  18.257  2.708   1.00 35.17 ? 395 HOH A O   1 
HETATM 1561 O  O   . HOH E 3 .   ? -13.905 -3.284  -5.086  0.50 30.81 ? 396 HOH A O   1 
HETATM 1562 O  O   . HOH E 3 .   ? -5.292  15.615  8.607   1.00 34.11 ? 397 HOH A O   1 
HETATM 1563 O  O   . HOH E 3 .   ? 5.794   18.680  7.811   1.00 33.51 ? 398 HOH A O   1 
HETATM 1564 O  O   . HOH E 3 .   ? 3.850   -11.282 -13.413 1.00 48.39 ? 399 HOH A O   1 
HETATM 1565 O  O   . HOH E 3 .   ? 14.811  4.764   0.183   1.00 26.26 ? 400 HOH A O   1 
HETATM 1566 O  O   . HOH E 3 .   ? 9.046   7.031   -10.149 1.00 37.22 ? 401 HOH A O   1 
HETATM 1567 O  O   . HOH E 3 .   ? -0.681  9.204   11.869  1.00 27.06 ? 402 HOH A O   1 
HETATM 1568 O  O   . HOH E 3 .   ? 8.932   9.606   17.636  1.00 36.63 ? 403 HOH A O   1 
HETATM 1569 O  O   . HOH E 3 .   ? -1.422  -13.663 9.879   1.00 28.53 ? 404 HOH A O   1 
HETATM 1570 O  O   . HOH E 3 .   ? -11.058 10.604  -4.750  1.00 45.11 ? 405 HOH A O   1 
HETATM 1571 O  O   . HOH E 3 .   ? -12.454 11.549  1.166   1.00 42.27 ? 406 HOH A O   1 
HETATM 1572 O  O   . HOH E 3 .   ? -12.011 -9.431  -7.263  1.00 31.86 ? 407 HOH A O   1 
HETATM 1573 O  O   . HOH E 3 .   ? 2.506   -14.776 3.975   1.00 38.91 ? 408 HOH A O   1 
HETATM 1574 O  O   . HOH E 3 .   ? -4.335  3.126   -20.924 1.00 37.48 ? 409 HOH A O   1 
HETATM 1575 O  O   . HOH E 3 .   ? -14.962 8.770   -6.362  1.00 35.69 ? 410 HOH A O   1 
HETATM 1576 O  O   . HOH E 3 .   ? -10.022 15.013  -0.539  1.00 30.79 ? 411 HOH A O   1 
HETATM 1577 O  O   . HOH E 3 .   ? 9.007   7.177   3.725   1.00 19.07 ? 412 HOH A O   1 
HETATM 1578 O  O   . HOH E 3 .   ? 10.979  12.168  -1.532  1.00 40.72 ? 413 HOH A O   1 
HETATM 1579 O  O   . HOH E 3 .   ? 3.709   22.641  3.016   1.00 26.04 ? 414 HOH A O   1 
HETATM 1580 O  O   . HOH E 3 .   ? -20.247 -4.901  3.289   1.00 23.11 ? 415 HOH A O   1 
HETATM 1581 O  O   . HOH E 3 .   ? 2.224   8.390   13.570  1.00 33.26 ? 416 HOH A O   1 
HETATM 1582 O  O   . HOH E 3 .   ? -15.576 2.432   2.333   1.00 31.13 ? 417 HOH A O   1 
HETATM 1583 O  O   . HOH E 3 .   ? -1.885  3.373   -20.253 1.00 40.96 ? 418 HOH A O   1 
HETATM 1584 O  O   . HOH E 3 .   ? -4.310  -4.103  -19.414 1.00 25.74 ? 419 HOH A O   1 
HETATM 1585 O  O   . HOH E 3 .   ? -2.894  23.034  -2.269  1.00 45.91 ? 420 HOH A O   1 
HETATM 1586 O  O   . HOH E 3 .   ? 7.643   -9.157  -13.408 1.00 33.69 ? 421 HOH A O   1 
HETATM 1587 O  O   . HOH E 3 .   ? -17.348 3.828   -12.778 1.00 16.87 ? 422 HOH A O   1 
HETATM 1588 O  O   . HOH E 3 .   ? -8.456  9.755   6.002   1.00 20.55 ? 423 HOH A O   1 
HETATM 1589 O  O   . HOH E 3 .   ? -10.370 8.471   -7.850  1.00 43.25 ? 424 HOH A O   1 
HETATM 1590 O  O   . HOH E 3 .   ? 6.314   -12.933 -6.762  1.00 41.63 ? 425 HOH A O   1 
HETATM 1591 O  O   . HOH E 3 .   ? -6.895  8.660   13.670  1.00 47.23 ? 426 HOH A O   1 
HETATM 1592 O  O   . HOH E 3 .   ? 1.353   8.464   -18.339 1.00 24.90 ? 427 HOH A O   1 
HETATM 1593 O  O   . HOH E 3 .   ? 14.190  11.708  6.115   1.00 23.35 ? 428 HOH A O   1 
HETATM 1594 O  O   . HOH E 3 .   ? -2.482  16.932  10.971  1.00 24.98 ? 429 HOH A O   1 
HETATM 1595 O  O   . HOH E 3 .   ? 14.690  1.933   0.893   1.00 20.84 ? 430 HOH A O   1 
HETATM 1596 O  O   . HOH E 3 .   ? -7.159  10.654  -10.359 1.00 30.36 ? 431 HOH A O   1 
HETATM 1597 O  O   . HOH E 3 .   ? 9.704   -10.618 9.629   1.00 19.38 ? 432 HOH A O   1 
HETATM 1598 O  O   . HOH E 3 .   ? 12.300  -7.365  -13.175 1.00 31.88 ? 433 HOH A O   1 
HETATM 1599 O  O   . HOH E 3 .   ? -12.088 4.630   -12.051 1.00 23.08 ? 434 HOH A O   1 
HETATM 1600 O  O   . HOH E 3 .   ? 12.743  13.011  -0.202  1.00 37.52 ? 435 HOH A O   1 
HETATM 1601 O  O   . HOH E 3 .   ? -16.637 -5.206  -0.970  1.00 32.82 ? 436 HOH A O   1 
HETATM 1602 O  O   . HOH E 3 .   ? 9.984   19.420  -0.583  1.00 49.10 ? 437 HOH A O   1 
HETATM 1603 O  O   A HOH E 3 .   ? -12.099 6.173   4.987   0.50 14.30 ? 438 HOH A O   1 
HETATM 1604 O  O   B HOH E 3 .   ? -11.246 5.920   5.970   0.50 27.80 ? 438 HOH A O   1 
HETATM 1605 O  O   . HOH E 3 .   ? 0.793   1.331   18.638  1.00 18.99 ? 439 HOH A O   1 
HETATM 1606 O  O   . HOH E 3 .   ? 5.015   15.421  -5.132  1.00 45.74 ? 440 HOH A O   1 
HETATM 1607 O  O   . HOH E 3 .   ? -10.470 -15.497 1.104   1.00 35.61 ? 441 HOH A O   1 
HETATM 1608 O  O   . HOH E 3 .   ? -1.061  21.601  9.453   1.00 39.99 ? 442 HOH A O   1 
HETATM 1609 O  O   . HOH E 3 .   ? 4.695   6.909   -12.886 1.00 32.32 ? 443 HOH A O   1 
HETATM 1610 O  O   . HOH E 3 .   ? 13.421  -5.242  -6.825  1.00 35.21 ? 444 HOH A O   1 
HETATM 1611 O  O   . HOH E 3 .   ? 22.070  6.036   -1.683  1.00 50.11 ? 445 HOH A O   1 
HETATM 1612 O  O   . HOH E 3 .   ? 2.406   -10.962 15.608  1.00 28.05 ? 446 HOH A O   1 
HETATM 1613 O  O   . HOH E 3 .   ? 11.183  0.076   12.769  1.00 41.35 ? 447 HOH A O   1 
HETATM 1614 O  O   . HOH E 3 .   ? -13.135 -8.108  -3.403  1.00 29.32 ? 448 HOH A O   1 
HETATM 1615 O  O   A HOH E 3 .   ? -7.285  16.051  3.563   0.50 36.33 ? 449 HOH A O   1 
HETATM 1616 O  O   B HOH E 3 .   ? -9.546  16.015  3.019   0.50 38.20 ? 449 HOH A O   1 
HETATM 1617 O  O   . HOH E 3 .   ? -11.229 14.374  1.934   1.00 47.62 ? 450 HOH A O   1 
HETATM 1618 O  O   . HOH E 3 .   ? -14.847 -6.003  -3.101  1.00 31.54 ? 451 HOH A O   1 
HETATM 1619 O  O   . HOH E 3 .   ? -12.471 10.195  -8.226  1.00 45.67 ? 452 HOH A O   1 
HETATM 1620 O  O   . HOH E 3 .   ? -6.689  -4.892  19.315  1.00 41.89 ? 453 HOH A O   1 
HETATM 1621 O  O   . HOH E 3 .   ? 11.739  -8.379  -7.707  1.00 46.51 ? 454 HOH A O   1 
# 
